data_6SH0
#
_entry.id   6SH0
#
_cell.length_a   211.968
_cell.length_b   129.872
_cell.length_c   131.322
_cell.angle_alpha   90.000
_cell.angle_beta   103.170
_cell.angle_gamma   90.000
#
_symmetry.space_group_name_H-M   'C 1 2 1'
#
loop_
_entity.id
_entity.type
_entity.pdbx_description
1 polymer 'Acetylcholine binding protein'
2 non-polymer 2-acetamido-2-deoxy-beta-D-glucopyranose
3 non-polymer GLYCEROL
4 non-polymer 1-[(1R,6R)-9-azabicyclo[4.2.1]non-2-en-2-yl]ethanone
5 non-polymer 'ACETATE ION'
6 water water
#
_entity_poly.entity_id   1
_entity_poly.type   'polypeptide(L)'
_entity_poly.pdbx_seq_one_letter_code
;MLVSVYLALLVACVGQAHSQANLMRLKSDLFNRSPMYPGPTKDDPLTVTLGFTLQDIVKVDSSTNEVDLVYYEQQRWKLN
SLMWDPNEYGNITDFRTSAADIWTPDITAYSSTRPVQVLSPQIAVVTHDGSVMFIPAQRLSFMCDPTGVDSEEGVTCAVK
FGSWVYSGFEIDLKTDTDQVDLSSYYASSKYEILSATQTRQVQHYSCCPEPYIDVNLVVKFRERRAGNGFFRNLFDENLY
FQGHHHHHH
;
_entity_poly.pdbx_strand_id   A,B,C,D,E,F,G,H,I,J
#
# COMPACT_ATOMS: atom_id res chain seq x y z
N GLN A 20 -25.85 -13.56 1.12
CA GLN A 20 -24.40 -13.32 0.80
C GLN A 20 -23.90 -11.91 1.15
N ALA A 21 -24.68 -10.88 0.84
CA ALA A 21 -24.28 -9.48 1.11
C ALA A 21 -24.16 -9.18 2.61
N ASN A 22 -25.13 -9.67 3.39
CA ASN A 22 -25.09 -9.49 4.85
C ASN A 22 -23.98 -10.32 5.51
N LEU A 23 -23.71 -11.51 4.98
CA LEU A 23 -22.61 -12.35 5.49
C LEU A 23 -21.24 -11.77 5.14
N MET A 24 -21.10 -11.27 3.91
CA MET A 24 -19.90 -10.54 3.47
C MET A 24 -19.58 -9.39 4.45
N ARG A 25 -20.61 -8.61 4.77
CA ARG A 25 -20.47 -7.53 5.76
C ARG A 25 -20.00 -8.05 7.12
N LEU A 26 -20.68 -9.08 7.61
CA LEU A 26 -20.38 -9.68 8.92
C LEU A 26 -18.93 -10.17 9.01
N LYS A 27 -18.47 -10.88 7.98
CA LYS A 27 -17.09 -11.38 7.94
C LYS A 27 -16.08 -10.23 7.87
N SER A 28 -16.41 -9.20 7.09
CA SER A 28 -15.57 -8.01 7.01
C SER A 28 -15.49 -7.28 8.36
N ASP A 29 -16.62 -7.12 9.01
CA ASP A 29 -16.69 -6.46 10.33
C ASP A 29 -15.99 -7.26 11.45
N LEU A 30 -15.96 -8.59 11.33
CA LEU A 30 -15.29 -9.42 12.34
C LEU A 30 -13.77 -9.46 12.19
N PHE A 31 -13.29 -9.72 10.97
CA PHE A 31 -11.88 -10.09 10.75
C PHE A 31 -11.00 -8.93 10.27
N ASN A 32 -11.35 -8.32 9.13
CA ASN A 32 -10.56 -7.23 8.54
C ASN A 32 -10.62 -5.94 9.36
N ARG A 33 -11.79 -5.62 9.91
CA ARG A 33 -12.00 -4.43 10.74
C ARG A 33 -11.26 -4.50 12.09
N SER A 34 -11.30 -5.67 12.74
CA SER A 34 -10.74 -5.84 14.09
C SER A 34 -9.25 -6.22 14.06
N PRO A 35 -8.55 -6.01 15.19
CA PRO A 35 -7.20 -6.60 15.39
C PRO A 35 -7.31 -8.05 15.88
N MET A 36 -6.26 -8.84 15.66
CA MET A 36 -6.30 -10.29 15.98
C MET A 36 -6.42 -10.55 17.49
N TYR A 37 -7.26 -11.53 17.84
CA TYR A 37 -7.40 -12.02 19.20
C TYR A 37 -6.08 -12.70 19.61
N PRO A 38 -5.45 -12.23 20.71
CA PRO A 38 -4.09 -12.68 21.04
C PRO A 38 -4.00 -14.07 21.69
N GLY A 39 -5.13 -14.67 22.02
CA GLY A 39 -5.18 -15.97 22.70
C GLY A 39 -5.54 -15.75 24.16
N PRO A 40 -5.81 -16.85 24.89
CA PRO A 40 -6.22 -16.74 26.30
C PRO A 40 -5.09 -16.28 27.23
N THR A 41 -5.48 -15.77 28.39
CA THR A 41 -4.55 -15.33 29.45
C THR A 41 -5.07 -15.78 30.82
N LYS A 42 -4.27 -15.55 31.86
CA LYS A 42 -4.71 -15.80 33.25
C LYS A 42 -5.83 -14.83 33.65
N ASP A 43 -5.85 -13.65 33.05
CA ASP A 43 -6.89 -12.65 33.30
C ASP A 43 -8.20 -13.02 32.60
N ASP A 44 -8.10 -13.53 31.37
CA ASP A 44 -9.26 -14.01 30.59
C ASP A 44 -9.08 -15.49 30.20
N PRO A 45 -9.28 -16.41 31.17
CA PRO A 45 -9.11 -17.83 30.88
C PRO A 45 -10.20 -18.39 29.96
N LEU A 46 -9.91 -19.51 29.32
CA LEU A 46 -10.79 -20.11 28.32
C LEU A 46 -10.98 -21.61 28.61
N THR A 47 -12.17 -22.12 28.30
CA THR A 47 -12.50 -23.54 28.52
C THR A 47 -12.88 -24.18 27.20
N VAL A 48 -12.18 -25.27 26.84
CA VAL A 48 -12.37 -25.96 25.56
C VAL A 48 -12.99 -27.35 25.79
N THR A 49 -14.16 -27.59 25.20
CA THR A 49 -14.81 -28.90 25.28
C THR A 49 -14.27 -29.81 24.17
N LEU A 50 -13.84 -31.01 24.55
CA LEU A 50 -13.34 -32.01 23.60
C LEU A 50 -14.20 -33.28 23.60
N GLY A 51 -14.37 -33.85 22.41
CA GLY A 51 -15.01 -35.15 22.24
C GLY A 51 -14.44 -35.84 21.00
N PHE A 52 -14.26 -37.16 21.09
CA PHE A 52 -13.71 -37.95 19.98
C PHE A 52 -14.75 -38.93 19.45
N THR A 53 -14.73 -39.16 18.14
CA THR A 53 -15.43 -40.29 17.53
C THR A 53 -14.40 -41.14 16.77
N LEU A 54 -14.10 -42.31 17.30
CA LEU A 54 -13.13 -43.23 16.70
C LEU A 54 -13.77 -43.92 15.49
N GLN A 55 -13.15 -43.75 14.33
CA GLN A 55 -13.62 -44.39 13.09
C GLN A 55 -12.94 -45.73 12.85
N ASP A 56 -11.63 -45.79 13.10
CA ASP A 56 -10.87 -47.00 12.80
C ASP A 56 -9.51 -47.06 13.51
N ILE A 57 -9.12 -48.27 13.91
CA ILE A 57 -7.74 -48.60 14.22
C ILE A 57 -7.21 -49.26 12.95
N VAL A 58 -6.45 -48.50 12.17
CA VAL A 58 -6.04 -48.90 10.82
C VAL A 58 -4.89 -49.91 10.86
N LYS A 59 -3.84 -49.57 11.60
CA LYS A 59 -2.59 -50.33 11.58
C LYS A 59 -2.00 -50.48 12.97
N VAL A 60 -1.24 -51.55 13.15
CA VAL A 60 -0.53 -51.86 14.36
C VAL A 60 0.87 -52.34 13.94
N ASP A 61 1.90 -51.81 14.59
CA ASP A 61 3.28 -52.23 14.36
C ASP A 61 3.88 -52.76 15.67
N SER A 62 3.99 -54.08 15.76
CA SER A 62 4.55 -54.75 16.94
C SER A 62 6.07 -54.57 17.07
N SER A 63 6.76 -54.26 15.97
CA SER A 63 8.22 -54.05 15.99
C SER A 63 8.68 -52.64 16.43
N THR A 64 7.79 -51.64 16.34
CA THR A 64 8.09 -50.28 16.82
C THR A 64 7.20 -49.78 17.96
N ASN A 65 6.20 -50.59 18.36
CA ASN A 65 5.14 -50.17 19.27
C ASN A 65 4.51 -48.84 18.86
N GLU A 66 4.02 -48.83 17.62
CA GLU A 66 3.24 -47.73 17.06
C GLU A 66 1.89 -48.27 16.63
N VAL A 67 0.83 -47.53 16.93
CA VAL A 67 -0.53 -47.86 16.49
C VAL A 67 -1.16 -46.63 15.85
N ASP A 68 -1.91 -46.84 14.77
CA ASP A 68 -2.52 -45.76 13.99
C ASP A 68 -4.04 -45.71 14.20
N LEU A 69 -4.55 -44.52 14.54
CA LEU A 69 -5.98 -44.27 14.70
C LEU A 69 -6.48 -43.27 13.67
N VAL A 70 -7.67 -43.51 13.11
CA VAL A 70 -8.40 -42.52 12.32
C VAL A 70 -9.63 -42.12 13.14
N TYR A 71 -9.77 -40.82 13.38
CA TYR A 71 -10.85 -40.27 14.20
C TYR A 71 -11.13 -38.82 13.78
N TYR A 72 -12.22 -38.26 14.31
CA TYR A 72 -12.41 -36.80 14.27
C TYR A 72 -12.76 -36.25 15.65
N GLU A 73 -12.27 -35.03 15.89
CA GLU A 73 -12.17 -34.45 17.22
C GLU A 73 -13.04 -33.19 17.30
N GLN A 74 -14.15 -33.27 18.05
CA GLN A 74 -15.05 -32.13 18.22
C GLN A 74 -14.50 -31.15 19.24
N GLN A 75 -14.04 -29.99 18.76
CA GLN A 75 -13.53 -28.91 19.61
C GLN A 75 -14.58 -27.81 19.73
N ARG A 76 -14.62 -27.17 20.90
CA ARG A 76 -15.67 -26.20 21.22
C ARG A 76 -15.16 -25.13 22.20
N TRP A 77 -15.39 -23.85 21.87
CA TRP A 77 -15.01 -22.75 22.75
C TRP A 77 -15.86 -21.52 22.46
N LYS A 78 -15.74 -20.49 23.31
CA LYS A 78 -16.56 -19.29 23.23
C LYS A 78 -15.71 -18.03 23.44
N LEU A 79 -15.78 -17.08 22.50
CA LEU A 79 -15.08 -15.80 22.58
C LEU A 79 -16.04 -14.63 22.44
N ASN A 80 -15.91 -13.64 23.31
CA ASN A 80 -16.69 -12.40 23.21
C ASN A 80 -16.39 -11.60 21.95
N SER A 81 -15.13 -11.65 21.48
CA SER A 81 -14.71 -10.92 20.28
C SER A 81 -15.34 -11.42 18.97
N LEU A 82 -15.93 -12.62 19.00
CA LEU A 82 -16.67 -13.16 17.85
C LEU A 82 -18.20 -13.03 17.97
N MET A 83 -18.68 -12.18 18.89
CA MET A 83 -20.12 -11.94 19.05
C MET A 83 -20.64 -10.98 17.99
N TRP A 84 -21.93 -11.12 17.68
CA TRP A 84 -22.65 -10.11 16.89
C TRP A 84 -24.15 -10.21 17.16
N ASP A 85 -24.84 -9.08 17.00
CA ASP A 85 -26.30 -9.02 17.04
C ASP A 85 -26.81 -9.45 15.66
N PRO A 86 -27.57 -10.57 15.59
CA PRO A 86 -28.13 -11.01 14.29
C PRO A 86 -29.08 -10.03 13.62
N ASN A 87 -29.76 -9.19 14.41
CA ASN A 87 -30.61 -8.11 13.88
C ASN A 87 -29.83 -7.20 12.93
N GLU A 88 -28.58 -6.93 13.28
CA GLU A 88 -27.71 -6.02 12.51
C GLU A 88 -27.16 -6.62 11.21
N TYR A 89 -27.27 -7.94 11.02
CA TYR A 89 -26.72 -8.62 9.84
C TYR A 89 -27.73 -9.59 9.18
N GLY A 90 -28.96 -9.12 9.00
CA GLY A 90 -29.99 -9.87 8.28
C GLY A 90 -30.42 -11.19 8.90
N ASN A 91 -30.53 -11.23 10.23
CA ASN A 91 -30.90 -12.44 10.99
C ASN A 91 -29.94 -13.64 10.81
N ILE A 92 -28.65 -13.37 10.55
CA ILE A 92 -27.63 -14.43 10.43
C ILE A 92 -27.23 -14.87 11.84
N THR A 93 -27.66 -16.07 12.24
CA THR A 93 -27.34 -16.63 13.55
C THR A 93 -25.97 -17.31 13.58
N ASP A 94 -25.53 -17.85 12.44
CA ASP A 94 -24.24 -18.56 12.35
C ASP A 94 -23.69 -18.59 10.93
N PHE A 95 -22.40 -18.92 10.80
CA PHE A 95 -21.76 -19.08 9.49
C PHE A 95 -20.57 -20.04 9.51
N ARG A 96 -20.28 -20.61 8.34
CA ARG A 96 -19.10 -21.45 8.13
C ARG A 96 -17.93 -20.57 7.69
N THR A 97 -16.75 -20.81 8.24
CA THR A 97 -15.57 -20.01 7.88
C THR A 97 -14.28 -20.81 8.05
N SER A 98 -13.27 -20.44 7.25
CA SER A 98 -11.95 -21.08 7.29
C SER A 98 -11.31 -20.88 8.67
N ALA A 99 -10.71 -21.95 9.20
CA ALA A 99 -10.09 -21.93 10.52
C ALA A 99 -8.92 -20.95 10.65
N ALA A 100 -8.25 -20.65 9.52
CA ALA A 100 -7.18 -19.63 9.48
C ALA A 100 -7.66 -18.20 9.79
N ASP A 101 -8.95 -17.92 9.55
CA ASP A 101 -9.55 -16.61 9.87
C ASP A 101 -9.71 -16.35 11.38
N ILE A 102 -9.69 -17.40 12.19
CA ILE A 102 -9.89 -17.29 13.65
C ILE A 102 -8.75 -17.95 14.42
N TRP A 103 -8.71 -17.66 15.72
CA TRP A 103 -7.78 -18.34 16.63
C TRP A 103 -8.34 -19.72 16.91
N THR A 104 -7.47 -20.73 16.85
CA THR A 104 -7.83 -22.11 17.21
C THR A 104 -6.95 -22.56 18.37
N PRO A 105 -7.51 -23.40 19.28
CA PRO A 105 -6.68 -23.91 20.39
C PRO A 105 -5.63 -24.90 19.89
N ASP A 106 -4.50 -24.96 20.60
CA ASP A 106 -3.36 -25.77 20.17
C ASP A 106 -3.38 -27.18 20.77
N ILE A 107 -4.46 -27.91 20.49
CA ILE A 107 -4.68 -29.24 21.09
C ILE A 107 -3.74 -30.24 20.40
N THR A 108 -2.83 -30.82 21.19
CA THR A 108 -1.73 -31.64 20.68
C THR A 108 -1.72 -33.00 21.37
N ALA A 109 -1.39 -34.04 20.62
CA ALA A 109 -1.21 -35.38 21.18
C ALA A 109 0.18 -35.49 21.80
N TYR A 110 0.24 -35.94 23.06
CA TYR A 110 1.50 -35.95 23.84
C TYR A 110 2.40 -37.18 23.61
N SER A 111 1.87 -38.24 23.01
CA SER A 111 2.66 -39.46 22.75
C SER A 111 2.68 -39.85 21.26
N SER A 112 2.63 -38.84 20.38
CA SER A 112 2.64 -39.08 18.94
C SER A 112 4.05 -39.44 18.46
N THR A 113 4.11 -40.24 17.39
CA THR A 113 5.37 -40.64 16.76
C THR A 113 5.52 -40.17 15.30
N ARG A 114 4.51 -39.50 14.77
CA ARG A 114 4.57 -38.88 13.44
C ARG A 114 3.81 -37.56 13.50
N PRO A 115 4.01 -36.68 12.51
CA PRO A 115 3.11 -35.52 12.39
C PRO A 115 1.69 -35.98 12.10
N VAL A 116 0.72 -35.29 12.69
CA VAL A 116 -0.69 -35.63 12.51
C VAL A 116 -1.10 -35.28 11.07
N GLN A 117 -1.68 -36.26 10.37
CA GLN A 117 -2.14 -36.07 9.00
C GLN A 117 -3.61 -35.63 8.99
N VAL A 118 -3.87 -34.49 8.37
CA VAL A 118 -5.22 -33.91 8.30
C VAL A 118 -5.98 -34.59 7.17
N LEU A 119 -7.20 -35.05 7.49
CA LEU A 119 -8.06 -35.77 6.53
C LEU A 119 -9.32 -35.01 6.10
N SER A 120 -9.56 -33.83 6.67
CA SER A 120 -10.76 -33.04 6.39
C SER A 120 -10.41 -31.58 6.13
N PRO A 121 -11.39 -30.80 5.60
CA PRO A 121 -11.27 -29.34 5.51
C PRO A 121 -11.08 -28.66 6.87
N GLN A 122 -10.24 -27.64 6.91
CA GLN A 122 -10.03 -26.83 8.10
C GLN A 122 -11.03 -25.68 8.09
N ILE A 123 -12.29 -26.01 8.37
CA ILE A 123 -13.39 -25.04 8.35
C ILE A 123 -14.21 -25.20 9.63
N ALA A 124 -14.53 -24.08 10.28
CA ALA A 124 -15.25 -24.05 11.55
C ALA A 124 -16.63 -23.43 11.40
N VAL A 125 -17.43 -23.52 12.47
CA VAL A 125 -18.78 -22.95 12.52
C VAL A 125 -18.84 -21.98 13.69
N VAL A 126 -19.12 -20.71 13.39
CA VAL A 126 -19.22 -19.65 14.41
C VAL A 126 -20.69 -19.26 14.58
N THR A 127 -21.11 -19.08 15.84
CA THR A 127 -22.50 -18.72 16.17
C THR A 127 -22.53 -17.33 16.83
N HIS A 128 -23.66 -16.64 16.71
CA HIS A 128 -23.81 -15.24 17.16
C HIS A 128 -23.46 -14.93 18.62
N ASP A 129 -23.61 -15.92 19.50
CA ASP A 129 -23.22 -15.78 20.92
C ASP A 129 -21.70 -15.87 21.19
N GLY A 130 -20.90 -16.07 20.13
CA GLY A 130 -19.44 -16.16 20.24
C GLY A 130 -18.90 -17.58 20.23
N SER A 131 -19.80 -18.59 20.19
CA SER A 131 -19.40 -19.98 20.30
C SER A 131 -18.92 -20.53 18.96
N VAL A 132 -17.87 -21.34 19.02
CA VAL A 132 -17.22 -21.92 17.84
C VAL A 132 -17.32 -23.43 17.91
N MET A 133 -17.51 -24.08 16.77
CA MET A 133 -17.41 -25.54 16.65
C MET A 133 -16.47 -25.88 15.51
N PHE A 134 -15.50 -26.75 15.77
CA PHE A 134 -14.46 -27.11 14.80
C PHE A 134 -14.12 -28.59 14.95
N ILE A 135 -14.28 -29.34 13.86
CA ILE A 135 -14.19 -30.82 13.89
C ILE A 135 -13.19 -31.33 12.84
N PRO A 136 -11.88 -31.27 13.15
CA PRO A 136 -10.86 -31.84 12.25
C PRO A 136 -10.77 -33.37 12.32
N ALA A 137 -10.70 -34.00 11.15
CA ALA A 137 -10.45 -35.43 11.01
C ALA A 137 -8.94 -35.65 10.90
N GLN A 138 -8.44 -36.63 11.65
CA GLN A 138 -7.01 -36.84 11.81
C GLN A 138 -6.62 -38.32 11.73
N ARG A 139 -5.43 -38.58 11.20
CA ARG A 139 -4.75 -39.87 11.40
C ARG A 139 -3.54 -39.64 12.31
N LEU A 140 -3.50 -40.38 13.42
CA LEU A 140 -2.46 -40.26 14.44
C LEU A 140 -1.70 -41.56 14.58
N SER A 141 -0.36 -41.50 14.54
CA SER A 141 0.50 -42.61 14.95
C SER A 141 1.01 -42.29 16.35
N PHE A 142 0.78 -43.19 17.30
CA PHE A 142 1.14 -42.95 18.71
C PHE A 142 1.71 -44.19 19.41
N MET A 143 2.38 -43.94 20.52
CA MET A 143 3.13 -44.97 21.26
C MET A 143 2.17 -45.93 21.95
N CYS A 144 2.29 -47.22 21.61
CA CYS A 144 1.35 -48.24 22.07
C CYS A 144 1.93 -49.63 21.83
N ASP A 145 1.99 -50.44 22.89
CA ASP A 145 2.44 -51.83 22.79
C ASP A 145 1.23 -52.70 22.42
N PRO A 146 1.24 -53.29 21.22
CA PRO A 146 0.13 -54.15 20.79
C PRO A 146 0.29 -55.64 21.15
N THR A 147 1.35 -56.00 21.89
CA THR A 147 1.57 -57.38 22.32
C THR A 147 0.39 -57.85 23.18
N GLY A 148 -0.29 -58.91 22.71
CA GLY A 148 -1.49 -59.44 23.37
C GLY A 148 -2.80 -59.06 22.72
N VAL A 149 -2.75 -58.28 21.63
CA VAL A 149 -3.96 -57.85 20.91
C VAL A 149 -4.73 -59.01 20.25
N ASP A 150 -4.01 -60.09 19.93
CA ASP A 150 -4.60 -61.31 19.33
C ASP A 150 -5.17 -62.31 20.37
N SER A 151 -5.64 -61.83 21.52
CA SER A 151 -6.17 -62.67 22.60
C SER A 151 -7.60 -62.26 22.95
N GLU A 152 -8.17 -62.92 23.96
CA GLU A 152 -9.49 -62.57 24.49
C GLU A 152 -9.45 -61.27 25.31
N GLU A 153 -8.48 -61.16 26.22
CA GLU A 153 -8.31 -59.97 27.06
C GLU A 153 -7.90 -58.71 26.26
N GLY A 154 -7.10 -58.89 25.21
CA GLY A 154 -6.67 -57.79 24.35
C GLY A 154 -5.66 -56.87 25.03
N VAL A 155 -5.55 -55.65 24.50
CA VAL A 155 -4.63 -54.63 25.03
C VAL A 155 -5.34 -53.31 25.24
N THR A 156 -4.93 -52.58 26.28
CA THR A 156 -5.37 -51.20 26.50
C THR A 156 -4.24 -50.29 26.06
N CYS A 157 -4.61 -49.10 25.57
CA CYS A 157 -3.63 -48.07 25.18
C CYS A 157 -4.20 -46.69 25.43
N ALA A 158 -3.30 -45.74 25.68
CA ALA A 158 -3.69 -44.38 26.09
C ALA A 158 -2.85 -43.30 25.41
N VAL A 159 -3.50 -42.17 25.13
CA VAL A 159 -2.84 -41.00 24.60
C VAL A 159 -3.56 -39.75 25.11
N LYS A 160 -2.77 -38.77 25.56
CA LYS A 160 -3.30 -37.54 26.15
C LYS A 160 -3.38 -36.44 25.10
N PHE A 161 -4.54 -35.79 25.03
CA PHE A 161 -4.73 -34.63 24.16
C PHE A 161 -4.93 -33.39 25.02
N GLY A 162 -3.98 -32.46 24.94
CA GLY A 162 -4.09 -31.17 25.65
C GLY A 162 -3.29 -30.07 24.95
N SER A 163 -3.44 -28.85 25.46
CA SER A 163 -2.68 -27.71 24.96
C SER A 163 -1.19 -27.93 25.19
N TRP A 164 -0.38 -27.63 24.18
CA TRP A 164 1.07 -27.79 24.26
C TRP A 164 1.71 -26.68 25.11
N VAL A 165 1.25 -25.44 24.96
CA VAL A 165 1.89 -24.27 25.57
C VAL A 165 1.10 -23.50 26.64
N TYR A 166 -0.20 -23.78 26.80
CA TYR A 166 -1.02 -23.07 27.80
C TYR A 166 -1.34 -23.96 29.00
N SER A 167 -1.14 -23.41 30.19
CA SER A 167 -1.43 -24.11 31.44
C SER A 167 -2.93 -24.10 31.74
N GLY A 168 -3.31 -24.70 32.88
CA GLY A 168 -4.68 -24.68 33.36
C GLY A 168 -5.24 -23.31 33.71
N PHE A 169 -4.35 -22.37 34.03
CA PHE A 169 -4.76 -20.99 34.31
C PHE A 169 -5.17 -20.20 33.06
N GLU A 170 -4.75 -20.65 31.87
CA GLU A 170 -5.12 -20.03 30.58
C GLU A 170 -6.13 -20.85 29.78
N ILE A 171 -5.87 -22.16 29.63
CA ILE A 171 -6.77 -23.10 28.95
C ILE A 171 -7.08 -24.29 29.86
N ASP A 172 -8.35 -24.44 30.23
CA ASP A 172 -8.88 -25.64 30.89
C ASP A 172 -9.65 -26.46 29.85
N LEU A 173 -9.81 -27.75 30.11
CA LEU A 173 -10.58 -28.65 29.23
C LEU A 173 -11.73 -29.32 29.98
N LYS A 174 -12.74 -29.74 29.21
CA LYS A 174 -13.81 -30.60 29.73
C LYS A 174 -14.37 -31.50 28.63
N THR A 175 -15.14 -32.50 29.05
CA THR A 175 -15.84 -33.42 28.14
C THR A 175 -17.33 -33.38 28.47
N ASP A 176 -18.16 -33.44 27.44
CA ASP A 176 -19.62 -33.59 27.62
C ASP A 176 -19.94 -35.01 28.09
N THR A 177 -19.19 -36.00 27.58
CA THR A 177 -19.34 -37.40 27.97
C THR A 177 -17.98 -38.07 28.15
N ASP A 178 -17.89 -39.00 29.10
CA ASP A 178 -16.70 -39.85 29.25
C ASP A 178 -16.62 -40.95 28.18
N GLN A 179 -17.73 -41.24 27.49
CA GLN A 179 -17.76 -42.30 26.47
C GLN A 179 -17.40 -41.75 25.09
N VAL A 180 -16.47 -42.42 24.42
CA VAL A 180 -16.09 -42.11 23.04
C VAL A 180 -17.23 -42.59 22.14
N ASP A 181 -17.58 -41.78 21.14
CA ASP A 181 -18.62 -42.13 20.17
C ASP A 181 -18.07 -43.19 19.21
N LEU A 182 -18.65 -44.40 19.26
CA LEU A 182 -18.26 -45.52 18.42
C LEU A 182 -19.31 -45.84 17.34
N SER A 183 -20.26 -44.94 17.13
CA SER A 183 -21.34 -45.18 16.15
C SER A 183 -20.88 -45.06 14.69
N SER A 184 -19.72 -44.44 14.46
CA SER A 184 -19.08 -44.41 13.14
C SER A 184 -17.86 -45.34 13.01
N TYR A 185 -17.72 -46.31 13.92
CA TYR A 185 -16.56 -47.21 13.86
C TYR A 185 -16.72 -48.21 12.72
N TYR A 186 -15.65 -48.36 11.93
CA TYR A 186 -15.62 -49.28 10.78
C TYR A 186 -15.91 -50.71 11.22
N ALA A 187 -17.04 -51.24 10.76
CA ALA A 187 -17.56 -52.55 11.18
C ALA A 187 -16.69 -53.73 10.74
N SER A 188 -16.04 -53.59 9.58
CA SER A 188 -15.13 -54.62 9.05
C SER A 188 -13.65 -54.35 9.34
N SER A 189 -13.37 -53.54 10.36
CA SER A 189 -12.00 -53.31 10.84
C SER A 189 -11.36 -54.59 11.37
N LYS A 190 -10.03 -54.63 11.33
CA LYS A 190 -9.27 -55.79 11.82
C LYS A 190 -9.32 -55.91 13.34
N TYR A 191 -9.70 -54.82 14.04
CA TYR A 191 -9.82 -54.80 15.50
C TYR A 191 -11.19 -54.30 15.94
N GLU A 192 -11.67 -54.81 17.07
CA GLU A 192 -12.93 -54.38 17.67
C GLU A 192 -12.67 -53.70 19.01
N ILE A 193 -13.50 -52.71 19.34
CA ILE A 193 -13.33 -51.90 20.54
C ILE A 193 -14.09 -52.57 21.69
N LEU A 194 -13.39 -52.87 22.77
CA LEU A 194 -13.99 -53.42 23.99
C LEU A 194 -14.45 -52.30 24.94
N SER A 195 -13.68 -51.21 24.99
CA SER A 195 -14.08 -49.97 25.65
C SER A 195 -13.28 -48.79 25.10
N ALA A 196 -13.88 -47.60 25.15
CA ALA A 196 -13.23 -46.39 24.69
C ALA A 196 -13.72 -45.18 25.49
N THR A 197 -12.85 -44.67 26.37
CA THR A 197 -13.18 -43.54 27.24
C THR A 197 -12.31 -42.31 26.96
N GLN A 198 -12.83 -41.15 27.39
CA GLN A 198 -12.17 -39.85 27.27
C GLN A 198 -12.35 -39.07 28.58
N THR A 199 -11.27 -38.92 29.35
CA THR A 199 -11.34 -38.37 30.70
C THR A 199 -10.33 -37.23 30.93
N ARG A 200 -10.78 -36.21 31.65
CA ARG A 200 -9.93 -35.06 32.02
C ARG A 200 -8.87 -35.48 33.04
N GLN A 201 -7.66 -34.97 32.85
CA GLN A 201 -6.53 -35.19 33.78
C GLN A 201 -5.81 -33.88 34.07
N VAL A 202 -5.07 -33.85 35.19
CA VAL A 202 -4.18 -32.75 35.55
C VAL A 202 -2.75 -33.30 35.62
N GLN A 203 -1.81 -32.62 34.94
CA GLN A 203 -0.41 -33.08 34.86
C GLN A 203 0.58 -31.95 35.16
N HIS A 204 1.81 -32.33 35.47
CA HIS A 204 2.92 -31.40 35.68
C HIS A 204 4.12 -31.85 34.84
N TYR A 205 4.95 -30.89 34.45
CA TYR A 205 6.13 -31.13 33.61
C TYR A 205 7.31 -30.30 34.10
N SER A 206 8.52 -30.71 33.73
CA SER A 206 9.77 -30.16 34.28
C SER A 206 9.94 -28.65 34.09
N CYS A 207 9.63 -28.17 32.89
CA CYS A 207 9.77 -26.76 32.53
CA CYS A 207 9.77 -26.76 32.53
C CYS A 207 9.10 -25.81 33.52
N CYS A 208 7.90 -26.18 33.93
CA CYS A 208 6.91 -25.23 34.39
C CYS A 208 6.30 -25.63 35.74
N PRO A 209 6.11 -24.66 36.67
CA PRO A 209 5.49 -24.98 37.96
C PRO A 209 3.97 -25.24 37.89
N GLU A 210 3.28 -24.54 36.99
CA GLU A 210 1.80 -24.56 36.95
C GLU A 210 1.24 -25.85 36.30
N PRO A 211 0.00 -26.24 36.66
CA PRO A 211 -0.58 -27.49 36.14
C PRO A 211 -1.12 -27.35 34.71
N TYR A 212 -0.89 -28.36 33.88
CA TYR A 212 -1.37 -28.40 32.50
C TYR A 212 -2.46 -29.48 32.40
N ILE A 213 -3.49 -29.21 31.61
CA ILE A 213 -4.68 -30.06 31.52
C ILE A 213 -4.69 -30.84 30.22
N ASP A 214 -5.23 -32.07 30.26
CA ASP A 214 -5.43 -32.88 29.07
C ASP A 214 -6.67 -33.76 29.21
N VAL A 215 -7.16 -34.25 28.07
CA VAL A 215 -8.15 -35.32 28.02
C VAL A 215 -7.42 -36.61 27.63
N ASN A 216 -7.49 -37.62 28.50
CA ASN A 216 -6.80 -38.89 28.26
C ASN A 216 -7.74 -39.84 27.52
N LEU A 217 -7.35 -40.17 26.29
CA LEU A 217 -8.11 -41.10 25.43
C LEU A 217 -7.61 -42.51 25.69
N VAL A 218 -8.43 -43.34 26.36
CA VAL A 218 -8.07 -44.72 26.72
C VAL A 218 -8.92 -45.69 25.91
N VAL A 219 -8.26 -46.49 25.05
CA VAL A 219 -8.95 -47.44 24.16
C VAL A 219 -8.49 -48.87 24.43
N LYS A 220 -9.45 -49.74 24.74
CA LYS A 220 -9.21 -51.18 24.87
C LYS A 220 -9.71 -51.88 23.61
N PHE A 221 -8.88 -52.73 23.01
CA PHE A 221 -9.21 -53.37 21.73
C PHE A 221 -8.52 -54.72 21.53
N ARG A 222 -9.09 -55.53 20.64
CA ARG A 222 -8.55 -56.86 20.30
C ARG A 222 -8.85 -57.22 18.85
N GLU A 223 -8.18 -58.23 18.32
CA GLU A 223 -8.42 -58.71 16.96
C GLU A 223 -9.83 -59.32 16.84
N ARG A 224 -10.52 -59.02 15.76
CA ARG A 224 -11.88 -59.53 15.53
C ARG A 224 -11.86 -60.97 15.03
N GLN B 20 -6.83 -11.74 -25.95
CA GLN B 20 -6.21 -11.67 -24.58
C GLN B 20 -6.66 -10.45 -23.75
N ALA B 21 -6.73 -9.27 -24.38
CA ALA B 21 -7.09 -8.02 -23.69
C ALA B 21 -8.49 -8.03 -23.05
N ASN B 22 -9.45 -8.63 -23.75
CA ASN B 22 -10.84 -8.71 -23.25
C ASN B 22 -10.97 -9.63 -22.02
N LEU B 23 -10.28 -10.77 -22.04
CA LEU B 23 -10.29 -11.70 -20.91
C LEU B 23 -9.58 -11.13 -19.67
N MET B 24 -8.51 -10.36 -19.89
CA MET B 24 -7.82 -9.66 -18.80
C MET B 24 -8.77 -8.72 -18.04
N ARG B 25 -9.57 -7.97 -18.80
CA ARG B 25 -10.59 -7.08 -18.22
C ARG B 25 -11.61 -7.86 -17.42
N LEU B 26 -12.13 -8.94 -18.02
CA LEU B 26 -13.13 -9.78 -17.37
C LEU B 26 -12.66 -10.31 -16.01
N LYS B 27 -11.46 -10.88 -15.98
CA LYS B 27 -10.89 -11.43 -14.76
C LYS B 27 -10.61 -10.33 -13.71
N SER B 28 -10.10 -9.19 -14.17
CA SER B 28 -9.93 -8.01 -13.31
C SER B 28 -11.26 -7.53 -12.71
N ASP B 29 -12.29 -7.44 -13.56
CA ASP B 29 -13.63 -7.01 -13.12
C ASP B 29 -14.29 -8.00 -12.15
N LEU B 30 -14.17 -9.29 -12.43
CA LEU B 30 -14.75 -10.34 -11.56
C LEU B 30 -14.06 -10.48 -10.20
N PHE B 31 -12.73 -10.39 -10.16
CA PHE B 31 -11.95 -10.75 -8.98
C PHE B 31 -11.38 -9.56 -8.17
N ASN B 32 -10.65 -8.66 -8.83
CA ASN B 32 -9.96 -7.55 -8.14
C ASN B 32 -10.93 -6.63 -7.41
N ARG B 33 -12.01 -6.25 -8.09
CA ARG B 33 -13.00 -5.32 -7.54
C ARG B 33 -13.86 -5.99 -6.46
N SER B 34 -14.47 -7.12 -6.83
CA SER B 34 -15.52 -7.75 -6.04
C SER B 34 -14.99 -8.36 -4.73
N PRO B 35 -15.77 -8.24 -3.62
CA PRO B 35 -15.39 -8.96 -2.40
C PRO B 35 -15.69 -10.46 -2.52
N MET B 36 -15.00 -11.25 -1.70
CA MET B 36 -15.02 -12.71 -1.81
C MET B 36 -16.39 -13.30 -1.49
N TYR B 37 -16.83 -14.25 -2.32
CA TYR B 37 -18.07 -15.00 -2.08
C TYR B 37 -17.91 -15.84 -0.80
N PRO B 38 -18.74 -15.58 0.23
CA PRO B 38 -18.54 -16.18 1.55
C PRO B 38 -18.98 -17.63 1.71
N GLY B 39 -19.51 -18.24 0.65
CA GLY B 39 -19.98 -19.63 0.68
C GLY B 39 -21.49 -19.68 0.75
N PRO B 40 -22.08 -20.87 0.58
CA PRO B 40 -23.53 -21.01 0.65
C PRO B 40 -24.10 -20.81 2.06
N THR B 41 -25.38 -20.45 2.11
CA THR B 41 -26.09 -20.20 3.37
C THR B 41 -27.47 -20.86 3.32
N LYS B 42 -28.20 -20.78 4.43
CA LYS B 42 -29.57 -21.30 4.47
C LYS B 42 -30.51 -20.48 3.56
N ASP B 43 -30.37 -19.15 3.59
CA ASP B 43 -31.15 -18.27 2.72
C ASP B 43 -30.75 -18.37 1.23
N ASP B 44 -29.47 -18.62 0.96
CA ASP B 44 -28.96 -18.78 -0.42
C ASP B 44 -28.21 -20.13 -0.57
N PRO B 45 -28.97 -21.25 -0.59
CA PRO B 45 -28.35 -22.57 -0.69
C PRO B 45 -27.88 -22.90 -2.11
N LEU B 46 -27.10 -23.97 -2.21
CA LEU B 46 -26.43 -24.36 -3.45
C LEU B 46 -26.60 -25.85 -3.68
N THR B 47 -26.53 -26.27 -4.95
CA THR B 47 -26.60 -27.68 -5.33
C THR B 47 -25.37 -28.06 -6.17
N VAL B 48 -24.55 -28.98 -5.64
CA VAL B 48 -23.35 -29.44 -6.34
C VAL B 48 -23.63 -30.77 -7.02
N THR B 49 -23.41 -30.85 -8.32
CA THR B 49 -23.55 -32.09 -9.07
C THR B 49 -22.20 -32.82 -9.09
N LEU B 50 -22.20 -34.09 -8.67
CA LEU B 50 -21.00 -34.92 -8.60
C LEU B 50 -21.09 -36.13 -9.51
N GLY B 51 -19.98 -36.47 -10.14
CA GLY B 51 -19.85 -37.68 -10.95
C GLY B 51 -18.41 -38.16 -10.94
N PHE B 52 -18.22 -39.47 -10.86
CA PHE B 52 -16.89 -40.07 -10.77
C PHE B 52 -16.54 -40.84 -12.04
N THR B 53 -15.28 -40.77 -12.44
CA THR B 53 -14.71 -41.65 -13.47
C THR B 53 -13.57 -42.44 -12.82
N LEU B 54 -13.74 -43.76 -12.72
CA LEU B 54 -12.73 -44.64 -12.11
C LEU B 54 -11.68 -45.04 -13.14
N GLN B 55 -10.41 -44.73 -12.83
CA GLN B 55 -9.28 -45.08 -13.70
C GLN B 55 -8.60 -46.39 -13.28
N ASP B 56 -8.43 -46.58 -11.97
CA ASP B 56 -7.72 -47.77 -11.47
C ASP B 56 -7.96 -48.02 -9.98
N ILE B 57 -8.05 -49.30 -9.63
CA ILE B 57 -7.83 -49.75 -8.26
C ILE B 57 -6.37 -50.18 -8.25
N VAL B 58 -5.51 -49.38 -7.63
CA VAL B 58 -4.06 -49.56 -7.70
C VAL B 58 -3.57 -50.61 -6.73
N LYS B 59 -3.99 -50.47 -5.47
CA LYS B 59 -3.40 -51.22 -4.36
C LYS B 59 -4.47 -51.68 -3.38
N VAL B 60 -4.16 -52.79 -2.72
CA VAL B 60 -5.01 -53.42 -1.72
C VAL B 60 -4.10 -53.80 -0.57
N ASP B 61 -4.54 -53.57 0.67
CA ASP B 61 -3.80 -53.99 1.86
C ASP B 61 -4.71 -54.80 2.77
N SER B 62 -4.55 -56.12 2.73
CA SER B 62 -5.37 -57.06 3.49
C SER B 62 -5.08 -57.09 4.99
N SER B 63 -3.95 -56.53 5.42
CA SER B 63 -3.58 -56.49 6.84
C SER B 63 -4.10 -55.24 7.56
N THR B 64 -4.29 -54.14 6.83
CA THR B 64 -4.87 -52.89 7.38
C THR B 64 -6.28 -52.58 6.86
N ASN B 65 -6.79 -53.37 5.92
CA ASN B 65 -8.06 -53.11 5.22
C ASN B 65 -8.10 -51.67 4.65
N GLU B 66 -7.10 -51.38 3.82
CA GLU B 66 -7.02 -50.15 3.05
C GLU B 66 -6.99 -50.52 1.57
N VAL B 67 -7.68 -49.72 0.75
CA VAL B 67 -7.67 -49.86 -0.70
C VAL B 67 -7.48 -48.49 -1.36
N ASP B 68 -6.72 -48.47 -2.46
CA ASP B 68 -6.35 -47.24 -3.17
C ASP B 68 -7.05 -47.14 -4.53
N LEU B 69 -7.87 -46.10 -4.71
CA LEU B 69 -8.50 -45.79 -5.99
C LEU B 69 -7.81 -44.59 -6.65
N VAL B 70 -7.71 -44.63 -7.98
CA VAL B 70 -7.31 -43.46 -8.77
C VAL B 70 -8.51 -43.11 -9.64
N TYR B 71 -8.91 -41.84 -9.57
CA TYR B 71 -10.11 -41.35 -10.26
C TYR B 71 -10.05 -39.84 -10.45
N TYR B 72 -10.97 -39.31 -11.26
CA TYR B 72 -11.29 -37.89 -11.21
C TYR B 72 -12.77 -37.65 -10.94
N GLU B 73 -13.03 -36.51 -10.30
CA GLU B 73 -14.31 -36.21 -9.68
C GLU B 73 -14.82 -34.92 -10.32
N GLN B 74 -15.80 -35.04 -11.20
CA GLN B 74 -16.39 -33.88 -11.87
C GLN B 74 -17.34 -33.17 -10.92
N GLN B 75 -17.10 -31.88 -10.68
CA GLN B 75 -17.92 -31.05 -9.81
C GLN B 75 -18.53 -29.90 -10.61
N ARG B 76 -19.85 -29.71 -10.49
CA ARG B 76 -20.55 -28.59 -11.11
C ARG B 76 -21.39 -27.86 -10.07
N TRP B 77 -21.31 -26.52 -10.07
CA TRP B 77 -22.21 -25.66 -9.29
C TRP B 77 -22.45 -24.34 -10.05
N LYS B 78 -23.28 -23.46 -9.50
CA LYS B 78 -23.62 -22.18 -10.17
C LYS B 78 -23.75 -21.02 -9.17
N LEU B 79 -23.03 -19.93 -9.44
CA LEU B 79 -23.10 -18.70 -8.63
C LEU B 79 -23.50 -17.51 -9.49
N ASN B 80 -24.46 -16.71 -9.00
CA ASN B 80 -24.87 -15.46 -9.65
C ASN B 80 -23.74 -14.43 -9.71
N SER B 81 -22.91 -14.41 -8.66
CA SER B 81 -21.78 -13.47 -8.58
C SER B 81 -20.65 -13.69 -9.60
N LEU B 82 -20.64 -14.84 -10.29
CA LEU B 82 -19.72 -15.09 -11.40
C LEU B 82 -20.33 -14.84 -12.79
N MET B 83 -21.53 -14.26 -12.85
CA MET B 83 -22.20 -13.97 -14.13
C MET B 83 -21.59 -12.76 -14.84
N TRP B 84 -21.58 -12.81 -16.17
CA TRP B 84 -21.24 -11.65 -17.00
C TRP B 84 -21.98 -11.69 -18.34
N ASP B 85 -21.95 -10.54 -19.01
CA ASP B 85 -22.59 -10.34 -20.31
C ASP B 85 -21.49 -10.48 -21.39
N PRO B 86 -21.57 -11.52 -22.25
CA PRO B 86 -20.55 -11.73 -23.30
C PRO B 86 -20.33 -10.57 -24.27
N ASN B 87 -21.37 -9.79 -24.56
CA ASN B 87 -21.25 -8.57 -25.40
C ASN B 87 -20.28 -7.55 -24.80
N GLU B 88 -20.24 -7.47 -23.46
CA GLU B 88 -19.38 -6.51 -22.76
C GLU B 88 -17.89 -6.91 -22.71
N TYR B 89 -17.55 -8.15 -23.10
CA TYR B 89 -16.18 -8.64 -23.04
C TYR B 89 -15.76 -9.44 -24.28
N GLY B 90 -16.15 -8.93 -25.45
CA GLY B 90 -15.71 -9.50 -26.73
C GLY B 90 -16.19 -10.91 -27.01
N ASN B 91 -17.47 -11.16 -26.75
CA ASN B 91 -18.12 -12.46 -26.99
C ASN B 91 -17.52 -13.64 -26.21
N ILE B 92 -16.88 -13.37 -25.06
CA ILE B 92 -16.31 -14.44 -24.23
C ILE B 92 -17.45 -15.12 -23.48
N THR B 93 -17.67 -16.39 -23.80
CA THR B 93 -18.70 -17.22 -23.17
C THR B 93 -18.15 -18.00 -21.96
N ASP B 94 -16.84 -18.27 -21.94
CA ASP B 94 -16.20 -19.00 -20.83
C ASP B 94 -14.68 -18.77 -20.75
N PHE B 95 -14.10 -19.13 -19.61
CA PHE B 95 -12.64 -19.08 -19.42
C PHE B 95 -12.13 -20.06 -18.36
N ARG B 96 -10.86 -20.46 -18.51
CA ARG B 96 -10.16 -21.29 -17.54
C ARG B 96 -9.49 -20.40 -16.51
N THR B 97 -9.66 -20.70 -15.23
CA THR B 97 -8.99 -19.96 -14.15
C THR B 97 -8.63 -20.86 -12.96
N SER B 98 -7.61 -20.45 -12.22
CA SER B 98 -7.12 -21.18 -11.05
C SER B 98 -8.23 -21.37 -10.02
N ALA B 99 -8.32 -22.57 -9.46
CA ALA B 99 -9.31 -22.87 -8.41
C ALA B 99 -9.15 -22.03 -7.14
N ALA B 100 -7.94 -21.53 -6.90
CA ALA B 100 -7.68 -20.57 -5.81
C ALA B 100 -8.42 -19.24 -5.98
N ASP B 101 -8.64 -18.82 -7.23
CA ASP B 101 -9.36 -17.57 -7.54
C ASP B 101 -10.84 -17.60 -7.14
N ILE B 102 -11.45 -18.79 -7.18
CA ILE B 102 -12.89 -18.95 -6.90
C ILE B 102 -13.14 -19.80 -5.66
N TRP B 103 -14.35 -19.72 -5.13
CA TRP B 103 -14.80 -20.63 -4.06
C TRP B 103 -14.98 -22.01 -4.68
N THR B 104 -14.63 -23.05 -3.90
CA THR B 104 -14.90 -24.43 -4.29
C THR B 104 -15.54 -25.15 -3.10
N PRO B 105 -16.41 -26.15 -3.37
CA PRO B 105 -17.03 -26.88 -2.28
C PRO B 105 -16.05 -27.83 -1.59
N ASP B 106 -16.28 -28.08 -0.31
CA ASP B 106 -15.37 -28.86 0.53
C ASP B 106 -15.71 -30.37 0.50
N ILE B 107 -15.72 -30.94 -0.71
CA ILE B 107 -16.19 -32.31 -0.90
C ILE B 107 -15.10 -33.27 -0.43
N THR B 108 -15.48 -34.11 0.53
CA THR B 108 -14.53 -34.87 1.34
C THR B 108 -14.99 -36.32 1.42
N ALA B 109 -14.06 -37.26 1.20
CA ALA B 109 -14.34 -38.67 1.45
C ALA B 109 -14.45 -38.90 2.96
N TYR B 110 -15.46 -39.66 3.37
CA TYR B 110 -15.79 -39.82 4.81
C TYR B 110 -15.09 -40.99 5.52
N SER B 111 -14.54 -41.93 4.75
CA SER B 111 -13.85 -43.09 5.33
C SER B 111 -12.41 -43.22 4.79
N SER B 112 -11.77 -42.07 4.56
CA SER B 112 -10.39 -42.05 4.07
C SER B 112 -9.42 -42.36 5.20
N THR B 113 -8.29 -42.96 4.85
CA THR B 113 -7.22 -43.30 5.80
C THR B 113 -5.93 -42.50 5.60
N ARG B 114 -5.87 -41.66 4.57
CA ARG B 114 -4.70 -40.82 4.27
C ARG B 114 -5.14 -39.49 3.68
N PRO B 115 -4.26 -38.48 3.69
CA PRO B 115 -4.56 -37.28 2.92
C PRO B 115 -4.67 -37.61 1.43
N VAL B 116 -5.67 -37.04 0.76
CA VAL B 116 -5.88 -37.27 -0.66
C VAL B 116 -4.73 -36.64 -1.45
N GLN B 117 -4.14 -37.41 -2.37
CA GLN B 117 -3.05 -36.93 -3.20
C GLN B 117 -3.60 -36.34 -4.50
N VAL B 118 -3.27 -35.07 -4.76
CA VAL B 118 -3.75 -34.36 -5.95
C VAL B 118 -2.89 -34.76 -7.15
N LEU B 119 -3.52 -35.26 -8.21
CA LEU B 119 -2.82 -35.72 -9.42
C LEU B 119 -2.90 -34.77 -10.62
N SER B 120 -3.82 -33.80 -10.60
CA SER B 120 -4.02 -32.89 -11.73
C SER B 120 -3.91 -31.43 -11.31
N PRO B 121 -3.71 -30.52 -12.29
CA PRO B 121 -3.82 -29.08 -12.03
C PRO B 121 -5.17 -28.68 -11.44
N GLN B 122 -5.18 -27.66 -10.59
CA GLN B 122 -6.38 -27.19 -9.90
C GLN B 122 -6.95 -25.98 -10.65
N ILE B 123 -7.48 -26.22 -11.86
CA ILE B 123 -8.01 -25.15 -12.71
C ILE B 123 -9.48 -25.47 -13.02
N ALA B 124 -10.34 -24.46 -12.87
CA ALA B 124 -11.77 -24.58 -13.12
C ALA B 124 -12.19 -23.84 -14.39
N VAL B 125 -13.28 -24.29 -15.01
CA VAL B 125 -13.87 -23.62 -16.17
C VAL B 125 -15.10 -22.85 -15.70
N VAL B 126 -15.08 -21.52 -15.87
CA VAL B 126 -16.20 -20.65 -15.51
C VAL B 126 -16.90 -20.19 -16.79
N THR B 127 -18.24 -20.30 -16.82
CA THR B 127 -19.06 -19.95 -17.99
C THR B 127 -19.92 -18.71 -17.68
N HIS B 128 -20.32 -17.98 -18.73
CA HIS B 128 -21.01 -16.68 -18.60
C HIS B 128 -22.29 -16.67 -17.73
N ASP B 129 -23.01 -17.78 -17.69
CA ASP B 129 -24.20 -17.92 -16.85
C ASP B 129 -23.93 -18.10 -15.35
N GLY B 130 -22.65 -18.19 -14.96
CA GLY B 130 -22.27 -18.37 -13.56
C GLY B 130 -21.94 -19.82 -13.18
N SER B 131 -22.08 -20.75 -14.13
CA SER B 131 -21.82 -22.16 -13.87
C SER B 131 -20.32 -22.47 -13.91
N VAL B 132 -19.87 -23.30 -12.98
CA VAL B 132 -18.47 -23.69 -12.85
C VAL B 132 -18.36 -25.19 -13.16
N MET B 133 -17.24 -25.59 -13.73
CA MET B 133 -16.87 -27.00 -13.84
C MET B 133 -15.43 -27.20 -13.35
N PHE B 134 -15.27 -28.09 -12.38
CA PHE B 134 -14.00 -28.34 -11.69
C PHE B 134 -13.82 -29.85 -11.58
N ILE B 135 -12.73 -30.38 -12.14
CA ILE B 135 -12.49 -31.82 -12.24
C ILE B 135 -11.09 -32.20 -11.69
N PRO B 136 -10.96 -32.29 -10.35
CA PRO B 136 -9.68 -32.72 -9.76
C PRO B 136 -9.45 -34.23 -9.86
N ALA B 137 -8.26 -34.62 -10.28
CA ALA B 137 -7.84 -36.02 -10.26
C ALA B 137 -7.23 -36.32 -8.90
N GLN B 138 -7.56 -37.48 -8.34
CA GLN B 138 -7.21 -37.82 -6.96
C GLN B 138 -6.76 -39.27 -6.81
N ARG B 139 -5.90 -39.52 -5.82
CA ARG B 139 -5.66 -40.87 -5.29
C ARG B 139 -6.14 -40.90 -3.84
N LEU B 140 -7.03 -41.84 -3.52
CA LEU B 140 -7.66 -41.97 -2.22
C LEU B 140 -7.31 -43.31 -1.62
N SER B 141 -6.87 -43.32 -0.35
CA SER B 141 -6.79 -44.53 0.46
C SER B 141 -7.98 -44.53 1.39
N PHE B 142 -8.78 -45.60 1.37
CA PHE B 142 -10.00 -45.68 2.19
C PHE B 142 -10.25 -47.09 2.76
N MET B 143 -11.14 -47.14 3.74
CA MET B 143 -11.41 -48.36 4.50
C MET B 143 -12.23 -49.36 3.69
N CYS B 144 -11.66 -50.53 3.44
CA CYS B 144 -12.27 -51.54 2.58
C CYS B 144 -11.66 -52.92 2.81
N ASP B 145 -12.48 -53.86 3.29
CA ASP B 145 -12.05 -55.25 3.51
C ASP B 145 -11.88 -55.95 2.14
N PRO B 146 -10.63 -56.28 1.75
CA PRO B 146 -10.42 -56.91 0.46
C PRO B 146 -10.39 -58.46 0.51
N THR B 147 -10.80 -59.06 1.62
CA THR B 147 -10.79 -60.52 1.76
C THR B 147 -11.87 -61.12 0.86
N GLY B 148 -11.44 -62.00 -0.05
CA GLY B 148 -12.30 -62.58 -1.07
C GLY B 148 -12.19 -61.91 -2.43
N VAL B 149 -11.24 -60.98 -2.59
CA VAL B 149 -11.04 -60.31 -3.88
C VAL B 149 -10.58 -61.29 -4.96
N ASP B 150 -9.88 -62.35 -4.55
CA ASP B 150 -9.41 -63.41 -5.48
C ASP B 150 -10.43 -64.52 -5.83
N SER B 151 -11.71 -64.32 -5.49
CA SER B 151 -12.76 -65.31 -5.76
C SER B 151 -13.68 -64.86 -6.91
N GLU B 152 -14.70 -65.66 -7.23
CA GLU B 152 -15.66 -65.32 -8.29
C GLU B 152 -16.62 -64.23 -7.83
N GLU B 153 -17.18 -64.38 -6.64
CA GLU B 153 -18.08 -63.37 -6.06
C GLU B 153 -17.46 -61.96 -5.95
N GLY B 154 -16.15 -61.90 -5.67
CA GLY B 154 -15.46 -60.63 -5.49
C GLY B 154 -15.77 -59.99 -4.14
N VAL B 155 -15.53 -58.68 -4.03
CA VAL B 155 -15.87 -57.92 -2.82
C VAL B 155 -16.55 -56.60 -3.20
N THR B 156 -17.33 -56.08 -2.26
CA THR B 156 -18.01 -54.79 -2.41
C THR B 156 -17.50 -53.84 -1.33
N CYS B 157 -17.23 -52.60 -1.73
CA CYS B 157 -16.80 -51.56 -0.81
C CYS B 157 -17.45 -50.24 -1.15
N ALA B 158 -17.59 -49.38 -0.14
CA ALA B 158 -18.31 -48.13 -0.26
C ALA B 158 -17.54 -46.99 0.39
N VAL B 159 -17.71 -45.79 -0.14
CA VAL B 159 -17.12 -44.57 0.44
C VAL B 159 -18.03 -43.37 0.15
N LYS B 160 -18.39 -42.65 1.20
CA LYS B 160 -19.28 -41.49 1.10
C LYS B 160 -18.47 -40.23 0.81
N PHE B 161 -18.87 -39.49 -0.23
CA PHE B 161 -18.28 -38.19 -0.57
C PHE B 161 -19.30 -37.08 -0.34
N GLY B 162 -18.98 -36.14 0.54
CA GLY B 162 -19.85 -35.00 0.81
C GLY B 162 -19.14 -33.83 1.45
N SER B 163 -19.88 -32.72 1.62
CA SER B 163 -19.37 -31.57 2.34
C SER B 163 -19.13 -31.97 3.79
N TRP B 164 -17.96 -31.60 4.31
CA TRP B 164 -17.60 -31.88 5.70
C TRP B 164 -18.38 -31.01 6.68
N VAL B 165 -18.58 -29.73 6.34
CA VAL B 165 -19.15 -28.74 7.27
C VAL B 165 -20.53 -28.17 6.93
N TYR B 166 -20.92 -28.20 5.66
CA TYR B 166 -22.23 -27.70 5.24
C TYR B 166 -23.27 -28.81 5.26
N SER B 167 -24.41 -28.54 5.91
CA SER B 167 -25.52 -29.48 5.96
C SER B 167 -26.32 -29.45 4.65
N GLY B 168 -27.39 -30.25 4.60
CA GLY B 168 -28.33 -30.25 3.47
C GLY B 168 -29.01 -28.92 3.22
N PHE B 169 -29.20 -28.12 4.27
CA PHE B 169 -29.82 -26.80 4.16
C PHE B 169 -28.95 -25.73 3.48
N GLU B 170 -27.64 -25.97 3.35
CA GLU B 170 -26.74 -25.07 2.62
C GLU B 170 -26.21 -25.70 1.33
N ILE B 171 -25.67 -26.92 1.43
CA ILE B 171 -25.22 -27.68 0.26
C ILE B 171 -26.02 -28.99 0.12
N ASP B 172 -26.76 -29.10 -0.98
CA ASP B 172 -27.35 -30.36 -1.43
C ASP B 172 -26.47 -30.90 -2.56
N LEU B 173 -26.53 -32.21 -2.76
CA LEU B 173 -25.80 -32.87 -3.83
C LEU B 173 -26.76 -33.59 -4.76
N LYS B 174 -26.29 -33.85 -5.98
CA LYS B 174 -27.00 -34.73 -6.92
C LYS B 174 -26.04 -35.33 -7.96
N THR B 175 -26.53 -36.33 -8.68
CA THR B 175 -25.76 -36.96 -9.76
C THR B 175 -26.52 -36.80 -11.07
N ASP B 176 -25.79 -36.72 -12.17
CA ASP B 176 -26.41 -36.81 -13.51
C ASP B 176 -26.92 -38.22 -13.76
N THR B 177 -26.06 -39.21 -13.48
CA THR B 177 -26.40 -40.62 -13.62
C THR B 177 -25.96 -41.38 -12.37
N ASP B 178 -26.59 -42.53 -12.14
CA ASP B 178 -26.21 -43.43 -11.05
C ASP B 178 -25.06 -44.38 -11.41
N GLN B 179 -24.70 -44.45 -12.70
CA GLN B 179 -23.61 -45.31 -13.15
C GLN B 179 -22.29 -44.54 -13.21
N VAL B 180 -21.27 -45.10 -12.56
CA VAL B 180 -19.91 -44.54 -12.59
C VAL B 180 -19.32 -44.77 -13.98
N ASP B 181 -18.58 -43.79 -14.46
CA ASP B 181 -17.96 -43.84 -15.78
C ASP B 181 -16.71 -44.73 -15.74
N LEU B 182 -16.76 -45.86 -16.46
CA LEU B 182 -15.65 -46.82 -16.49
C LEU B 182 -14.98 -46.92 -17.88
N SER B 183 -15.16 -45.90 -18.72
CA SER B 183 -14.60 -45.90 -20.08
C SER B 183 -13.11 -45.50 -20.13
N SER B 184 -12.61 -44.91 -19.03
CA SER B 184 -11.17 -44.68 -18.84
C SER B 184 -10.50 -45.67 -17.85
N TYR B 185 -11.21 -46.73 -17.45
CA TYR B 185 -10.64 -47.69 -16.48
C TYR B 185 -9.52 -48.51 -17.14
N TYR B 186 -8.39 -48.60 -16.43
CA TYR B 186 -7.18 -49.27 -16.92
C TYR B 186 -7.44 -50.76 -17.23
N ALA B 187 -7.21 -51.14 -18.49
CA ALA B 187 -7.56 -52.47 -18.98
C ALA B 187 -6.66 -53.59 -18.45
N SER B 188 -5.38 -53.28 -18.18
CA SER B 188 -4.44 -54.22 -17.57
C SER B 188 -4.27 -54.04 -16.05
N SER B 189 -5.28 -53.48 -15.39
CA SER B 189 -5.32 -53.42 -13.92
C SER B 189 -5.37 -54.82 -13.32
N LYS B 190 -4.88 -54.95 -12.10
CA LYS B 190 -4.90 -56.24 -11.38
C LYS B 190 -6.33 -56.61 -10.95
N TYR B 191 -7.24 -55.63 -10.93
CA TYR B 191 -8.64 -55.87 -10.58
C TYR B 191 -9.60 -55.47 -11.71
N GLU B 192 -10.68 -56.24 -11.85
CA GLU B 192 -11.76 -55.94 -12.80
C GLU B 192 -12.99 -55.47 -12.03
N ILE B 193 -13.69 -54.48 -12.58
CA ILE B 193 -14.85 -53.90 -11.95
C ILE B 193 -16.08 -54.67 -12.42
N LEU B 194 -16.84 -55.20 -11.46
CA LEU B 194 -18.09 -55.91 -11.74
C LEU B 194 -19.27 -54.94 -11.74
N SER B 195 -19.27 -53.99 -10.82
CA SER B 195 -20.21 -52.87 -10.86
C SER B 195 -19.62 -51.66 -10.14
N ALA B 196 -20.16 -50.49 -10.46
CA ALA B 196 -19.69 -49.23 -9.90
C ALA B 196 -20.80 -48.19 -9.97
N THR B 197 -21.33 -47.82 -8.81
CA THR B 197 -22.49 -46.92 -8.71
C THR B 197 -22.21 -45.72 -7.80
N GLN B 198 -23.00 -44.67 -7.98
CA GLN B 198 -22.86 -43.40 -7.27
C GLN B 198 -24.26 -42.87 -6.97
N THR B 199 -24.62 -42.82 -5.69
CA THR B 199 -26.00 -42.57 -5.28
C THR B 199 -26.08 -41.54 -4.15
N ARG B 200 -27.00 -40.60 -4.30
CA ARG B 200 -27.29 -39.61 -3.26
C ARG B 200 -27.83 -40.31 -2.00
N GLN B 201 -27.39 -39.86 -0.83
CA GLN B 201 -27.84 -40.38 0.48
C GLN B 201 -28.08 -39.23 1.46
N VAL B 202 -28.93 -39.49 2.45
CA VAL B 202 -29.16 -38.58 3.58
C VAL B 202 -28.66 -39.24 4.87
N GLN B 203 -27.77 -38.55 5.58
CA GLN B 203 -27.15 -39.07 6.82
C GLN B 203 -27.28 -38.05 7.97
N HIS B 204 -27.26 -38.56 9.20
CA HIS B 204 -27.27 -37.74 10.41
C HIS B 204 -26.08 -38.10 11.29
N TYR B 205 -25.57 -37.10 12.02
CA TYR B 205 -24.39 -37.26 12.87
C TYR B 205 -24.64 -36.69 14.28
N SER B 206 -23.81 -37.12 15.23
CA SER B 206 -23.97 -36.78 16.65
C SER B 206 -23.83 -35.29 16.97
N CYS B 207 -22.97 -34.59 16.23
CA CYS B 207 -22.72 -33.15 16.43
C CYS B 207 -23.94 -32.28 16.22
N CYS B 208 -24.73 -32.63 15.21
CA CYS B 208 -25.56 -31.67 14.50
C CYS B 208 -26.96 -32.25 14.24
N PRO B 209 -28.02 -31.50 14.57
CA PRO B 209 -29.39 -32.00 14.37
C PRO B 209 -29.85 -32.05 12.91
N GLU B 210 -29.34 -31.15 12.07
CA GLU B 210 -29.71 -31.09 10.64
C GLU B 210 -29.05 -32.21 9.82
N PRO B 211 -29.73 -32.67 8.74
CA PRO B 211 -29.19 -33.74 7.91
C PRO B 211 -28.04 -33.29 7.01
N TYR B 212 -27.14 -34.22 6.69
CA TYR B 212 -26.03 -33.97 5.77
C TYR B 212 -26.16 -34.88 4.56
N ILE B 213 -25.77 -34.38 3.39
CA ILE B 213 -25.89 -35.11 2.14
C ILE B 213 -24.52 -35.62 1.66
N ASP B 214 -24.52 -36.81 1.06
CA ASP B 214 -23.32 -37.38 0.44
C ASP B 214 -23.68 -38.15 -0.83
N VAL B 215 -22.65 -38.49 -1.59
CA VAL B 215 -22.76 -39.38 -2.74
C VAL B 215 -21.98 -40.65 -2.40
N ASN B 216 -22.70 -41.75 -2.23
CA ASN B 216 -22.10 -43.02 -1.82
C ASN B 216 -21.58 -43.76 -3.05
N LEU B 217 -20.26 -43.90 -3.13
CA LEU B 217 -19.61 -44.64 -4.23
C LEU B 217 -19.47 -46.10 -3.82
N VAL B 218 -20.28 -46.97 -4.43
CA VAL B 218 -20.25 -48.42 -4.17
C VAL B 218 -19.60 -49.15 -5.35
N VAL B 219 -18.44 -49.75 -5.11
CA VAL B 219 -17.67 -50.44 -6.16
C VAL B 219 -17.53 -51.92 -5.82
N LYS B 220 -18.00 -52.77 -6.72
CA LYS B 220 -17.79 -54.22 -6.63
C LYS B 220 -16.70 -54.63 -7.61
N PHE B 221 -15.74 -55.40 -7.13
CA PHE B 221 -14.55 -55.77 -7.92
C PHE B 221 -13.90 -57.08 -7.47
N ARG B 222 -13.07 -57.63 -8.36
CA ARG B 222 -12.32 -58.86 -8.09
C ARG B 222 -11.04 -58.88 -8.93
N GLU B 223 -10.17 -59.85 -8.66
CA GLU B 223 -8.96 -60.07 -9.45
C GLU B 223 -9.28 -60.59 -10.86
N ARG B 224 -8.48 -60.16 -11.85
CA ARG B 224 -8.56 -60.70 -13.21
C ARG B 224 -8.02 -62.13 -13.27
N ARG B 225 -8.36 -62.83 -14.36
CA ARG B 225 -7.90 -64.21 -14.59
C ARG B 225 -7.34 -64.37 -16.00
N GLN C 20 23.87 -5.53 -15.22
CA GLN C 20 22.72 -5.72 -14.28
C GLN C 20 21.57 -4.77 -14.60
N ALA C 21 21.88 -3.48 -14.75
CA ALA C 21 20.88 -2.41 -14.90
C ALA C 21 19.89 -2.59 -16.05
N ASN C 22 20.38 -3.09 -17.19
CA ASN C 22 19.54 -3.27 -18.39
C ASN C 22 18.53 -4.41 -18.28
N LEU C 23 18.93 -5.53 -17.66
CA LEU C 23 18.01 -6.65 -17.44
C LEU C 23 16.96 -6.30 -16.39
N MET C 24 17.36 -5.57 -15.35
CA MET C 24 16.43 -5.06 -14.33
C MET C 24 15.28 -4.24 -14.94
N ARG C 25 15.62 -3.36 -15.89
CA ARG C 25 14.61 -2.58 -16.62
C ARG C 25 13.68 -3.46 -17.43
N LEU C 26 14.27 -4.43 -18.13
CA LEU C 26 13.52 -5.31 -19.03
C LEU C 26 12.46 -6.12 -18.28
N LYS C 27 12.88 -6.73 -17.17
CA LYS C 27 11.99 -7.53 -16.35
C LYS C 27 10.90 -6.67 -15.73
N SER C 28 11.26 -5.45 -15.30
CA SER C 28 10.31 -4.47 -14.76
C SER C 28 9.26 -4.07 -15.79
N ASP C 29 9.71 -3.78 -17.01
CA ASP C 29 8.80 -3.41 -18.11
C ASP C 29 7.89 -4.59 -18.55
N LEU C 30 8.42 -5.81 -18.52
CA LEU C 30 7.62 -6.99 -18.87
C LEU C 30 6.64 -7.44 -17.77
N PHE C 31 7.07 -7.39 -16.50
CA PHE C 31 6.34 -8.02 -15.39
C PHE C 31 5.65 -7.07 -14.42
N ASN C 32 6.33 -5.99 -14.01
CA ASN C 32 5.75 -5.03 -13.06
C ASN C 32 4.67 -4.15 -13.71
N ARG C 33 4.93 -3.70 -14.94
CA ARG C 33 3.94 -2.90 -15.71
C ARG C 33 2.67 -3.70 -16.03
N SER C 34 2.89 -4.83 -16.70
CA SER C 34 1.82 -5.57 -17.36
C SER C 34 0.98 -6.38 -16.37
N PRO C 35 -0.35 -6.44 -16.57
CA PRO C 35 -1.12 -7.50 -15.90
C PRO C 35 -0.80 -8.84 -16.56
N MET C 36 -0.79 -9.91 -15.76
CA MET C 36 -0.27 -11.20 -16.23
C MET C 36 -1.14 -11.82 -17.34
N TYR C 37 -0.50 -12.57 -18.22
CA TYR C 37 -1.16 -13.27 -19.34
C TYR C 37 -2.17 -14.28 -18.79
N PRO C 38 -3.45 -14.23 -19.24
CA PRO C 38 -4.51 -15.06 -18.64
C PRO C 38 -4.70 -16.46 -19.26
N GLY C 39 -3.68 -17.01 -19.90
CA GLY C 39 -3.80 -18.27 -20.63
C GLY C 39 -4.44 -18.07 -22.00
N PRO C 40 -4.36 -19.09 -22.87
CA PRO C 40 -4.93 -18.99 -24.21
C PRO C 40 -6.46 -19.07 -24.24
N THR C 41 -7.03 -18.67 -25.38
CA THR C 41 -8.48 -18.75 -25.62
C THR C 41 -8.73 -19.36 -27.01
N LYS C 42 -10.00 -19.59 -27.31
CA LYS C 42 -10.42 -20.05 -28.62
C LYS C 42 -10.07 -19.03 -29.72
N ASP C 43 -10.27 -17.74 -29.41
CA ASP C 43 -9.94 -16.65 -30.34
C ASP C 43 -8.43 -16.38 -30.49
N ASP C 44 -7.63 -16.73 -29.47
CA ASP C 44 -6.18 -16.56 -29.49
C ASP C 44 -5.48 -17.85 -29.06
N PRO C 45 -5.50 -18.89 -29.94
CA PRO C 45 -4.95 -20.21 -29.57
C PRO C 45 -3.43 -20.22 -29.47
N LEU C 46 -2.90 -21.30 -28.89
CA LEU C 46 -1.48 -21.44 -28.59
C LEU C 46 -1.01 -22.86 -28.84
N THR C 47 0.13 -23.01 -29.52
CA THR C 47 0.74 -24.32 -29.76
C THR C 47 1.96 -24.50 -28.86
N VAL C 48 1.95 -25.56 -28.05
CA VAL C 48 3.06 -25.92 -27.16
C VAL C 48 3.81 -27.10 -27.76
N THR C 49 5.10 -26.94 -28.00
CA THR C 49 5.94 -28.02 -28.51
C THR C 49 6.52 -28.80 -27.33
N LEU C 50 6.34 -30.13 -27.34
CA LEU C 50 6.83 -31.02 -26.28
C LEU C 50 7.90 -31.99 -26.81
N GLY C 51 8.91 -32.25 -25.97
CA GLY C 51 9.94 -33.24 -26.25
C GLY C 51 10.44 -33.85 -24.94
N PHE C 52 10.62 -35.16 -24.92
CA PHE C 52 11.07 -35.89 -23.74
C PHE C 52 12.48 -36.41 -23.93
N THR C 53 13.28 -36.40 -22.86
CA THR C 53 14.54 -37.14 -22.80
C THR C 53 14.49 -38.08 -21.59
N LEU C 54 14.42 -39.38 -21.86
CA LEU C 54 14.33 -40.39 -20.82
C LEU C 54 15.71 -40.64 -20.22
N GLN C 55 15.84 -40.46 -18.90
CA GLN C 55 17.08 -40.71 -18.17
C GLN C 55 17.12 -42.12 -17.55
N ASP C 56 16.00 -42.57 -17.00
CA ASP C 56 15.97 -43.85 -16.30
C ASP C 56 14.55 -44.39 -16.08
N ILE C 57 14.40 -45.70 -16.25
CA ILE C 57 13.29 -46.45 -15.68
C ILE C 57 13.85 -46.94 -14.35
N VAL C 58 13.43 -46.31 -13.24
CA VAL C 58 14.02 -46.56 -11.93
C VAL C 58 13.43 -47.80 -11.28
N LYS C 59 12.10 -47.91 -11.31
CA LYS C 59 11.39 -48.95 -10.58
C LYS C 59 10.24 -49.53 -11.40
N VAL C 60 9.98 -50.81 -11.14
CA VAL C 60 8.89 -51.58 -11.72
C VAL C 60 8.20 -52.26 -10.53
N ASP C 61 6.88 -52.14 -10.42
CA ASP C 61 6.11 -52.86 -9.38
C ASP C 61 5.07 -53.78 -10.03
N SER C 62 5.38 -55.08 -10.04
CA SER C 62 4.50 -56.09 -10.64
C SER C 62 3.27 -56.48 -9.81
N SER C 63 3.22 -56.06 -8.55
CA SER C 63 2.05 -56.32 -7.70
C SER C 63 0.94 -55.25 -7.83
N THR C 64 1.30 -54.03 -8.23
CA THR C 64 0.33 -52.94 -8.44
C THR C 64 0.29 -52.37 -9.87
N ASN C 65 1.10 -52.92 -10.78
CA ASN C 65 1.25 -52.41 -12.15
C ASN C 65 1.51 -50.88 -12.20
N GLU C 66 2.49 -50.46 -11.40
CA GLU C 66 3.06 -49.11 -11.46
C GLU C 66 4.52 -49.20 -11.92
N VAL C 67 4.94 -48.22 -12.70
CA VAL C 67 6.33 -48.11 -13.19
C VAL C 67 6.81 -46.66 -13.03
N ASP C 68 8.07 -46.49 -12.63
CA ASP C 68 8.64 -45.17 -12.32
C ASP C 68 9.70 -44.73 -13.35
N LEU C 69 9.42 -43.61 -14.02
CA LEU C 69 10.35 -43.00 -14.99
C LEU C 69 10.97 -41.75 -14.41
N VAL C 70 12.24 -41.50 -14.78
CA VAL C 70 12.90 -40.23 -14.55
C VAL C 70 13.28 -39.66 -15.91
N TYR C 71 12.90 -38.40 -16.15
CA TYR C 71 13.06 -37.75 -17.44
C TYR C 71 13.00 -36.24 -17.26
N TYR C 72 13.33 -35.50 -18.32
CA TYR C 72 12.95 -34.08 -18.40
C TYR C 72 12.19 -33.77 -19.69
N GLU C 73 11.33 -32.77 -19.59
CA GLU C 73 10.30 -32.48 -20.56
C GLU C 73 10.51 -31.07 -21.10
N GLN C 74 11.11 -30.97 -22.29
CA GLN C 74 11.32 -29.68 -22.93
C GLN C 74 9.99 -29.14 -23.45
N GLN C 75 9.54 -28.02 -22.90
CA GLN C 75 8.33 -27.33 -23.33
C GLN C 75 8.73 -26.06 -24.07
N ARG C 76 8.02 -25.72 -25.16
CA ARG C 76 8.25 -24.47 -25.90
C ARG C 76 6.94 -23.82 -26.37
N TRP C 77 6.85 -22.51 -26.21
CA TRP C 77 5.72 -21.71 -26.69
C TRP C 77 6.13 -20.26 -26.93
N LYS C 78 5.23 -19.46 -27.49
CA LYS C 78 5.52 -18.08 -27.89
C LYS C 78 4.35 -17.13 -27.59
N LEU C 79 4.62 -16.08 -26.81
CA LEU C 79 3.64 -15.03 -26.51
C LEU C 79 4.11 -13.66 -27.04
N ASN C 80 3.18 -12.90 -27.62
CA ASN C 80 3.46 -11.53 -28.05
C ASN C 80 3.73 -10.59 -26.87
N SER C 81 3.09 -10.84 -25.73
CA SER C 81 3.29 -10.06 -24.51
C SER C 81 4.69 -10.17 -23.90
N LEU C 82 5.45 -11.20 -24.28
CA LEU C 82 6.85 -11.36 -23.85
C LEU C 82 7.90 -10.83 -24.85
N MET C 83 7.47 -10.12 -25.89
CA MET C 83 8.38 -9.54 -26.88
C MET C 83 9.05 -8.26 -26.39
N TRP C 84 10.29 -8.03 -26.84
CA TRP C 84 10.94 -6.73 -26.70
C TRP C 84 11.93 -6.49 -27.83
N ASP C 85 12.28 -5.21 -28.02
CA ASP C 85 13.31 -4.79 -28.98
C ASP C 85 14.65 -4.82 -28.25
N PRO C 86 15.61 -5.67 -28.70
CA PRO C 86 16.95 -5.71 -28.07
C PRO C 86 17.72 -4.38 -28.03
N ASN C 87 17.54 -3.52 -29.04
CA ASN C 87 18.17 -2.18 -29.05
C ASN C 87 17.72 -1.27 -27.89
N GLU C 88 16.51 -1.49 -27.38
CA GLU C 88 15.99 -0.69 -26.26
C GLU C 88 16.53 -1.13 -24.88
N TYR C 89 17.10 -2.34 -24.79
CA TYR C 89 17.55 -2.88 -23.50
C TYR C 89 18.98 -3.42 -23.62
N GLY C 90 19.87 -2.60 -24.17
CA GLY C 90 21.29 -2.91 -24.27
C GLY C 90 21.62 -4.25 -24.93
N ASN C 91 21.04 -4.49 -26.10
CA ASN C 91 21.32 -5.69 -26.92
C ASN C 91 21.05 -7.05 -26.23
N ILE C 92 20.16 -7.07 -25.24
CA ILE C 92 19.79 -8.31 -24.55
C ILE C 92 18.82 -9.10 -25.43
N THR C 93 19.26 -10.27 -25.88
CA THR C 93 18.46 -11.16 -26.73
C THR C 93 17.63 -12.17 -25.93
N ASP C 94 18.05 -12.48 -24.70
CA ASP C 94 17.34 -13.45 -23.86
C ASP C 94 17.70 -13.32 -22.39
N PHE C 95 16.92 -13.99 -21.53
CA PHE C 95 17.21 -14.03 -20.09
C PHE C 95 16.53 -15.20 -19.37
N ARG C 96 17.12 -15.58 -18.24
CA ARG C 96 16.54 -16.59 -17.36
C ARG C 96 15.67 -15.91 -16.31
N THR C 97 14.53 -16.51 -16.01
CA THR C 97 13.68 -16.05 -14.93
C THR C 97 12.81 -17.18 -14.40
N SER C 98 12.41 -17.06 -13.13
CA SER C 98 11.58 -18.04 -12.45
C SER C 98 10.30 -18.34 -13.24
N ALA C 99 9.87 -19.59 -13.23
CA ALA C 99 8.65 -20.02 -13.91
C ALA C 99 7.38 -19.41 -13.30
N ALA C 100 7.45 -19.02 -12.02
CA ALA C 100 6.34 -18.35 -11.35
C ALA C 100 6.09 -16.91 -11.85
N ASP C 101 7.09 -16.28 -12.46
CA ASP C 101 6.95 -14.93 -13.04
C ASP C 101 6.08 -14.90 -14.32
N ILE C 102 6.00 -16.02 -15.02
CA ILE C 102 5.30 -16.11 -16.30
C ILE C 102 4.21 -17.18 -16.24
N TRP C 103 3.35 -17.19 -17.26
CA TRP C 103 2.40 -18.27 -17.45
C TRP C 103 3.16 -19.49 -17.99
N THR C 104 2.71 -20.68 -17.59
CA THR C 104 3.21 -21.95 -18.13
C THR C 104 2.04 -22.89 -18.41
N PRO C 105 2.16 -23.76 -19.43
CA PRO C 105 1.08 -24.71 -19.72
C PRO C 105 0.93 -25.78 -18.65
N ASP C 106 -0.31 -26.25 -18.48
CA ASP C 106 -0.68 -27.21 -17.45
C ASP C 106 -0.57 -28.65 -17.96
N ILE C 107 0.62 -29.02 -18.45
CA ILE C 107 0.85 -30.32 -19.07
C ILE C 107 0.87 -31.38 -17.98
N THR C 108 -0.01 -32.39 -18.13
CA THR C 108 -0.30 -33.37 -17.08
C THR C 108 -0.23 -34.78 -17.67
N ALA C 109 0.37 -35.71 -16.93
CA ALA C 109 0.32 -37.13 -17.29
C ALA C 109 -1.06 -37.66 -16.94
N TYR C 110 -1.70 -38.33 -17.90
CA TYR C 110 -3.11 -38.75 -17.77
C TYR C 110 -3.30 -40.07 -17.01
N SER C 111 -2.29 -40.94 -17.01
CA SER C 111 -2.36 -42.25 -16.33
C SER C 111 -1.38 -42.37 -15.14
N SER C 112 -1.15 -41.26 -14.44
CA SER C 112 -0.28 -41.27 -13.25
C SER C 112 -0.99 -41.93 -12.06
N THR C 113 -0.20 -42.36 -11.09
CA THR C 113 -0.71 -42.91 -9.81
C THR C 113 -0.19 -42.21 -8.54
N ARG C 114 0.72 -41.24 -8.71
CA ARG C 114 1.26 -40.43 -7.60
C ARG C 114 1.45 -39.00 -8.08
N PRO C 115 1.53 -38.03 -7.16
CA PRO C 115 1.92 -36.68 -7.58
C PRO C 115 3.30 -36.67 -8.21
N VAL C 116 3.43 -36.00 -9.36
CA VAL C 116 4.71 -35.88 -10.05
C VAL C 116 5.71 -35.22 -9.10
N GLN C 117 6.92 -35.78 -9.04
CA GLN C 117 7.98 -35.21 -8.21
C GLN C 117 8.90 -34.36 -9.06
N VAL C 118 9.04 -33.08 -8.67
CA VAL C 118 9.92 -32.14 -9.36
C VAL C 118 11.37 -32.36 -8.91
N LEU C 119 12.26 -32.54 -9.89
CA LEU C 119 13.68 -32.82 -9.63
C LEU C 119 14.64 -31.68 -10.01
N SER C 120 14.13 -30.62 -10.63
CA SER C 120 14.95 -29.50 -11.08
C SER C 120 14.38 -28.17 -10.59
N PRO C 121 15.17 -27.08 -10.68
CA PRO C 121 14.62 -25.75 -10.46
C PRO C 121 13.60 -25.36 -11.54
N GLN C 122 12.61 -24.56 -11.15
CA GLN C 122 11.55 -24.09 -12.05
C GLN C 122 11.97 -22.73 -12.62
N ILE C 123 12.83 -22.76 -13.63
CA ILE C 123 13.35 -21.54 -14.27
C ILE C 123 13.21 -21.66 -15.78
N ALA C 124 12.64 -20.63 -16.41
CA ALA C 124 12.42 -20.59 -17.86
C ALA C 124 13.45 -19.67 -18.55
N VAL C 125 13.67 -19.91 -19.84
CA VAL C 125 14.50 -19.06 -20.69
C VAL C 125 13.61 -18.33 -21.70
N VAL C 126 13.50 -17.01 -21.55
CA VAL C 126 12.69 -16.16 -22.43
C VAL C 126 13.60 -15.48 -23.46
N THR C 127 13.16 -15.47 -24.73
CA THR C 127 13.91 -14.85 -25.84
C THR C 127 13.09 -13.69 -26.43
N HIS C 128 13.80 -12.71 -27.01
CA HIS C 128 13.22 -11.41 -27.44
C HIS C 128 12.04 -11.47 -28.43
N ASP C 129 11.96 -12.53 -29.22
CA ASP C 129 10.81 -12.76 -30.12
C ASP C 129 9.53 -13.24 -29.40
N GLY C 130 9.59 -13.42 -28.09
CA GLY C 130 8.44 -13.88 -27.31
C GLY C 130 8.48 -15.36 -26.99
N SER C 131 9.43 -16.09 -27.56
CA SER C 131 9.51 -17.53 -27.38
C SER C 131 10.04 -17.89 -25.99
N VAL C 132 9.59 -19.03 -25.48
CA VAL C 132 9.92 -19.52 -24.15
C VAL C 132 10.45 -20.94 -24.27
N MET C 133 11.42 -21.28 -23.43
CA MET C 133 11.89 -22.65 -23.29
C MET C 133 11.93 -23.01 -21.81
N PHE C 134 11.23 -24.09 -21.45
CA PHE C 134 11.10 -24.52 -20.06
C PHE C 134 11.25 -26.04 -20.01
N ILE C 135 12.23 -26.52 -19.23
CA ILE C 135 12.62 -27.93 -19.21
C ILE C 135 12.68 -28.48 -17.78
N PRO C 136 11.50 -28.74 -17.17
CA PRO C 136 11.47 -29.35 -15.83
C PRO C 136 11.74 -30.86 -15.84
N ALA C 137 12.61 -31.32 -14.94
CA ALA C 137 12.87 -32.75 -14.75
C ALA C 137 11.89 -33.31 -13.74
N GLN C 138 11.36 -34.50 -14.03
CA GLN C 138 10.26 -35.07 -13.27
C GLN C 138 10.50 -36.56 -13.01
N ARG C 139 9.97 -37.06 -11.89
CA ARG C 139 9.78 -38.49 -11.69
C ARG C 139 8.29 -38.78 -11.64
N LEU C 140 7.88 -39.82 -12.36
CA LEU C 140 6.47 -40.15 -12.57
C LEU C 140 6.21 -41.61 -12.27
N SER C 141 5.26 -41.89 -11.39
CA SER C 141 4.66 -43.21 -11.26
C SER C 141 3.41 -43.26 -12.14
N PHE C 142 3.35 -44.21 -13.06
CA PHE C 142 2.22 -44.35 -13.98
C PHE C 142 1.81 -45.81 -14.21
N MET C 143 0.59 -45.98 -14.71
CA MET C 143 -0.03 -47.30 -14.86
C MET C 143 0.62 -48.06 -16.02
N CYS C 144 1.11 -49.26 -15.72
CA CYS C 144 1.89 -50.06 -16.67
C CYS C 144 2.12 -51.47 -16.12
N ASP C 145 1.72 -52.49 -16.88
CA ASP C 145 1.97 -53.89 -16.50
C ASP C 145 3.39 -54.29 -16.93
N PRO C 146 4.29 -54.58 -15.97
CA PRO C 146 5.65 -54.97 -16.30
C PRO C 146 5.85 -56.48 -16.53
N THR C 147 4.80 -57.27 -16.33
CA THR C 147 4.89 -58.73 -16.47
C THR C 147 5.42 -59.10 -17.85
N GLY C 148 6.60 -59.74 -17.87
CA GLY C 148 7.28 -60.13 -19.09
C GLY C 148 8.50 -59.28 -19.43
N VAL C 149 8.78 -58.27 -18.60
CA VAL C 149 9.94 -57.39 -18.80
C VAL C 149 11.28 -58.15 -18.82
N ASP C 150 11.37 -59.24 -18.05
CA ASP C 150 12.57 -60.09 -18.02
C ASP C 150 12.79 -61.01 -19.25
N SER C 151 11.91 -60.93 -20.25
CA SER C 151 12.06 -61.68 -21.50
C SER C 151 12.85 -60.87 -22.54
N GLU C 152 13.03 -61.46 -23.73
CA GLU C 152 13.67 -60.79 -24.85
C GLU C 152 12.73 -59.83 -25.58
N GLU C 153 11.47 -60.23 -25.77
CA GLU C 153 10.45 -59.34 -26.37
C GLU C 153 10.16 -58.11 -25.48
N GLY C 154 10.29 -58.27 -24.17
CA GLY C 154 10.05 -57.19 -23.22
C GLY C 154 8.59 -56.86 -23.10
N VAL C 155 8.31 -55.62 -22.70
CA VAL C 155 6.94 -55.10 -22.59
C VAL C 155 6.88 -53.69 -23.18
N THR C 156 5.71 -53.33 -23.70
CA THR C 156 5.44 -51.98 -24.18
C THR C 156 4.52 -51.31 -23.16
N CYS C 157 4.71 -50.01 -22.96
N CYS C 157 4.70 -50.00 -22.97
CA CYS C 157 3.88 -49.22 -22.05
C CYS C 157 3.79 -47.78 -22.51
C CYS C 157 3.75 -47.81 -22.59
N ALA C 158 2.63 -47.16 -22.26
CA ALA C 158 2.30 -45.84 -22.80
C ALA C 158 1.65 -44.93 -21.76
N VAL C 159 1.92 -43.62 -21.87
CA VAL C 159 1.31 -42.60 -21.04
C VAL C 159 1.11 -41.31 -21.86
N LYS C 160 -0.08 -40.74 -21.77
CA LYS C 160 -0.45 -39.55 -22.52
C LYS C 160 -0.14 -38.30 -21.71
N PHE C 161 0.56 -37.35 -22.33
CA PHE C 161 0.82 -36.03 -21.74
C PHE C 161 0.04 -34.96 -22.48
N GLY C 162 -0.87 -34.29 -21.79
CA GLY C 162 -1.63 -33.18 -22.37
C GLY C 162 -2.11 -32.21 -21.32
N SER C 163 -2.69 -31.10 -21.78
CA SER C 163 -3.33 -30.13 -20.89
C SER C 163 -4.51 -30.79 -20.19
N TRP C 164 -4.67 -30.51 -18.90
CA TRP C 164 -5.79 -31.06 -18.14
C TRP C 164 -7.12 -30.35 -18.46
N VAL C 165 -7.08 -29.03 -18.67
CA VAL C 165 -8.31 -28.22 -18.83
C VAL C 165 -8.52 -27.51 -20.17
N TYR C 166 -7.47 -27.33 -20.98
CA TYR C 166 -7.60 -26.67 -22.28
C TYR C 166 -7.77 -27.69 -23.41
N SER C 167 -8.76 -27.45 -24.27
CA SER C 167 -9.02 -28.30 -25.44
C SER C 167 -8.09 -27.96 -26.61
N GLY C 168 -8.28 -28.64 -27.74
CA GLY C 168 -7.55 -28.33 -28.97
C GLY C 168 -7.79 -26.94 -29.54
N PHE C 169 -8.96 -26.36 -29.24
CA PHE C 169 -9.29 -24.98 -29.63
C PHE C 169 -8.45 -23.91 -28.92
N GLU C 170 -7.98 -24.22 -27.71
CA GLU C 170 -7.14 -23.30 -26.92
C GLU C 170 -5.66 -23.70 -26.96
N ILE C 171 -5.37 -24.98 -26.68
CA ILE C 171 -4.00 -25.49 -26.69
C ILE C 171 -3.88 -26.68 -27.65
N ASP C 172 -3.17 -26.47 -28.75
CA ASP C 172 -2.70 -27.54 -29.62
C ASP C 172 -1.31 -27.96 -29.12
N LEU C 173 -0.89 -29.17 -29.47
CA LEU C 173 0.46 -29.66 -29.18
C LEU C 173 1.12 -30.15 -30.45
N LYS C 174 2.45 -30.24 -30.43
CA LYS C 174 3.22 -30.92 -31.47
C LYS C 174 4.59 -31.36 -30.93
N THR C 175 5.32 -32.11 -31.76
CA THR C 175 6.67 -32.55 -31.44
C THR C 175 7.62 -32.18 -32.58
N ASP C 176 8.86 -31.83 -32.24
CA ASP C 176 9.91 -31.60 -33.24
C ASP C 176 10.45 -32.91 -33.85
N THR C 177 10.27 -34.02 -33.13
CA THR C 177 10.60 -35.34 -33.66
C THR C 177 9.74 -36.41 -32.98
N ASP C 178 9.49 -37.51 -33.69
CA ASP C 178 8.78 -38.67 -33.12
C ASP C 178 9.64 -39.51 -32.18
N GLN C 179 10.97 -39.35 -32.24
CA GLN C 179 11.89 -40.13 -31.42
C GLN C 179 12.18 -39.43 -30.09
N VAL C 180 12.02 -40.16 -28.99
CA VAL C 180 12.45 -39.70 -27.67
C VAL C 180 13.98 -39.67 -27.60
N ASP C 181 14.51 -38.65 -26.93
CA ASP C 181 15.95 -38.46 -26.78
C ASP C 181 16.49 -39.45 -25.73
N LEU C 182 17.32 -40.38 -26.18
CA LEU C 182 17.90 -41.42 -25.31
C LEU C 182 19.40 -41.24 -25.01
N SER C 183 19.98 -40.11 -25.44
CA SER C 183 21.43 -39.90 -25.31
C SER C 183 21.91 -39.64 -23.88
N SER C 184 21.00 -39.28 -22.97
CA SER C 184 21.29 -39.19 -21.53
C SER C 184 20.66 -40.34 -20.71
N TYR C 185 20.34 -41.46 -21.36
CA TYR C 185 19.77 -42.61 -20.66
C TYR C 185 20.85 -43.34 -19.88
N TYR C 186 20.54 -43.64 -18.61
CA TYR C 186 21.50 -44.24 -17.67
C TYR C 186 22.00 -45.59 -18.18
N ALA C 187 23.32 -45.69 -18.36
CA ALA C 187 23.94 -46.86 -19.00
C ALA C 187 23.88 -48.13 -18.15
N SER C 188 23.91 -47.98 -16.82
CA SER C 188 23.80 -49.12 -15.90
C SER C 188 22.43 -49.24 -15.24
N SER C 189 21.37 -48.81 -15.95
CA SER C 189 20.00 -49.04 -15.52
C SER C 189 19.69 -50.54 -15.56
N LYS C 190 18.72 -50.97 -14.75
CA LYS C 190 18.28 -52.37 -14.77
C LYS C 190 17.55 -52.71 -16.07
N TYR C 191 16.96 -51.69 -16.72
CA TYR C 191 16.22 -51.87 -17.96
C TYR C 191 16.88 -51.13 -19.12
N GLU C 192 16.77 -51.71 -20.32
CA GLU C 192 17.22 -51.08 -21.56
C GLU C 192 16.04 -50.78 -22.46
N ILE C 193 16.20 -49.75 -23.29
CA ILE C 193 15.14 -49.25 -24.15
C ILE C 193 15.29 -49.88 -25.53
N LEU C 194 14.23 -50.53 -26.00
CA LEU C 194 14.16 -51.10 -27.35
C LEU C 194 13.63 -50.09 -28.34
N SER C 195 12.63 -49.32 -27.91
CA SER C 195 12.14 -48.16 -28.66
C SER C 195 11.40 -47.20 -27.74
N ALA C 196 11.49 -45.91 -28.05
CA ALA C 196 10.85 -44.86 -27.28
C ALA C 196 10.39 -43.77 -28.23
N THR C 197 9.07 -43.52 -28.27
CA THR C 197 8.48 -42.56 -29.19
C THR C 197 7.54 -41.59 -28.50
N GLN C 198 7.28 -40.47 -29.18
CA GLN C 198 6.44 -39.38 -28.70
C GLN C 198 5.58 -38.85 -29.84
N THR C 199 4.28 -39.17 -29.80
CA THR C 199 3.38 -38.93 -30.94
C THR C 199 2.13 -38.14 -30.53
N ARG C 200 1.74 -37.21 -31.38
CA ARG C 200 0.54 -36.39 -31.16
C ARG C 200 -0.72 -37.23 -31.38
N GLN C 201 -1.67 -37.10 -30.44
CA GLN C 201 -2.97 -37.77 -30.53
C GLN C 201 -4.11 -36.81 -30.20
N VAL C 202 -5.30 -37.15 -30.69
CA VAL C 202 -6.55 -36.47 -30.37
C VAL C 202 -7.40 -37.42 -29.54
N GLN C 203 -8.09 -36.90 -28.52
CA GLN C 203 -8.97 -37.70 -27.65
C GLN C 203 -10.26 -36.95 -27.31
N HIS C 204 -11.30 -37.70 -26.93
CA HIS C 204 -12.55 -37.15 -26.41
C HIS C 204 -12.87 -37.76 -25.03
N TYR C 205 -13.51 -36.97 -24.17
CA TYR C 205 -13.82 -37.37 -22.79
C TYR C 205 -15.28 -37.05 -22.44
N SER C 206 -15.80 -37.73 -21.42
CA SER C 206 -17.23 -37.66 -21.05
C SER C 206 -17.73 -36.26 -20.69
N CYS C 207 -16.91 -35.49 -20.00
CA CYS C 207 -17.27 -34.12 -19.56
C CYS C 207 -17.72 -33.20 -20.68
N CYS C 208 -17.02 -33.30 -21.81
CA CYS C 208 -16.86 -32.20 -22.75
C CYS C 208 -16.98 -32.67 -24.21
N PRO C 209 -17.70 -31.92 -25.07
CA PRO C 209 -17.81 -32.32 -26.49
C PRO C 209 -16.57 -32.05 -27.35
N GLU C 210 -15.70 -31.14 -26.92
CA GLU C 210 -14.56 -30.69 -27.76
C GLU C 210 -13.33 -31.61 -27.60
N PRO C 211 -12.51 -31.72 -28.68
CA PRO C 211 -11.36 -32.62 -28.65
C PRO C 211 -10.17 -32.07 -27.86
N TYR C 212 -9.45 -32.97 -27.17
CA TYR C 212 -8.28 -32.63 -26.37
C TYR C 212 -7.05 -33.28 -26.99
N ILE C 213 -5.93 -32.56 -27.00
CA ILE C 213 -4.69 -33.04 -27.60
C ILE C 213 -3.75 -33.57 -26.52
N ASP C 214 -2.96 -34.59 -26.88
CA ASP C 214 -1.89 -35.08 -26.02
C ASP C 214 -0.72 -35.61 -26.86
N VAL C 215 0.45 -35.70 -26.22
CA VAL C 215 1.59 -36.43 -26.78
C VAL C 215 1.70 -37.77 -26.05
N ASN C 216 1.50 -38.86 -26.79
CA ASN C 216 1.53 -40.21 -26.23
C ASN C 216 2.98 -40.74 -26.19
N LEU C 217 3.52 -40.84 -24.98
CA LEU C 217 4.86 -41.39 -24.76
C LEU C 217 4.79 -42.92 -24.71
N VAL C 218 5.21 -43.57 -25.77
CA VAL C 218 5.22 -45.04 -25.86
C VAL C 218 6.66 -45.56 -25.70
N VAL C 219 6.91 -46.32 -24.63
CA VAL C 219 8.26 -46.82 -24.32
C VAL C 219 8.25 -48.35 -24.26
N LYS C 220 9.06 -48.96 -25.11
CA LYS C 220 9.29 -50.41 -25.11
C LYS C 220 10.59 -50.69 -24.38
N PHE C 221 10.57 -51.66 -23.46
CA PHE C 221 11.75 -51.95 -22.64
C PHE C 221 11.83 -53.38 -22.10
N ARG C 222 13.03 -53.77 -21.67
CA ARG C 222 13.30 -55.08 -21.08
C ARG C 222 14.50 -54.99 -20.12
N GLU C 223 14.69 -56.01 -19.29
CA GLU C 223 15.88 -56.11 -18.43
C GLU C 223 17.13 -56.39 -19.26
N ARG C 224 18.23 -55.69 -18.98
CA ARG C 224 19.51 -55.94 -19.66
C ARG C 224 20.20 -57.17 -19.05
N GLN D 20 23.11 -4.12 16.56
CA GLN D 20 21.67 -4.21 16.18
C GLN D 20 21.19 -3.07 15.27
N ALA D 21 21.46 -1.82 15.64
CA ALA D 21 21.05 -0.65 14.84
C ALA D 21 21.85 -0.54 13.54
N ASN D 22 23.17 -0.75 13.64
CA ASN D 22 24.05 -0.70 12.47
C ASN D 22 23.82 -1.83 11.47
N LEU D 23 23.50 -3.04 11.96
CA LEU D 23 23.13 -4.16 11.10
C LEU D 23 21.78 -3.94 10.43
N MET D 24 20.79 -3.48 11.22
CA MET D 24 19.46 -3.10 10.70
C MET D 24 19.55 -2.12 9.53
N ARG D 25 20.37 -1.08 9.67
CA ARG D 25 20.62 -0.13 8.58
C ARG D 25 21.23 -0.81 7.36
N LEU D 26 22.26 -1.62 7.59
CA LEU D 26 22.98 -2.28 6.51
C LEU D 26 22.06 -3.20 5.68
N LYS D 27 21.28 -4.03 6.37
CA LYS D 27 20.37 -4.96 5.69
C LYS D 27 19.31 -4.23 4.88
N SER D 28 18.72 -3.19 5.47
CA SER D 28 17.73 -2.35 4.78
C SER D 28 18.33 -1.64 3.55
N ASP D 29 19.58 -1.17 3.67
CA ASP D 29 20.27 -0.54 2.53
C ASP D 29 20.64 -1.52 1.42
N LEU D 30 21.03 -2.75 1.78
CA LEU D 30 21.34 -3.77 0.78
C LEU D 30 20.06 -4.31 0.11
N PHE D 31 19.02 -4.57 0.90
CA PHE D 31 17.83 -5.30 0.43
C PHE D 31 16.61 -4.43 0.12
N ASN D 32 16.13 -3.65 1.09
CA ASN D 32 14.90 -2.84 0.90
C ASN D 32 15.09 -1.66 -0.07
N ARG D 33 16.33 -1.20 -0.22
CA ARG D 33 16.66 0.00 -0.97
C ARG D 33 16.73 -0.26 -2.48
N SER D 34 17.44 -1.33 -2.86
CA SER D 34 17.66 -1.69 -4.26
C SER D 34 16.62 -2.69 -4.78
N PRO D 35 16.46 -2.78 -6.12
CA PRO D 35 15.71 -3.91 -6.71
C PRO D 35 16.59 -5.16 -6.78
N MET D 36 15.96 -6.33 -6.69
CA MET D 36 16.65 -7.62 -6.62
C MET D 36 17.62 -7.87 -7.78
N TYR D 37 18.71 -8.57 -7.48
CA TYR D 37 19.68 -9.01 -8.48
C TYR D 37 18.99 -10.00 -9.45
N PRO D 38 19.05 -9.74 -10.77
CA PRO D 38 18.39 -10.59 -11.76
C PRO D 38 19.20 -11.82 -12.22
N GLY D 39 20.20 -12.24 -11.45
CA GLY D 39 21.08 -13.35 -11.83
C GLY D 39 22.16 -12.93 -12.82
N PRO D 40 23.12 -13.83 -13.11
CA PRO D 40 24.21 -13.51 -14.01
C PRO D 40 23.78 -13.46 -15.47
N THR D 41 24.59 -12.79 -16.29
CA THR D 41 24.36 -12.67 -17.73
C THR D 41 25.65 -12.98 -18.48
N LYS D 42 25.57 -12.97 -19.81
CA LYS D 42 26.76 -13.13 -20.65
C LYS D 42 27.71 -11.94 -20.53
N ASP D 43 27.15 -10.74 -20.39
CA ASP D 43 27.94 -9.52 -20.15
C ASP D 43 28.56 -9.48 -18.75
N ASP D 44 27.80 -9.93 -17.74
CA ASP D 44 28.25 -9.95 -16.34
C ASP D 44 28.24 -11.39 -15.81
N PRO D 45 29.25 -12.20 -16.21
CA PRO D 45 29.33 -13.59 -15.74
C PRO D 45 29.70 -13.71 -14.26
N LEU D 46 29.63 -14.95 -13.76
CA LEU D 46 29.74 -15.23 -12.33
C LEU D 46 30.38 -16.60 -12.13
N THR D 47 31.38 -16.68 -11.26
CA THR D 47 32.03 -17.95 -10.94
C THR D 47 31.63 -18.40 -9.53
N VAL D 48 31.17 -19.65 -9.43
CA VAL D 48 30.74 -20.24 -8.16
C VAL D 48 31.76 -21.31 -7.75
N THR D 49 32.29 -21.18 -6.53
CA THR D 49 33.19 -22.21 -5.97
C THR D 49 32.36 -23.25 -5.22
N LEU D 50 32.44 -24.51 -5.65
CA LEU D 50 31.75 -25.62 -5.01
C LEU D 50 32.74 -26.54 -4.29
N GLY D 51 32.29 -27.08 -3.17
CA GLY D 51 33.02 -28.10 -2.42
C GLY D 51 32.04 -28.92 -1.59
N PHE D 52 32.22 -30.23 -1.57
CA PHE D 52 31.34 -31.16 -0.84
C PHE D 52 32.06 -31.72 0.37
N THR D 53 31.34 -31.85 1.49
CA THR D 53 31.81 -32.66 2.60
C THR D 53 30.81 -33.80 2.78
N LEU D 54 31.28 -35.02 2.58
CA LEU D 54 30.43 -36.21 2.62
C LEU D 54 30.31 -36.71 4.06
N GLN D 55 29.07 -36.78 4.57
CA GLN D 55 28.80 -37.22 5.94
C GLN D 55 28.51 -38.72 6.05
N ASP D 56 27.76 -39.27 5.09
CA ASP D 56 27.30 -40.67 5.16
C ASP D 56 26.76 -41.19 3.83
N ILE D 57 27.16 -42.41 3.46
CA ILE D 57 26.44 -43.22 2.48
C ILE D 57 25.44 -44.04 3.31
N VAL D 58 24.17 -43.65 3.25
CA VAL D 58 23.15 -44.15 4.17
C VAL D 58 22.64 -45.52 3.74
N LYS D 59 22.18 -45.59 2.49
CA LYS D 59 21.50 -46.76 1.96
C LYS D 59 21.93 -47.05 0.53
N VAL D 60 21.78 -48.30 0.14
CA VAL D 60 21.99 -48.76 -1.22
C VAL D 60 20.77 -49.62 -1.59
N ASP D 61 20.32 -49.50 -2.83
CA ASP D 61 19.25 -50.35 -3.37
C ASP D 61 19.74 -50.99 -4.67
N SER D 62 20.11 -52.27 -4.57
CA SER D 62 20.64 -53.03 -5.71
C SER D 62 19.58 -53.40 -6.73
N SER D 63 18.30 -53.39 -6.33
CA SER D 63 17.19 -53.71 -7.23
C SER D 63 16.75 -52.52 -8.10
N THR D 64 17.00 -51.28 -7.65
CA THR D 64 16.71 -50.06 -8.43
C THR D 64 17.94 -49.25 -8.87
N ASN D 65 19.14 -49.64 -8.41
CA ASN D 65 20.38 -48.87 -8.61
C ASN D 65 20.27 -47.40 -8.17
N GLU D 66 19.78 -47.20 -6.93
CA GLU D 66 19.74 -45.91 -6.27
C GLU D 66 20.65 -45.92 -5.05
N VAL D 67 21.37 -44.82 -4.81
CA VAL D 67 22.20 -44.68 -3.60
C VAL D 67 21.93 -43.34 -2.93
N ASP D 68 21.79 -43.38 -1.61
CA ASP D 68 21.44 -42.23 -0.79
C ASP D 68 22.67 -41.67 -0.07
N LEU D 69 23.04 -40.43 -0.38
CA LEU D 69 24.10 -39.70 0.32
C LEU D 69 23.51 -38.64 1.22
N VAL D 70 24.18 -38.38 2.33
CA VAL D 70 23.95 -37.21 3.15
C VAL D 70 25.25 -36.41 3.11
N TYR D 71 25.14 -35.13 2.77
CA TYR D 71 26.30 -34.25 2.61
C TYR D 71 25.87 -32.79 2.81
N TYR D 72 26.86 -31.91 3.00
CA TYR D 72 26.64 -30.48 2.79
C TYR D 72 27.57 -29.93 1.72
N GLU D 73 27.17 -28.80 1.16
CA GLU D 73 27.73 -28.29 -0.09
C GLU D 73 28.12 -26.83 0.05
N GLN D 74 29.41 -26.56 0.20
CA GLN D 74 29.91 -25.19 0.32
C GLN D 74 29.91 -24.47 -1.03
N GLN D 75 29.00 -23.49 -1.15
CA GLN D 75 28.86 -22.66 -2.34
C GLN D 75 29.41 -21.27 -2.04
N ARG D 76 30.17 -20.72 -2.99
CA ARG D 76 30.85 -19.41 -2.81
C ARG D 76 30.79 -18.59 -4.10
N TRP D 77 30.32 -17.35 -4.00
CA TRP D 77 30.32 -16.41 -5.13
C TRP D 77 30.41 -14.97 -4.62
N LYS D 78 30.59 -14.04 -5.55
CA LYS D 78 30.83 -12.63 -5.23
C LYS D 78 29.99 -11.70 -6.12
N LEU D 79 29.22 -10.81 -5.50
CA LEU D 79 28.41 -9.82 -6.21
C LEU D 79 28.81 -8.39 -5.83
N ASN D 80 29.01 -7.53 -6.83
CA ASN D 80 29.29 -6.11 -6.58
C ASN D 80 28.15 -5.42 -5.83
N SER D 81 26.91 -5.79 -6.14
CA SER D 81 25.72 -5.19 -5.51
C SER D 81 25.53 -5.54 -4.03
N LEU D 82 26.30 -6.52 -3.52
CA LEU D 82 26.33 -6.81 -2.08
C LEU D 82 27.56 -6.21 -1.36
N MET D 83 28.27 -5.27 -2.01
CA MET D 83 29.43 -4.61 -1.38
C MET D 83 29.00 -3.47 -0.46
N TRP D 84 29.76 -3.27 0.61
CA TRP D 84 29.63 -2.08 1.47
C TRP D 84 30.96 -1.74 2.13
N ASP D 85 31.08 -0.49 2.56
CA ASP D 85 32.23 0.01 3.29
C ASP D 85 31.94 -0.18 4.79
N PRO D 86 32.76 -1.00 5.49
CA PRO D 86 32.54 -1.20 6.94
C PRO D 86 32.59 0.06 7.81
N ASN D 87 33.32 1.10 7.36
CA ASN D 87 33.36 2.39 8.05
C ASN D 87 32.00 3.08 8.11
N GLU D 88 31.19 2.86 7.07
CA GLU D 88 29.87 3.48 6.97
C GLU D 88 28.80 2.78 7.84
N TYR D 89 29.08 1.56 8.32
CA TYR D 89 28.12 0.76 9.09
C TYR D 89 28.70 0.19 10.39
N GLY D 90 29.45 1.02 11.12
CA GLY D 90 30.00 0.65 12.42
C GLY D 90 30.94 -0.54 12.43
N ASN D 91 31.88 -0.57 11.47
CA ASN D 91 32.89 -1.64 11.35
C ASN D 91 32.34 -3.07 11.16
N ILE D 92 31.14 -3.21 10.60
CA ILE D 92 30.57 -4.53 10.35
C ILE D 92 31.22 -5.11 9.10
N THR D 93 31.97 -6.20 9.28
CA THR D 93 32.67 -6.87 8.19
C THR D 93 31.81 -7.93 7.48
N ASP D 94 30.86 -8.51 8.22
CA ASP D 94 29.96 -9.54 7.68
C ASP D 94 28.70 -9.74 8.52
N PHE D 95 27.74 -10.48 7.97
CA PHE D 95 26.51 -10.83 8.69
C PHE D 95 25.85 -12.11 8.15
N ARG D 96 25.08 -12.76 9.03
CA ARG D 96 24.22 -13.88 8.66
C ARG D 96 22.86 -13.34 8.21
N THR D 97 22.36 -13.80 7.07
CA THR D 97 21.02 -13.46 6.61
C THR D 97 20.35 -14.64 5.93
N SER D 98 19.02 -14.73 6.06
CA SER D 98 18.22 -15.76 5.41
C SER D 98 18.48 -15.80 3.90
N ALA D 99 18.58 -17.01 3.35
CA ALA D 99 18.90 -17.22 1.94
C ALA D 99 17.80 -16.77 0.97
N ALA D 100 16.59 -16.58 1.49
CA ALA D 100 15.48 -15.95 0.74
C ALA D 100 15.76 -14.49 0.36
N ASP D 101 16.54 -13.79 1.18
CA ASP D 101 16.85 -12.36 0.98
C ASP D 101 17.82 -12.09 -0.17
N ILE D 102 18.58 -13.11 -0.59
CA ILE D 102 19.54 -12.97 -1.69
C ILE D 102 19.27 -13.97 -2.79
N TRP D 103 19.86 -13.69 -3.95
CA TRP D 103 19.94 -14.64 -5.05
C TRP D 103 20.89 -15.77 -4.65
N THR D 104 20.55 -17.00 -5.02
CA THR D 104 21.42 -18.16 -4.85
C THR D 104 21.49 -18.92 -6.18
N PRO D 105 22.65 -19.57 -6.46
CA PRO D 105 22.78 -20.33 -7.71
C PRO D 105 21.92 -21.60 -7.70
N ASP D 106 21.41 -21.97 -8.87
CA ASP D 106 20.50 -23.10 -9.01
C ASP D 106 21.26 -24.41 -9.25
N ILE D 107 22.14 -24.75 -8.31
CA ILE D 107 23.04 -25.90 -8.45
C ILE D 107 22.21 -27.18 -8.24
N THR D 108 22.21 -28.06 -9.24
CA THR D 108 21.34 -29.23 -9.27
C THR D 108 22.15 -30.49 -9.57
N ALA D 109 21.71 -31.60 -8.98
CA ALA D 109 22.26 -32.92 -9.30
C ALA D 109 21.65 -33.38 -10.61
N TYR D 110 22.50 -33.82 -11.53
CA TYR D 110 22.07 -34.18 -12.89
C TYR D 110 21.61 -35.64 -13.07
N SER D 111 21.65 -36.43 -11.99
CA SER D 111 21.16 -37.81 -12.04
C SER D 111 20.43 -38.21 -10.75
N SER D 112 19.66 -37.29 -10.20
CA SER D 112 18.84 -37.58 -9.01
C SER D 112 17.63 -38.43 -9.39
N THR D 113 17.15 -39.22 -8.45
CA THR D 113 15.91 -40.01 -8.61
C THR D 113 14.80 -39.64 -7.62
N ARG D 114 15.07 -38.71 -6.70
CA ARG D 114 14.06 -38.15 -5.80
C ARG D 114 14.33 -36.67 -5.64
N PRO D 115 13.32 -35.88 -5.21
CA PRO D 115 13.62 -34.50 -4.83
C PRO D 115 14.60 -34.47 -3.66
N VAL D 116 15.46 -33.46 -3.66
CA VAL D 116 16.46 -33.31 -2.61
C VAL D 116 15.74 -33.01 -1.30
N GLN D 117 16.21 -33.61 -0.21
CA GLN D 117 15.66 -33.35 1.12
C GLN D 117 16.62 -32.45 1.88
N VAL D 118 16.10 -31.30 2.33
CA VAL D 118 16.89 -30.28 3.03
C VAL D 118 17.06 -30.68 4.49
N LEU D 119 18.31 -30.66 4.97
CA LEU D 119 18.65 -31.09 6.33
C LEU D 119 19.20 -29.99 7.24
N SER D 120 19.41 -28.78 6.70
CA SER D 120 19.88 -27.63 7.48
C SER D 120 18.98 -26.40 7.27
N PRO D 121 19.13 -25.36 8.11
CA PRO D 121 18.56 -24.06 7.81
C PRO D 121 19.15 -23.46 6.52
N GLN D 122 18.43 -22.51 5.94
CA GLN D 122 18.81 -21.90 4.67
C GLN D 122 19.28 -20.47 4.94
N ILE D 123 20.49 -20.37 5.48
CA ILE D 123 21.06 -19.09 5.90
C ILE D 123 22.47 -18.96 5.33
N ALA D 124 22.73 -17.83 4.68
CA ALA D 124 24.03 -17.52 4.08
C ALA D 124 24.77 -16.48 4.91
N VAL D 125 26.09 -16.43 4.71
CA VAL D 125 26.94 -15.43 5.33
C VAL D 125 27.43 -14.49 4.23
N VAL D 126 27.21 -13.18 4.42
CA VAL D 126 27.59 -12.15 3.45
C VAL D 126 28.69 -11.29 4.03
N THR D 127 29.73 -11.03 3.23
CA THR D 127 30.94 -10.31 3.66
C THR D 127 31.05 -8.98 2.90
N HIS D 128 31.71 -8.01 3.52
CA HIS D 128 31.77 -6.61 3.02
C HIS D 128 32.27 -6.43 1.58
N ASP D 129 33.13 -7.31 1.10
CA ASP D 129 33.60 -7.28 -0.29
C ASP D 129 32.63 -7.90 -1.31
N GLY D 130 31.40 -8.20 -0.88
CA GLY D 130 30.37 -8.73 -1.76
C GLY D 130 30.34 -10.26 -1.86
N SER D 131 31.24 -10.93 -1.14
CA SER D 131 31.33 -12.39 -1.23
C SER D 131 30.29 -13.06 -0.32
N VAL D 132 29.79 -14.20 -0.77
CA VAL D 132 28.74 -14.95 -0.08
C VAL D 132 29.25 -16.37 0.18
N MET D 133 28.93 -16.90 1.35
CA MET D 133 29.11 -18.32 1.68
C MET D 133 27.76 -18.91 2.08
N PHE D 134 27.37 -19.98 1.38
CA PHE D 134 26.10 -20.66 1.62
C PHE D 134 26.36 -22.17 1.61
N ILE D 135 26.00 -22.84 2.71
CA ILE D 135 26.35 -24.25 2.94
C ILE D 135 25.12 -25.07 3.35
N PRO D 136 24.25 -25.41 2.38
CA PRO D 136 23.08 -26.23 2.70
C PRO D 136 23.41 -27.72 2.81
N ALA D 137 22.79 -28.38 3.79
CA ALA D 137 22.90 -29.84 3.96
C ALA D 137 21.74 -30.52 3.26
N GLN D 138 22.03 -31.64 2.59
CA GLN D 138 21.08 -32.31 1.71
C GLN D 138 21.20 -33.83 1.80
N ARG D 139 20.07 -34.52 1.64
CA ARG D 139 20.06 -35.96 1.31
C ARG D 139 19.66 -36.13 -0.15
N LEU D 140 20.50 -36.84 -0.91
CA LEU D 140 20.29 -37.09 -2.35
C LEU D 140 20.18 -38.58 -2.63
N SER D 141 19.13 -38.97 -3.36
CA SER D 141 19.07 -40.28 -4.01
C SER D 141 19.49 -40.08 -5.46
N PHE D 142 20.44 -40.88 -5.95
CA PHE D 142 20.94 -40.78 -7.32
C PHE D 142 21.30 -42.13 -7.94
N MET D 143 21.45 -42.12 -9.26
CA MET D 143 21.64 -43.34 -10.06
C MET D 143 23.06 -43.90 -9.89
N CYS D 144 23.13 -45.16 -9.45
CA CYS D 144 24.40 -45.79 -9.09
C CYS D 144 24.20 -47.30 -8.96
N ASP D 145 24.91 -48.08 -9.79
CA ASP D 145 24.87 -49.54 -9.71
C ASP D 145 25.81 -49.97 -8.58
N PRO D 146 25.27 -50.55 -7.49
CA PRO D 146 26.08 -50.93 -6.34
C PRO D 146 26.54 -52.40 -6.36
N THR D 147 26.59 -53.03 -7.54
CA THR D 147 27.03 -54.41 -7.66
C THR D 147 28.55 -54.48 -7.44
N GLY D 148 28.96 -55.35 -6.51
CA GLY D 148 30.37 -55.50 -6.15
C GLY D 148 30.80 -54.63 -4.97
N VAL D 149 29.85 -53.96 -4.33
CA VAL D 149 30.12 -53.14 -3.13
C VAL D 149 30.62 -53.99 -1.95
N ASP D 150 30.27 -55.28 -1.92
CA ASP D 150 30.72 -56.22 -0.88
C ASP D 150 32.06 -56.92 -1.17
N SER D 151 32.96 -56.26 -1.91
CA SER D 151 34.29 -56.80 -2.23
C SER D 151 35.40 -55.83 -1.77
N GLU D 152 36.66 -56.21 -1.99
CA GLU D 152 37.79 -55.38 -1.59
C GLU D 152 37.93 -54.13 -2.48
N GLU D 153 37.79 -54.30 -3.79
CA GLU D 153 37.81 -53.15 -4.73
C GLU D 153 36.62 -52.21 -4.51
N GLY D 154 35.44 -52.79 -4.25
CA GLY D 154 34.23 -52.02 -4.02
C GLY D 154 33.62 -51.54 -5.33
N VAL D 155 32.98 -50.36 -5.27
CA VAL D 155 32.34 -49.74 -6.44
C VAL D 155 32.69 -48.26 -6.55
N THR D 156 32.64 -47.75 -7.77
CA THR D 156 32.80 -46.33 -8.06
C THR D 156 31.46 -45.81 -8.55
N CYS D 157 31.10 -44.60 -8.12
N CYS D 157 31.09 -44.59 -8.13
CA CYS D 157 29.84 -43.97 -8.53
C CYS D 157 29.96 -42.46 -8.62
C CYS D 157 30.06 -42.48 -8.69
N ALA D 158 29.39 -41.89 -9.67
CA ALA D 158 29.54 -40.46 -10.01
C ALA D 158 28.21 -39.74 -10.08
N VAL D 159 28.25 -38.43 -9.80
CA VAL D 159 27.07 -37.56 -9.94
C VAL D 159 27.51 -36.12 -10.25
N LYS D 160 27.02 -35.59 -11.36
CA LYS D 160 27.39 -34.25 -11.82
C LYS D 160 26.53 -33.21 -11.12
N PHE D 161 27.19 -32.19 -10.53
CA PHE D 161 26.51 -31.07 -9.92
C PHE D 161 26.79 -29.83 -10.75
N GLY D 162 25.74 -29.21 -11.27
CA GLY D 162 25.87 -27.97 -12.04
C GLY D 162 24.59 -27.16 -12.06
N SER D 163 24.66 -26.00 -12.69
CA SER D 163 23.48 -25.16 -12.90
C SER D 163 22.54 -25.85 -13.87
N TRP D 164 21.23 -25.79 -13.59
CA TRP D 164 20.23 -26.39 -14.46
C TRP D 164 19.98 -25.57 -15.74
N VAL D 165 20.00 -24.24 -15.61
CA VAL D 165 19.62 -23.34 -16.71
C VAL D 165 20.69 -22.38 -17.24
N TYR D 166 21.76 -22.13 -16.49
CA TYR D 166 22.83 -21.20 -16.92
C TYR D 166 24.01 -21.94 -17.53
N SER D 167 24.39 -21.52 -18.74
CA SER D 167 25.53 -22.09 -19.47
C SER D 167 26.85 -21.58 -18.89
N GLY D 168 27.96 -22.05 -19.47
CA GLY D 168 29.30 -21.56 -19.14
C GLY D 168 29.49 -20.06 -19.32
N PHE D 169 28.73 -19.45 -20.22
CA PHE D 169 28.78 -18.00 -20.46
C PHE D 169 28.17 -17.15 -19.33
N GLU D 170 27.26 -17.72 -18.53
CA GLU D 170 26.67 -17.03 -17.38
C GLU D 170 27.18 -17.54 -16.03
N ILE D 171 27.26 -18.87 -15.87
CA ILE D 171 27.82 -19.48 -14.65
C ILE D 171 28.97 -20.44 -15.00
N ASP D 172 30.15 -20.14 -14.45
CA ASP D 172 31.31 -21.04 -14.45
C ASP D 172 31.46 -21.58 -13.04
N LEU D 173 32.15 -22.72 -12.91
CA LEU D 173 32.40 -23.34 -11.61
C LEU D 173 33.89 -23.58 -11.42
N LYS D 174 34.29 -23.73 -10.16
CA LYS D 174 35.65 -24.16 -9.81
C LYS D 174 35.67 -24.77 -8.41
N THR D 175 36.81 -25.35 -8.04
CA THR D 175 37.01 -25.93 -6.71
C THR D 175 38.30 -25.39 -6.09
N ASP D 176 38.31 -25.23 -4.76
CA ASP D 176 39.54 -24.92 -4.04
C ASP D 176 40.48 -26.12 -4.17
N THR D 177 39.96 -27.29 -3.79
CA THR D 177 40.67 -28.55 -3.94
C THR D 177 39.76 -29.60 -4.59
N ASP D 178 40.37 -30.53 -5.32
CA ASP D 178 39.64 -31.66 -5.89
C ASP D 178 39.38 -32.79 -4.88
N GLN D 179 39.96 -32.71 -3.68
CA GLN D 179 39.72 -33.69 -2.62
C GLN D 179 38.47 -33.36 -1.80
N VAL D 180 37.47 -34.24 -1.86
CA VAL D 180 36.24 -34.09 -1.10
C VAL D 180 36.57 -34.17 0.40
N ASP D 181 35.94 -33.30 1.18
CA ASP D 181 36.15 -33.26 2.63
C ASP D 181 35.48 -34.49 3.26
N LEU D 182 36.30 -35.40 3.79
CA LEU D 182 35.84 -36.60 4.49
C LEU D 182 36.05 -36.53 6.00
N SER D 183 36.40 -35.35 6.51
CA SER D 183 36.71 -35.17 7.93
C SER D 183 35.50 -35.29 8.86
N SER D 184 34.29 -35.20 8.31
CA SER D 184 33.05 -35.41 9.08
C SER D 184 32.30 -36.68 8.66
N TYR D 185 32.96 -37.60 7.96
CA TYR D 185 32.30 -38.82 7.50
C TYR D 185 32.03 -39.74 8.70
N TYR D 186 30.87 -40.40 8.66
CA TYR D 186 30.39 -41.22 9.77
C TYR D 186 31.24 -42.50 9.92
N ALA D 187 31.92 -42.60 11.07
CA ALA D 187 32.86 -43.69 11.32
C ALA D 187 32.19 -45.07 11.40
N SER D 188 30.94 -45.13 11.89
CA SER D 188 30.19 -46.40 11.95
C SER D 188 29.16 -46.54 10.82
N SER D 189 29.45 -45.97 9.65
CA SER D 189 28.63 -46.15 8.46
C SER D 189 28.70 -47.59 7.98
N LYS D 190 27.68 -48.02 7.22
CA LYS D 190 27.70 -49.34 6.57
C LYS D 190 28.77 -49.43 5.48
N TYR D 191 29.15 -48.27 4.93
CA TYR D 191 30.13 -48.19 3.86
C TYR D 191 31.26 -47.26 4.25
N GLU D 192 32.50 -47.72 4.08
CA GLU D 192 33.67 -46.86 4.26
C GLU D 192 34.06 -46.27 2.91
N ILE D 193 34.55 -45.03 2.93
CA ILE D 193 34.98 -44.33 1.71
C ILE D 193 36.46 -44.63 1.50
N LEU D 194 36.78 -45.14 0.32
CA LEU D 194 38.18 -45.32 -0.09
C LEU D 194 38.73 -43.96 -0.50
N SER D 195 38.06 -43.31 -1.45
CA SER D 195 38.40 -41.96 -1.90
C SER D 195 37.17 -41.21 -2.39
N ALA D 196 37.34 -39.92 -2.63
CA ALA D 196 36.26 -39.07 -3.11
C ALA D 196 36.81 -37.79 -3.73
N THR D 197 36.59 -37.61 -5.03
CA THR D 197 37.05 -36.42 -5.75
C THR D 197 35.90 -35.53 -6.25
N GLN D 198 36.24 -34.28 -6.54
CA GLN D 198 35.30 -33.29 -7.09
C GLN D 198 36.02 -32.48 -8.17
N THR D 199 35.61 -32.67 -9.42
CA THR D 199 36.38 -32.19 -10.58
C THR D 199 35.50 -31.46 -11.59
N ARG D 200 35.96 -30.27 -12.01
CA ARG D 200 35.27 -29.45 -13.00
C ARG D 200 35.16 -30.19 -14.34
N GLN D 201 34.02 -30.01 -15.01
CA GLN D 201 33.74 -30.63 -16.31
C GLN D 201 32.93 -29.71 -17.20
N VAL D 202 33.12 -29.86 -18.51
CA VAL D 202 32.30 -29.21 -19.52
C VAL D 202 31.42 -30.28 -20.18
N GLN D 203 30.17 -29.92 -20.46
CA GLN D 203 29.21 -30.85 -21.08
C GLN D 203 28.35 -30.11 -22.10
N HIS D 204 27.82 -30.88 -23.07
CA HIS D 204 26.84 -30.38 -24.04
C HIS D 204 25.57 -31.22 -23.97
N TYR D 205 24.44 -30.58 -24.30
CA TYR D 205 23.11 -31.19 -24.22
C TYR D 205 22.32 -30.89 -25.50
N SER D 206 21.20 -31.59 -25.66
CA SER D 206 20.40 -31.52 -26.90
C SER D 206 19.70 -30.19 -27.11
N CYS D 207 19.20 -29.58 -26.03
CA CYS D 207 18.50 -28.29 -26.10
C CYS D 207 19.31 -27.21 -26.80
N CYS D 208 20.57 -27.10 -26.41
CA CYS D 208 21.33 -25.87 -26.50
C CYS D 208 22.70 -26.12 -27.13
N PRO D 209 23.22 -25.17 -27.92
CA PRO D 209 24.55 -25.32 -28.54
C PRO D 209 25.74 -24.98 -27.61
N GLU D 210 25.49 -24.21 -26.55
CA GLU D 210 26.56 -23.66 -25.71
C GLU D 210 26.94 -24.63 -24.57
N PRO D 211 28.22 -24.61 -24.13
CA PRO D 211 28.68 -25.54 -23.11
C PRO D 211 28.15 -25.25 -21.70
N TYR D 212 27.88 -26.31 -20.95
CA TYR D 212 27.44 -26.22 -19.55
C TYR D 212 28.49 -26.81 -18.62
N ILE D 213 28.64 -26.21 -17.44
CA ILE D 213 29.72 -26.57 -16.50
C ILE D 213 29.14 -27.35 -15.31
N ASP D 214 29.90 -28.37 -14.87
CA ASP D 214 29.56 -29.14 -13.67
C ASP D 214 30.79 -29.56 -12.88
N VAL D 215 30.60 -29.85 -11.59
CA VAL D 215 31.60 -30.49 -10.75
C VAL D 215 31.14 -31.94 -10.54
N ASN D 216 31.92 -32.89 -11.08
CA ASN D 216 31.61 -34.31 -10.98
C ASN D 216 32.09 -34.87 -9.64
N LEU D 217 31.15 -35.34 -8.82
CA LEU D 217 31.45 -35.93 -7.51
C LEU D 217 31.63 -37.44 -7.67
N VAL D 218 32.89 -37.90 -7.70
CA VAL D 218 33.21 -39.33 -7.90
C VAL D 218 33.60 -39.95 -6.56
N VAL D 219 32.89 -41.00 -6.16
CA VAL D 219 33.07 -41.61 -4.83
C VAL D 219 33.33 -43.13 -4.97
N LYS D 220 34.44 -43.59 -4.39
CA LYS D 220 34.79 -45.01 -4.28
C LYS D 220 34.48 -45.50 -2.86
N PHE D 221 33.66 -46.54 -2.73
CA PHE D 221 33.30 -47.09 -1.42
C PHE D 221 33.06 -48.60 -1.46
N ARG D 222 32.91 -49.19 -0.26
CA ARG D 222 32.61 -50.61 -0.09
C ARG D 222 31.94 -50.86 1.26
N GLU D 223 31.32 -52.01 1.48
CA GLU D 223 30.87 -52.30 2.86
C GLU D 223 32.12 -52.52 3.75
N ARG D 224 32.07 -52.18 5.03
CA ARG D 224 33.27 -52.37 5.90
C ARG D 224 33.24 -53.73 6.61
N GLN E 20 -7.51 -8.87 27.36
CA GLN E 20 -7.38 -8.90 25.86
C GLN E 20 -6.78 -7.61 25.25
N ALA E 21 -7.24 -6.44 25.68
CA ALA E 21 -6.82 -5.16 25.10
C ALA E 21 -5.35 -4.82 25.31
N ASN E 22 -4.85 -5.04 26.54
CA ASN E 22 -3.47 -4.72 26.88
C ASN E 22 -2.44 -5.65 26.23
N LEU E 23 -2.82 -6.91 25.98
CA LEU E 23 -1.93 -7.84 25.29
C LEU E 23 -1.82 -7.55 23.79
N MET E 24 -2.93 -7.19 23.15
CA MET E 24 -2.93 -6.75 21.75
C MET E 24 -1.99 -5.55 21.54
N ARG E 25 -2.12 -4.57 22.43
CA ARG E 25 -1.20 -3.41 22.50
C ARG E 25 0.25 -3.82 22.56
N LEU E 26 0.56 -4.67 23.55
CA LEU E 26 1.93 -5.10 23.83
C LEU E 26 2.56 -5.77 22.62
N LYS E 27 1.82 -6.66 21.99
CA LYS E 27 2.29 -7.36 20.79
C LYS E 27 2.48 -6.41 19.62
N SER E 28 1.56 -5.46 19.47
CA SER E 28 1.69 -4.41 18.44
C SER E 28 2.93 -3.53 18.66
N ASP E 29 3.18 -3.15 19.91
CA ASP E 29 4.35 -2.32 20.25
C ASP E 29 5.69 -3.06 20.11
N LEU E 30 5.70 -4.36 20.36
CA LEU E 30 6.90 -5.19 20.17
C LEU E 30 7.16 -5.55 18.71
N PHE E 31 6.11 -5.97 18.00
CA PHE E 31 6.27 -6.60 16.68
C PHE E 31 5.95 -5.67 15.50
N ASN E 32 4.80 -5.00 15.53
CA ASN E 32 4.37 -4.15 14.41
C ASN E 32 5.16 -2.85 14.34
N ARG E 33 5.40 -2.23 15.50
CA ARG E 33 6.15 -0.97 15.61
C ARG E 33 7.64 -1.13 15.23
N SER E 34 8.30 -2.10 15.82
CA SER E 34 9.75 -2.26 15.68
C SER E 34 10.16 -2.87 14.33
N PRO E 35 11.36 -2.51 13.83
CA PRO E 35 11.95 -3.23 12.70
C PRO E 35 12.57 -4.54 13.20
N MET E 36 12.61 -5.56 12.35
CA MET E 36 12.86 -6.93 12.79
C MET E 36 14.29 -7.14 13.31
N TYR E 37 14.40 -7.92 14.39
CA TYR E 37 15.68 -8.26 15.00
C TYR E 37 16.52 -9.07 14.00
N PRO E 38 17.71 -8.57 13.62
CA PRO E 38 18.52 -9.24 12.60
C PRO E 38 19.36 -10.42 13.11
N GLY E 39 19.29 -10.73 14.41
CA GLY E 39 19.98 -11.88 14.99
C GLY E 39 21.21 -11.45 15.77
N PRO E 40 21.89 -12.42 16.40
CA PRO E 40 23.09 -12.12 17.19
C PRO E 40 24.31 -11.79 16.32
N THR E 41 25.25 -11.04 16.91
CA THR E 41 26.51 -10.65 16.25
C THR E 41 27.68 -10.79 17.22
N LYS E 42 28.89 -10.56 16.72
CA LYS E 42 30.10 -10.56 17.57
C LYS E 42 30.06 -9.47 18.64
N ASP E 43 29.51 -8.31 18.30
CA ASP E 43 29.36 -7.20 19.24
C ASP E 43 28.21 -7.40 20.24
N ASP E 44 27.14 -8.07 19.81
CA ASP E 44 25.98 -8.36 20.66
C ASP E 44 25.69 -9.86 20.66
N PRO E 45 26.52 -10.64 21.39
CA PRO E 45 26.38 -12.10 21.39
C PRO E 45 25.22 -12.59 22.25
N LEU E 46 24.94 -13.89 22.19
CA LEU E 46 23.72 -14.47 22.76
C LEU E 46 23.96 -15.89 23.23
N THR E 47 23.55 -16.20 24.46
CA THR E 47 23.68 -17.56 25.00
C THR E 47 22.32 -18.25 25.03
N VAL E 48 22.29 -19.48 24.53
CA VAL E 48 21.05 -20.26 24.41
C VAL E 48 21.17 -21.52 25.25
N THR E 49 20.30 -21.68 26.25
CA THR E 49 20.31 -22.88 27.09
C THR E 49 19.48 -23.98 26.42
N LEU E 50 20.07 -25.17 26.29
CA LEU E 50 19.39 -26.34 25.72
C LEU E 50 19.21 -27.45 26.75
N GLY E 51 18.02 -28.04 26.77
CA GLY E 51 17.74 -29.26 27.53
C GLY E 51 16.84 -30.17 26.72
N PHE E 52 17.06 -31.47 26.82
CA PHE E 52 16.28 -32.46 26.08
C PHE E 52 15.49 -33.31 27.06
N THR E 53 14.29 -33.71 26.66
CA THR E 53 13.56 -34.77 27.37
C THR E 53 13.21 -35.86 26.35
N LEU E 54 13.75 -37.05 26.58
CA LEU E 54 13.59 -38.17 25.67
C LEU E 54 12.29 -38.91 25.98
N GLN E 55 11.41 -39.00 24.98
CA GLN E 55 10.13 -39.70 25.12
C GLN E 55 10.18 -41.15 24.63
N ASP E 56 10.87 -41.39 23.51
CA ASP E 56 10.87 -42.71 22.89
C ASP E 56 12.00 -42.90 21.87
N ILE E 57 12.61 -44.08 21.89
CA ILE E 57 13.40 -44.58 20.75
C ILE E 57 12.40 -45.46 20.00
N VAL E 58 11.91 -44.96 18.88
CA VAL E 58 10.83 -45.60 18.15
C VAL E 58 11.38 -46.79 17.36
N LYS E 59 12.32 -46.50 16.46
CA LYS E 59 12.76 -47.46 15.46
C LYS E 59 14.28 -47.52 15.34
N VAL E 60 14.74 -48.70 14.94
CA VAL E 60 16.12 -48.97 14.62
C VAL E 60 16.15 -49.55 13.20
N ASP E 61 17.22 -49.27 12.46
CA ASP E 61 17.44 -49.87 11.15
C ASP E 61 18.89 -50.33 11.04
N SER E 62 19.11 -51.63 11.20
CA SER E 62 20.45 -52.22 11.12
C SER E 62 20.99 -52.38 9.69
N SER E 63 20.17 -52.14 8.67
CA SER E 63 20.61 -52.18 7.26
C SER E 63 21.12 -50.82 6.75
N THR E 64 20.73 -49.73 7.43
CA THR E 64 21.16 -48.37 7.08
C THR E 64 21.90 -47.63 8.20
N ASN E 65 21.97 -48.21 9.39
CA ASN E 65 22.51 -47.53 10.58
C ASN E 65 21.86 -46.16 10.79
N GLU E 66 20.53 -46.20 10.91
CA GLU E 66 19.70 -45.06 11.30
C GLU E 66 18.92 -45.45 12.55
N VAL E 67 18.69 -44.49 13.43
CA VAL E 67 17.85 -44.68 14.62
C VAL E 67 16.92 -43.47 14.76
N ASP E 68 15.68 -43.73 15.17
CA ASP E 68 14.63 -42.71 15.24
C ASP E 68 14.25 -42.40 16.70
N LEU E 69 14.49 -41.15 17.12
CA LEU E 69 14.13 -40.66 18.45
C LEU E 69 12.88 -39.80 18.39
N VAL E 70 12.15 -39.76 19.51
CA VAL E 70 11.08 -38.80 19.74
C VAL E 70 11.36 -38.11 21.06
N TYR E 71 11.54 -36.79 21.01
CA TYR E 71 11.90 -35.98 22.17
C TYR E 71 11.27 -34.59 22.02
N TYR E 72 11.32 -33.80 23.10
CA TYR E 72 11.18 -32.35 22.99
C TYR E 72 12.40 -31.66 23.57
N GLU E 73 12.64 -30.45 23.08
CA GLU E 73 13.91 -29.73 23.21
C GLU E 73 13.66 -28.33 23.75
N GLN E 74 13.90 -28.15 25.05
CA GLN E 74 13.70 -26.85 25.72
C GLN E 74 14.80 -25.88 25.32
N GLN E 75 14.41 -24.76 24.71
CA GLN E 75 15.34 -23.71 24.27
C GLN E 75 15.05 -22.43 25.04
N ARG E 76 16.07 -21.84 25.67
CA ARG E 76 15.94 -20.60 26.45
C ARG E 76 16.95 -19.55 25.95
N TRP E 77 16.49 -18.31 25.75
CA TRP E 77 17.38 -17.18 25.43
C TRP E 77 16.71 -15.87 25.86
N LYS E 78 17.43 -14.75 25.67
CA LYS E 78 17.00 -13.44 26.18
C LYS E 78 17.46 -12.29 25.29
N LEU E 79 16.51 -11.43 24.89
CA LEU E 79 16.79 -10.27 24.03
C LEU E 79 16.31 -8.98 24.70
N ASN E 80 17.13 -7.94 24.62
CA ASN E 80 16.75 -6.60 25.10
C ASN E 80 15.56 -6.02 24.33
N SER E 81 15.49 -6.32 23.02
CA SER E 81 14.38 -5.85 22.17
C SER E 81 13.01 -6.41 22.54
N LEU E 82 12.95 -7.53 23.27
CA LEU E 82 11.68 -8.10 23.74
C LEU E 82 11.30 -7.72 25.18
N MET E 83 12.03 -6.78 25.79
CA MET E 83 11.69 -6.27 27.13
C MET E 83 10.49 -5.34 27.13
N TRP E 84 9.78 -5.33 28.25
CA TRP E 84 8.74 -4.31 28.53
C TRP E 84 8.52 -4.19 30.03
N ASP E 85 7.85 -3.12 30.42
CA ASP E 85 7.47 -2.86 31.81
C ASP E 85 6.00 -3.27 31.99
N PRO E 86 5.73 -4.29 32.83
CA PRO E 86 4.34 -4.72 33.09
C PRO E 86 3.38 -3.62 33.58
N ASN E 87 3.89 -2.61 34.31
CA ASN E 87 3.06 -1.49 34.76
C ASN E 87 2.49 -0.65 33.61
N GLU E 88 3.19 -0.63 32.47
CA GLU E 88 2.73 0.06 31.26
C GLU E 88 1.62 -0.72 30.51
N TYR E 89 1.59 -2.05 30.67
CA TYR E 89 0.67 -2.93 29.92
C TYR E 89 -0.18 -3.83 30.84
N GLY E 90 -0.86 -3.20 31.81
CA GLY E 90 -1.82 -3.89 32.69
C GLY E 90 -1.29 -5.08 33.48
N ASN E 91 -0.06 -4.97 33.97
CA ASN E 91 0.62 -6.03 34.76
C ASN E 91 0.74 -7.39 34.05
N ILE E 92 1.01 -7.36 32.74
CA ILE E 92 1.28 -8.58 31.97
C ILE E 92 2.75 -8.93 32.12
N THR E 93 3.03 -10.01 32.85
CA THR E 93 4.40 -10.47 33.09
C THR E 93 4.93 -11.33 31.95
N ASP E 94 4.04 -11.99 31.21
CA ASP E 94 4.42 -12.85 30.09
C ASP E 94 3.25 -13.14 29.15
N PHE E 95 3.58 -13.65 27.96
CA PHE E 95 2.56 -14.08 27.00
C PHE E 95 3.07 -15.19 26.08
N ARG E 96 2.11 -15.89 25.48
CA ARG E 96 2.38 -16.87 24.43
C ARG E 96 2.23 -16.18 23.08
N THR E 97 3.09 -16.51 22.13
CA THR E 97 2.93 -16.06 20.75
C THR E 97 3.58 -17.02 19.77
N SER E 98 3.07 -17.02 18.54
CA SER E 98 3.64 -17.81 17.44
C SER E 98 5.15 -17.57 17.30
N ALA E 99 5.87 -18.65 16.97
CA ALA E 99 7.33 -18.59 16.80
C ALA E 99 7.76 -17.74 15.61
N ALA E 100 6.89 -17.61 14.60
CA ALA E 100 7.14 -16.74 13.45
C ALA E 100 7.22 -15.24 13.80
N ASP E 101 6.54 -14.82 14.88
CA ASP E 101 6.59 -13.42 15.34
C ASP E 101 7.94 -12.97 15.89
N ILE E 102 8.80 -13.92 16.25
CA ILE E 102 10.10 -13.63 16.87
C ILE E 102 11.22 -14.36 16.15
N TRP E 103 12.44 -13.92 16.44
CA TRP E 103 13.64 -14.65 16.02
C TRP E 103 13.76 -15.91 16.88
N THR E 104 14.14 -17.02 16.24
CA THR E 104 14.42 -18.28 16.94
C THR E 104 15.82 -18.75 16.56
N PRO E 105 16.55 -19.36 17.50
CA PRO E 105 17.89 -19.86 17.18
C PRO E 105 17.83 -21.03 16.19
N ASP E 106 18.80 -21.11 15.29
CA ASP E 106 18.82 -22.12 14.23
C ASP E 106 19.45 -23.45 14.69
N ILE E 107 18.92 -24.01 15.76
CA ILE E 107 19.51 -25.20 16.38
C ILE E 107 19.21 -26.43 15.52
N THR E 108 20.28 -27.05 15.00
CA THR E 108 20.18 -28.15 14.04
C THR E 108 20.91 -29.37 14.57
N ALA E 109 20.40 -30.55 14.21
CA ALA E 109 21.08 -31.81 14.51
C ALA E 109 22.12 -32.05 13.42
N TYR E 110 23.37 -32.27 13.84
CA TYR E 110 24.51 -32.35 12.91
C TYR E 110 24.68 -33.68 12.17
N SER E 111 24.01 -34.75 12.62
CA SER E 111 24.14 -36.07 12.01
C SER E 111 22.80 -36.66 11.54
N SER E 112 21.84 -35.80 11.19
CA SER E 112 20.52 -36.23 10.73
C SER E 112 20.56 -36.90 9.35
N THR E 113 19.69 -37.88 9.13
CA THR E 113 19.55 -38.58 7.85
C THR E 113 18.24 -38.24 7.10
N ARG E 114 17.25 -37.70 7.82
CA ARG E 114 15.99 -37.24 7.22
C ARG E 114 15.69 -35.84 7.75
N PRO E 115 14.84 -35.08 7.04
CA PRO E 115 14.36 -33.83 7.62
C PRO E 115 13.62 -34.06 8.94
N VAL E 116 13.88 -33.20 9.92
CA VAL E 116 13.20 -33.27 11.22
C VAL E 116 11.70 -33.12 11.04
N GLN E 117 10.93 -34.02 11.68
CA GLN E 117 9.46 -33.97 11.65
C GLN E 117 8.93 -33.30 12.92
N VAL E 118 8.25 -32.16 12.76
CA VAL E 118 7.75 -31.38 13.90
C VAL E 118 6.46 -32.03 14.44
N LEU E 119 6.42 -32.27 15.75
CA LEU E 119 5.28 -32.95 16.40
C LEU E 119 4.39 -32.05 17.24
N SER E 120 4.80 -30.80 17.45
CA SER E 120 4.07 -29.88 18.32
C SER E 120 3.85 -28.52 17.64
N PRO E 121 2.91 -27.71 18.17
CA PRO E 121 2.76 -26.31 17.76
C PRO E 121 4.02 -25.47 17.94
N GLN E 122 4.25 -24.55 17.01
CA GLN E 122 5.42 -23.66 17.04
C GLN E 122 5.03 -22.36 17.74
N ILE E 123 4.89 -22.45 19.07
CA ILE E 123 4.45 -21.32 19.90
C ILE E 123 5.43 -21.20 21.06
N ALA E 124 5.92 -19.99 21.31
CA ALA E 124 6.88 -19.72 22.37
C ALA E 124 6.25 -18.92 23.52
N VAL E 125 6.95 -18.87 24.65
CA VAL E 125 6.56 -18.08 25.81
C VAL E 125 7.59 -16.98 26.00
N VAL E 126 7.12 -15.74 26.16
CA VAL E 126 7.99 -14.55 26.28
C VAL E 126 7.66 -13.82 27.58
N THR E 127 8.69 -13.50 28.36
CA THR E 127 8.55 -12.89 29.70
C THR E 127 9.07 -11.44 29.71
N HIS E 128 8.55 -10.63 30.62
CA HIS E 128 8.81 -9.17 30.68
C HIS E 128 10.29 -8.74 30.64
N ASP E 129 11.17 -9.57 31.22
CA ASP E 129 12.63 -9.31 31.19
C ASP E 129 13.31 -9.57 29.83
N GLY E 130 12.54 -9.98 28.82
CA GLY E 130 13.08 -10.24 27.49
C GLY E 130 13.45 -11.70 27.27
N SER E 131 13.24 -12.55 28.27
CA SER E 131 13.56 -13.98 28.16
C SER E 131 12.47 -14.73 27.42
N VAL E 132 12.88 -15.78 26.70
CA VAL E 132 11.99 -16.60 25.90
C VAL E 132 12.16 -18.07 26.30
N MET E 133 11.07 -18.84 26.20
CA MET E 133 11.09 -20.30 26.32
C MET E 133 10.33 -20.90 25.14
N PHE E 134 10.97 -21.85 24.45
CA PHE E 134 10.41 -22.47 23.25
C PHE E 134 10.78 -23.95 23.27
N ILE E 135 9.78 -24.83 23.18
CA ILE E 135 9.97 -26.27 23.42
C ILE E 135 9.32 -27.12 22.31
N PRO E 136 9.95 -27.18 21.12
CA PRO E 136 9.42 -27.98 20.01
C PRO E 136 9.65 -29.50 20.15
N ALA E 137 8.58 -30.27 20.01
CA ALA E 137 8.66 -31.72 19.94
C ALA E 137 9.08 -32.12 18.53
N GLN E 138 10.02 -33.06 18.43
CA GLN E 138 10.61 -33.47 17.15
C GLN E 138 10.80 -34.98 17.08
N ARG E 139 10.62 -35.54 15.88
CA ARG E 139 11.11 -36.89 15.57
C ARG E 139 12.29 -36.76 14.63
N LEU E 140 13.40 -37.39 15.00
CA LEU E 140 14.67 -37.28 14.29
C LEU E 140 15.14 -38.66 13.87
N SER E 141 15.58 -38.79 12.62
CA SER E 141 16.34 -39.95 12.16
C SER E 141 17.80 -39.52 12.05
N PHE E 142 18.68 -40.21 12.77
CA PHE E 142 20.11 -39.84 12.81
C PHE E 142 21.04 -41.05 12.71
N MET E 143 22.32 -40.77 12.49
CA MET E 143 23.33 -41.79 12.24
C MET E 143 23.69 -42.52 13.53
N CYS E 144 23.46 -43.83 13.54
CA CYS E 144 23.71 -44.65 14.71
C CYS E 144 23.73 -46.12 14.31
N ASP E 145 24.83 -46.81 14.66
CA ASP E 145 24.97 -48.24 14.41
C ASP E 145 24.35 -49.00 15.59
N PRO E 146 23.24 -49.73 15.37
CA PRO E 146 22.55 -50.47 16.42
C PRO E 146 22.99 -51.93 16.59
N THR E 147 24.05 -52.35 15.91
CA THR E 147 24.58 -53.72 16.05
C THR E 147 24.96 -53.95 17.51
N GLY E 148 24.31 -54.94 18.14
CA GLY E 148 24.50 -55.24 19.56
C GLY E 148 23.46 -54.66 20.50
N VAL E 149 22.40 -54.06 19.96
CA VAL E 149 21.28 -53.55 20.76
C VAL E 149 20.53 -54.66 21.51
N ASP E 150 20.53 -55.87 20.92
CA ASP E 150 19.88 -57.04 21.54
C ASP E 150 20.71 -57.74 22.65
N SER E 151 21.89 -57.21 22.99
CA SER E 151 22.72 -57.78 24.06
C SER E 151 22.55 -57.05 25.41
N GLU E 152 23.12 -57.65 26.45
CA GLU E 152 23.20 -57.08 27.79
C GLU E 152 23.84 -55.69 27.78
N GLU E 153 24.94 -55.57 27.03
CA GLU E 153 25.76 -54.36 27.03
C GLU E 153 25.08 -53.19 26.30
N GLY E 154 24.22 -53.50 25.31
CA GLY E 154 23.51 -52.48 24.55
C GLY E 154 24.41 -51.75 23.56
N VAL E 155 23.96 -50.58 23.12
CA VAL E 155 24.72 -49.75 22.18
C VAL E 155 24.70 -48.30 22.63
N THR E 156 25.77 -47.57 22.29
CA THR E 156 25.89 -46.15 22.58
C THR E 156 25.85 -45.38 21.28
N CYS E 157 25.12 -44.26 21.30
CA CYS E 157 25.01 -43.39 20.13
C CYS E 157 24.92 -41.92 20.53
N ALA E 158 25.32 -41.05 19.61
CA ALA E 158 25.49 -39.63 19.88
C ALA E 158 25.07 -38.76 18.69
N VAL E 159 24.49 -37.60 19.00
CA VAL E 159 24.13 -36.61 17.99
C VAL E 159 24.36 -35.20 18.56
N LYS E 160 25.05 -34.35 17.81
CA LYS E 160 25.37 -32.99 18.22
C LYS E 160 24.27 -32.02 17.78
N PHE E 161 23.82 -31.19 18.71
CA PHE E 161 22.84 -30.14 18.44
C PHE E 161 23.49 -28.77 18.60
N GLY E 162 23.49 -27.98 17.53
CA GLY E 162 24.02 -26.62 17.58
C GLY E 162 23.58 -25.76 16.42
N SER E 163 23.94 -24.48 16.47
CA SER E 163 23.66 -23.56 15.38
C SER E 163 24.39 -24.01 14.12
N TRP E 164 23.72 -23.89 12.97
CA TRP E 164 24.32 -24.26 11.70
C TRP E 164 25.29 -23.19 11.17
N VAL E 165 24.97 -21.91 11.37
CA VAL E 165 25.74 -20.80 10.78
C VAL E 165 26.45 -19.84 11.75
N TYR E 166 25.99 -19.74 13.00
CA TYR E 166 26.57 -18.84 13.99
C TYR E 166 27.66 -19.54 14.81
N SER E 167 28.78 -18.84 15.01
CA SER E 167 29.92 -19.37 15.76
C SER E 167 29.76 -19.15 17.26
N GLY E 168 30.77 -19.53 18.03
CA GLY E 168 30.85 -19.22 19.46
C GLY E 168 30.88 -17.73 19.79
N PHE E 169 31.37 -16.91 18.85
CA PHE E 169 31.37 -15.46 19.02
C PHE E 169 29.99 -14.81 18.91
N GLU E 170 29.04 -15.47 18.24
CA GLU E 170 27.65 -14.98 18.16
C GLU E 170 26.68 -15.76 19.05
N ILE E 171 26.58 -17.08 18.83
CA ILE E 171 25.73 -17.96 19.65
C ILE E 171 26.58 -18.95 20.46
N ASP E 172 26.54 -18.78 21.78
CA ASP E 172 27.10 -19.75 22.73
C ASP E 172 25.96 -20.59 23.30
N LEU E 173 26.28 -21.81 23.73
CA LEU E 173 25.29 -22.73 24.32
C LEU E 173 25.73 -23.18 25.70
N LYS E 174 24.74 -23.57 26.51
CA LYS E 174 25.01 -24.27 27.77
C LYS E 174 23.84 -25.17 28.15
N THR E 175 24.01 -25.95 29.21
CA THR E 175 22.95 -26.81 29.74
C THR E 175 22.68 -26.42 31.20
N ASP E 176 21.42 -26.53 31.63
CA ASP E 176 21.09 -26.39 33.06
C ASP E 176 21.57 -27.60 33.85
N THR E 177 21.49 -28.78 33.23
CA THR E 177 22.02 -30.02 33.81
C THR E 177 22.58 -30.90 32.69
N ASP E 178 23.58 -31.71 33.01
CA ASP E 178 24.12 -32.69 32.07
C ASP E 178 23.25 -33.95 31.92
N GLN E 179 22.30 -34.16 32.82
CA GLN E 179 21.40 -35.32 32.76
C GLN E 179 20.18 -35.03 31.91
N VAL E 180 19.96 -35.88 30.91
CA VAL E 180 18.76 -35.82 30.06
C VAL E 180 17.56 -36.24 30.92
N ASP E 181 16.44 -35.56 30.71
CA ASP E 181 15.21 -35.82 31.45
C ASP E 181 14.55 -37.08 30.88
N LEU E 182 14.49 -38.15 31.67
CA LEU E 182 13.86 -39.42 31.27
C LEU E 182 12.54 -39.69 32.02
N SER E 183 11.94 -38.66 32.61
CA SER E 183 10.72 -38.83 33.40
C SER E 183 9.45 -38.96 32.55
N SER E 184 9.55 -38.64 31.25
CA SER E 184 8.45 -38.86 30.30
C SER E 184 8.79 -39.93 29.24
N TYR E 185 9.80 -40.75 29.49
CA TYR E 185 10.19 -41.82 28.55
C TYR E 185 9.12 -42.91 28.54
N TYR E 186 8.88 -43.49 27.36
CA TYR E 186 7.82 -44.48 27.17
C TYR E 186 8.18 -45.80 27.86
N ALA E 187 7.39 -46.15 28.89
CA ALA E 187 7.64 -47.30 29.75
C ALA E 187 7.59 -48.65 29.00
N SER E 188 6.74 -48.74 27.98
CA SER E 188 6.59 -49.97 27.18
C SER E 188 7.26 -49.84 25.80
N SER E 189 8.35 -49.09 25.72
CA SER E 189 9.14 -49.01 24.49
C SER E 189 9.86 -50.33 24.22
N LYS E 190 10.22 -50.54 22.95
CA LYS E 190 11.02 -51.71 22.56
C LYS E 190 12.46 -51.58 23.07
N TYR E 191 12.87 -50.36 23.44
CA TYR E 191 14.22 -50.08 23.96
C TYR E 191 14.16 -49.39 25.32
N GLU E 192 15.04 -49.79 26.24
CA GLU E 192 15.23 -49.09 27.52
C GLU E 192 16.53 -48.30 27.51
N ILE E 193 16.56 -47.23 28.29
CA ILE E 193 17.69 -46.31 28.35
C ILE E 193 18.57 -46.67 29.53
N LEU E 194 19.84 -46.93 29.25
CA LEU E 194 20.83 -47.22 30.28
C LEU E 194 21.43 -45.91 30.80
N SER E 195 21.78 -45.02 29.88
CA SER E 195 22.16 -43.65 30.24
C SER E 195 21.80 -42.64 29.15
N ALA E 196 21.71 -41.37 29.54
CA ALA E 196 21.35 -40.29 28.63
C ALA E 196 21.88 -38.96 29.15
N THR E 197 22.85 -38.38 28.42
CA THR E 197 23.53 -37.14 28.84
C THR E 197 23.57 -36.09 27.72
N GLN E 198 23.71 -34.83 28.14
CA GLN E 198 23.75 -33.67 27.25
C GLN E 198 24.89 -32.76 27.70
N THR E 199 25.90 -32.59 26.84
CA THR E 199 27.16 -31.94 27.23
C THR E 199 27.61 -30.90 26.20
N ARG E 200 27.97 -29.72 26.68
CA ARG E 200 28.54 -28.65 25.84
C ARG E 200 29.88 -29.07 25.25
N GLN E 201 30.09 -28.75 23.96
CA GLN E 201 31.36 -29.02 23.25
C GLN E 201 31.77 -27.84 22.37
N VAL E 202 33.07 -27.80 22.06
CA VAL E 202 33.63 -26.82 21.14
C VAL E 202 34.23 -27.58 19.95
N GLN E 203 33.81 -27.22 18.74
CA GLN E 203 34.26 -27.86 17.52
C GLN E 203 34.76 -26.84 16.50
N HIS E 204 35.69 -27.26 15.65
CA HIS E 204 36.15 -26.46 14.52
C HIS E 204 35.80 -27.17 13.21
N TYR E 205 35.56 -26.39 12.17
CA TYR E 205 35.13 -26.90 10.86
C TYR E 205 35.97 -26.30 9.74
N SER E 206 35.99 -26.96 8.59
CA SER E 206 36.88 -26.59 7.49
C SER E 206 36.62 -25.22 6.89
N CYS E 207 35.34 -24.85 6.78
CA CYS E 207 34.93 -23.55 6.23
C CYS E 207 35.57 -22.35 6.92
N CYS E 208 35.62 -22.43 8.25
CA CYS E 208 35.59 -21.24 9.09
C CYS E 208 36.68 -21.29 10.17
N PRO E 209 37.34 -20.14 10.46
CA PRO E 209 38.42 -20.10 11.46
C PRO E 209 37.96 -20.20 12.92
N GLU E 210 36.72 -19.78 13.20
CA GLU E 210 36.26 -19.59 14.56
C GLU E 210 35.54 -20.83 15.10
N PRO E 211 35.52 -21.02 16.43
CA PRO E 211 34.93 -22.22 17.01
C PRO E 211 33.40 -22.19 17.01
N TYR E 212 32.80 -23.38 16.85
CA TYR E 212 31.35 -23.54 16.84
C TYR E 212 30.92 -24.39 18.04
N ILE E 213 29.82 -23.98 18.69
CA ILE E 213 29.36 -24.63 19.93
C ILE E 213 28.23 -25.60 19.62
N ASP E 214 28.21 -26.71 20.35
CA ASP E 214 27.11 -27.69 20.28
C ASP E 214 26.87 -28.34 21.64
N VAL E 215 25.66 -28.86 21.82
CA VAL E 215 25.33 -29.75 22.93
C VAL E 215 25.24 -31.15 22.36
N ASN E 216 26.07 -32.06 22.88
CA ASN E 216 26.15 -33.44 22.41
C ASN E 216 25.22 -34.35 23.22
N LEU E 217 24.13 -34.82 22.59
CA LEU E 217 23.24 -35.80 23.18
C LEU E 217 23.84 -37.20 22.99
N VAL E 218 24.24 -37.82 24.10
CA VAL E 218 24.81 -39.18 24.10
C VAL E 218 23.83 -40.11 24.82
N VAL E 219 23.38 -41.14 24.12
CA VAL E 219 22.37 -42.07 24.65
C VAL E 219 22.87 -43.51 24.54
N LYS E 220 22.69 -44.26 25.61
CA LYS E 220 23.05 -45.67 25.66
C LYS E 220 21.77 -46.48 25.90
N PHE E 221 21.51 -47.45 25.03
CA PHE E 221 20.25 -48.17 25.04
C PHE E 221 20.37 -49.63 24.57
N ARG E 222 19.35 -50.42 24.89
CA ARG E 222 19.27 -51.82 24.51
C ARG E 222 17.80 -52.24 24.41
N GLU E 223 17.55 -53.42 23.84
CA GLU E 223 16.20 -53.99 23.82
C GLU E 223 15.81 -54.41 25.24
N ARG E 224 14.64 -53.97 25.72
CA ARG E 224 14.18 -54.31 27.07
C ARG E 224 13.63 -55.74 27.11
N GLN F 20 10.03 11.31 24.39
CA GLN F 20 9.49 11.27 22.98
C GLN F 20 8.94 9.90 22.57
N ALA F 21 9.59 8.83 23.01
CA ALA F 21 9.14 7.46 22.73
C ALA F 21 7.76 7.16 23.31
N ASN F 22 7.52 7.59 24.54
CA ASN F 22 6.22 7.42 25.20
C ASN F 22 5.10 8.21 24.53
N LEU F 23 5.39 9.43 24.08
CA LEU F 23 4.40 10.25 23.39
C LEU F 23 4.06 9.68 22.00
N MET F 24 5.08 9.23 21.26
CA MET F 24 4.88 8.54 19.97
C MET F 24 3.96 7.34 20.14
N ARG F 25 4.23 6.52 21.16
CA ARG F 25 3.35 5.40 21.54
C ARG F 25 1.91 5.86 21.75
N LEU F 26 1.74 6.90 22.55
CA LEU F 26 0.42 7.42 22.88
C LEU F 26 -0.33 7.90 21.63
N LYS F 27 0.38 8.62 20.76
CA LYS F 27 -0.23 9.16 19.53
C LYS F 27 -0.58 8.07 18.51
N SER F 28 0.26 7.04 18.39
CA SER F 28 -0.02 5.90 17.52
C SER F 28 -1.23 5.07 17.98
N ASP F 29 -1.36 4.86 19.28
CA ASP F 29 -2.49 4.13 19.85
C ASP F 29 -3.82 4.89 19.75
N LEU F 30 -3.78 6.23 19.82
CA LEU F 30 -4.98 7.05 19.71
C LEU F 30 -5.46 7.27 18.26
N PHE F 31 -4.53 7.33 17.30
CA PHE F 31 -4.84 7.76 15.93
C PHE F 31 -4.68 6.70 14.84
N ASN F 32 -3.58 5.93 14.87
CA ASN F 32 -3.29 4.93 13.82
C ASN F 32 -4.21 3.71 13.90
N ARG F 33 -4.29 3.09 15.08
CA ARG F 33 -5.02 1.82 15.24
C ARG F 33 -6.54 1.99 15.15
N SER F 34 -7.06 3.07 15.72
CA SER F 34 -8.52 3.32 15.80
C SER F 34 -9.05 4.01 14.53
N PRO F 35 -10.30 3.71 14.14
CA PRO F 35 -10.93 4.45 13.06
C PRO F 35 -11.34 5.85 13.52
N MET F 36 -11.41 6.80 12.60
CA MET F 36 -11.60 8.22 12.93
C MET F 36 -12.95 8.48 13.62
N TYR F 37 -12.95 9.40 14.58
CA TYR F 37 -14.17 9.81 15.27
C TYR F 37 -15.09 10.51 14.28
N PRO F 38 -16.29 9.95 14.03
CA PRO F 38 -17.17 10.45 12.97
C PRO F 38 -17.98 11.70 13.33
N GLY F 39 -17.85 12.20 14.55
CA GLY F 39 -18.57 13.38 15.00
C GLY F 39 -19.71 13.00 15.93
N PRO F 40 -20.35 14.00 16.56
CA PRO F 40 -21.44 13.75 17.50
C PRO F 40 -22.74 13.33 16.80
N THR F 41 -23.63 12.70 17.55
CA THR F 41 -24.91 12.19 17.04
C THR F 41 -26.02 12.46 18.07
N LYS F 42 -27.26 12.14 17.73
CA LYS F 42 -28.38 12.26 18.68
C LYS F 42 -28.23 11.31 19.87
N ASP F 43 -27.62 10.14 19.63
CA ASP F 43 -27.37 9.16 20.70
C ASP F 43 -26.20 9.58 21.60
N ASP F 44 -25.17 10.17 21.00
CA ASP F 44 -23.97 10.62 21.71
C ASP F 44 -23.69 12.10 21.43
N PRO F 45 -24.55 12.99 21.98
CA PRO F 45 -24.32 14.43 21.77
C PRO F 45 -23.12 14.96 22.52
N LEU F 46 -22.79 16.21 22.27
CA LEU F 46 -21.55 16.82 22.73
C LEU F 46 -21.77 18.28 23.06
N THR F 47 -21.10 18.78 24.11
CA THR F 47 -21.20 20.18 24.49
C THR F 47 -19.85 20.87 24.26
N VAL F 48 -19.84 21.89 23.42
CA VAL F 48 -18.65 22.71 23.17
C VAL F 48 -18.75 24.03 23.97
N THR F 49 -17.81 24.26 24.87
CA THR F 49 -17.71 25.53 25.59
C THR F 49 -16.97 26.53 24.71
N LEU F 50 -17.52 27.75 24.59
CA LEU F 50 -16.90 28.82 23.81
C LEU F 50 -16.59 30.04 24.70
N GLY F 51 -15.56 30.77 24.31
CA GLY F 51 -15.19 32.03 24.98
C GLY F 51 -14.24 32.84 24.09
N PHE F 52 -14.48 34.14 24.01
CA PHE F 52 -13.72 35.03 23.13
C PHE F 52 -12.83 35.98 23.93
N THR F 53 -11.65 36.30 23.39
CA THR F 53 -10.87 37.43 23.88
C THR F 53 -10.65 38.38 22.70
N LEU F 54 -11.34 39.51 22.77
CA LEU F 54 -11.31 40.52 21.72
C LEU F 54 -9.98 41.26 21.80
N GLN F 55 -9.23 41.26 20.70
CA GLN F 55 -7.94 41.97 20.63
C GLN F 55 -8.08 43.37 20.02
N ASP F 56 -8.83 43.49 18.94
CA ASP F 56 -8.93 44.76 18.20
C ASP F 56 -10.20 44.83 17.35
N ILE F 57 -10.77 46.04 17.26
CA ILE F 57 -11.68 46.40 16.18
C ILE F 57 -10.80 47.19 15.22
N VAL F 58 -10.38 46.54 14.14
CA VAL F 58 -9.35 47.07 13.24
C VAL F 58 -9.91 48.14 12.32
N LYS F 59 -11.07 47.88 11.73
CA LYS F 59 -11.64 48.71 10.68
C LYS F 59 -13.17 48.76 10.71
N VAL F 60 -13.69 49.91 10.29
CA VAL F 60 -15.12 50.14 10.09
C VAL F 60 -15.27 50.64 8.66
N ASP F 61 -16.33 50.17 7.97
CA ASP F 61 -16.67 50.66 6.63
C ASP F 61 -18.14 51.05 6.62
N SER F 62 -18.39 52.36 6.68
CA SER F 62 -19.75 52.91 6.72
C SER F 62 -20.47 52.92 5.37
N SER F 63 -19.75 52.66 4.28
CA SER F 63 -20.37 52.53 2.95
C SER F 63 -20.94 51.13 2.69
N THR F 64 -20.34 50.09 3.30
CA THR F 64 -20.81 48.69 3.16
C THR F 64 -21.44 48.07 4.41
N ASN F 65 -21.35 48.75 5.56
CA ASN F 65 -21.69 48.19 6.87
C ASN F 65 -20.97 46.86 7.14
N GLU F 66 -19.64 46.90 7.04
CA GLU F 66 -18.76 45.82 7.45
C GLU F 66 -17.82 46.33 8.55
N VAL F 67 -17.54 45.46 9.53
CA VAL F 67 -16.59 45.76 10.61
C VAL F 67 -15.66 44.57 10.79
N ASP F 68 -14.38 44.87 11.00
CA ASP F 68 -13.32 43.86 11.11
C ASP F 68 -12.84 43.72 12.55
N LEU F 69 -13.00 42.53 13.12
CA LEU F 69 -12.51 42.21 14.47
C LEU F 69 -11.35 41.24 14.38
N VAL F 70 -10.36 41.41 15.26
CA VAL F 70 -9.32 40.43 15.50
C VAL F 70 -9.51 39.92 16.92
N TYR F 71 -9.46 38.58 17.07
CA TYR F 71 -9.71 37.93 18.36
C TYR F 71 -9.16 36.51 18.34
N TYR F 72 -9.16 35.85 19.49
CA TYR F 72 -9.04 34.39 19.53
C TYR F 72 -10.18 33.77 20.32
N GLU F 73 -10.47 32.53 19.93
CA GLU F 73 -11.70 31.85 20.32
C GLU F 73 -11.31 30.55 21.04
N GLN F 74 -11.47 30.53 22.35
CA GLN F 74 -11.21 29.33 23.15
C GLN F 74 -12.39 28.36 22.99
N GLN F 75 -12.10 27.18 22.46
CA GLN F 75 -13.07 26.10 22.30
C GLN F 75 -12.68 24.94 23.20
N ARG F 76 -13.67 24.31 23.84
CA ARG F 76 -13.42 23.12 24.68
C ARG F 76 -14.51 22.07 24.51
N TRP F 77 -14.08 20.82 24.29
CA TRP F 77 -14.98 19.67 24.21
C TRP F 77 -14.29 18.44 24.78
N LYS F 78 -15.03 17.34 24.89
CA LYS F 78 -14.54 16.13 25.58
C LYS F 78 -15.03 14.86 24.90
N LEU F 79 -14.09 14.00 24.48
CA LEU F 79 -14.40 12.73 23.81
C LEU F 79 -13.82 11.56 24.62
N ASN F 80 -14.61 10.50 24.77
CA ASN F 80 -14.14 9.28 25.44
C ASN F 80 -13.04 8.57 24.66
N SER F 81 -13.12 8.63 23.32
CA SER F 81 -12.10 8.04 22.44
C SER F 81 -10.71 8.70 22.52
N LEU F 82 -10.62 9.89 23.11
CA LEU F 82 -9.32 10.54 23.39
C LEU F 82 -8.83 10.36 24.85
N MET F 83 -9.44 9.47 25.63
CA MET F 83 -8.98 9.18 26.99
C MET F 83 -7.76 8.26 27.01
N TRP F 84 -6.96 8.40 28.06
CA TRP F 84 -5.92 7.42 28.38
C TRP F 84 -5.53 7.49 29.87
N ASP F 85 -4.84 6.44 30.32
CA ASP F 85 -4.30 6.35 31.66
C ASP F 85 -2.83 6.78 31.58
N PRO F 86 -2.47 7.92 32.25
CA PRO F 86 -1.08 8.38 32.28
C PRO F 86 -0.07 7.31 32.72
N ASN F 87 -0.47 6.47 33.67
CA ASN F 87 0.38 5.38 34.19
C ASN F 87 0.76 4.37 33.11
N GLU F 88 -0.09 4.19 32.10
CA GLU F 88 0.19 3.31 30.96
C GLU F 88 1.17 3.94 29.95
N TYR F 89 1.34 5.26 29.98
CA TYR F 89 2.18 5.98 29.00
C TYR F 89 3.18 6.94 29.67
N GLY F 90 3.90 6.45 30.68
CA GLY F 90 5.00 7.19 31.30
C GLY F 90 4.65 8.56 31.84
N ASN F 91 3.53 8.65 32.56
CA ASN F 91 3.07 9.88 33.25
C ASN F 91 2.75 11.09 32.33
N ILE F 92 2.41 10.83 31.06
CA ILE F 92 1.96 11.91 30.16
C ILE F 92 0.49 12.21 30.50
N THR F 93 0.23 13.44 30.95
CA THR F 93 -1.12 13.90 31.27
C THR F 93 -1.80 14.70 30.14
N ASP F 94 -0.99 15.23 29.22
CA ASP F 94 -1.50 15.95 28.05
C ASP F 94 -0.44 16.06 26.94
N PHE F 95 -0.86 16.49 25.76
CA PHE F 95 0.05 16.68 24.63
C PHE F 95 -0.49 17.67 23.59
N ARG F 96 0.42 18.32 22.87
CA ARG F 96 0.07 19.18 21.73
C ARG F 96 0.06 18.35 20.46
N THR F 97 -0.95 18.55 19.62
CA THR F 97 -1.03 17.86 18.33
C THR F 97 -1.77 18.73 17.32
N SER F 98 -1.35 18.62 16.06
CA SER F 98 -2.01 19.28 14.94
C SER F 98 -3.52 19.04 14.97
N ALA F 99 -4.30 20.11 14.76
CA ALA F 99 -5.77 20.03 14.76
C ALA F 99 -6.33 19.10 13.68
N ALA F 100 -5.57 18.90 12.60
CA ALA F 100 -5.93 17.94 11.55
C ALA F 100 -5.90 16.46 11.99
N ASP F 101 -5.18 16.14 13.07
CA ASP F 101 -5.17 14.78 13.64
C ASP F 101 -6.46 14.40 14.37
N ILE F 102 -7.21 15.40 14.85
CA ILE F 102 -8.42 15.17 15.63
C ILE F 102 -9.62 15.84 15.00
N TRP F 103 -10.81 15.46 15.47
CA TRP F 103 -12.05 16.12 15.08
C TRP F 103 -12.09 17.49 15.76
N THR F 104 -12.66 18.47 15.08
CA THR F 104 -12.89 19.80 15.64
C THR F 104 -14.27 20.30 15.24
N PRO F 105 -14.98 21.00 16.15
CA PRO F 105 -16.32 21.46 15.81
C PRO F 105 -16.32 22.53 14.72
N ASP F 106 -17.40 22.59 13.95
CA ASP F 106 -17.53 23.46 12.78
C ASP F 106 -18.14 24.83 13.15
N ILE F 107 -17.55 25.47 14.16
CA ILE F 107 -18.09 26.71 14.72
C ILE F 107 -17.88 27.82 13.69
N THR F 108 -19.00 28.42 13.26
CA THR F 108 -19.03 29.33 12.12
C THR F 108 -19.74 30.61 12.53
N ALA F 109 -19.24 31.74 12.03
CA ALA F 109 -19.92 33.03 12.20
C ALA F 109 -21.08 33.09 11.22
N TYR F 110 -22.27 33.44 11.72
CA TYR F 110 -23.51 33.40 10.92
C TYR F 110 -23.76 34.66 10.06
N SER F 111 -23.05 35.75 10.33
CA SER F 111 -23.22 37.01 9.59
C SER F 111 -21.90 37.54 9.01
N SER F 112 -21.02 36.63 8.61
CA SER F 112 -19.73 37.02 8.03
C SER F 112 -19.92 37.48 6.58
N THR F 113 -19.02 38.36 6.13
CA THR F 113 -19.01 38.88 4.76
C THR F 113 -17.75 38.53 3.96
N ARG F 114 -16.75 37.94 4.60
CA ARG F 114 -15.55 37.44 3.92
C ARG F 114 -15.15 36.10 4.53
N PRO F 115 -14.30 35.32 3.83
CA PRO F 115 -13.73 34.15 4.49
C PRO F 115 -12.90 34.55 5.71
N VAL F 116 -13.09 33.84 6.81
CA VAL F 116 -12.39 34.13 8.07
C VAL F 116 -10.89 33.86 7.87
N GLN F 117 -10.06 34.81 8.28
CA GLN F 117 -8.60 34.72 8.07
C GLN F 117 -7.90 34.18 9.30
N VAL F 118 -7.25 33.03 9.15
CA VAL F 118 -6.59 32.33 10.26
C VAL F 118 -5.26 33.01 10.58
N LEU F 119 -5.09 33.41 11.85
CA LEU F 119 -3.90 34.16 12.31
C LEU F 119 -2.93 33.33 13.16
N SER F 120 -3.39 32.21 13.73
CA SER F 120 -2.56 31.35 14.57
C SER F 120 -2.38 29.95 13.97
N PRO F 121 -1.38 29.19 14.46
CA PRO F 121 -1.27 27.76 14.14
C PRO F 121 -2.50 26.97 14.61
N GLN F 122 -2.86 25.95 13.85
CA GLN F 122 -4.01 25.11 14.15
C GLN F 122 -3.52 23.89 14.93
N ILE F 123 -3.19 24.11 16.20
CA ILE F 123 -2.67 23.06 17.08
C ILE F 123 -3.51 23.06 18.36
N ALA F 124 -3.96 21.88 18.76
CA ALA F 124 -4.79 21.71 19.96
C ALA F 124 -4.02 21.04 21.08
N VAL F 125 -4.53 21.18 22.30
CA VAL F 125 -4.00 20.50 23.49
C VAL F 125 -5.04 19.48 23.96
N VAL F 126 -4.66 18.20 23.99
CA VAL F 126 -5.52 17.10 24.45
C VAL F 126 -5.03 16.65 25.83
N THR F 127 -5.97 16.42 26.74
CA THR F 127 -5.68 16.03 28.13
C THR F 127 -6.14 14.58 28.36
N HIS F 128 -5.52 13.92 29.35
CA HIS F 128 -5.74 12.49 29.64
C HIS F 128 -7.20 12.07 29.91
N ASP F 129 -8.02 12.98 30.42
CA ASP F 129 -9.46 12.69 30.63
C ASP F 129 -10.33 12.83 29.37
N GLY F 130 -9.72 13.10 28.21
CA GLY F 130 -10.43 13.20 26.94
C GLY F 130 -10.74 14.62 26.51
N SER F 131 -10.46 15.61 27.36
CA SER F 131 -10.81 17.00 27.08
C SER F 131 -9.81 17.63 26.12
N VAL F 132 -10.35 18.49 25.24
CA VAL F 132 -9.57 19.15 24.20
C VAL F 132 -9.72 20.64 24.39
N MET F 133 -8.62 21.38 24.23
CA MET F 133 -8.62 22.84 24.20
C MET F 133 -8.00 23.29 22.88
N PHE F 134 -8.75 24.10 22.13
CA PHE F 134 -8.33 24.59 20.82
C PHE F 134 -8.64 26.10 20.70
N ILE F 135 -7.60 26.89 20.45
CA ILE F 135 -7.69 28.35 20.47
C ILE F 135 -7.21 28.98 19.15
N PRO F 136 -8.07 28.97 18.12
CA PRO F 136 -7.73 29.66 16.88
C PRO F 136 -7.88 31.18 16.96
N ALA F 137 -6.89 31.90 16.41
CA ALA F 137 -6.93 33.36 16.28
C ALA F 137 -7.46 33.70 14.88
N GLN F 138 -8.32 34.71 14.82
CA GLN F 138 -9.08 35.00 13.61
C GLN F 138 -9.25 36.50 13.36
N ARG F 139 -9.30 36.88 12.09
CA ARG F 139 -9.84 38.16 11.67
C ARG F 139 -11.15 37.92 10.92
N LEU F 140 -12.21 38.56 11.41
CA LEU F 140 -13.56 38.39 10.87
C LEU F 140 -14.06 39.72 10.32
N SER F 141 -14.53 39.71 9.08
CA SER F 141 -15.36 40.78 8.53
C SER F 141 -16.81 40.32 8.65
N PHE F 142 -17.64 41.09 9.37
CA PHE F 142 -19.05 40.75 9.56
C PHE F 142 -19.97 41.96 9.38
N MET F 143 -21.28 41.69 9.29
CA MET F 143 -22.29 42.72 9.00
C MET F 143 -22.58 43.54 10.25
N CYS F 144 -22.35 44.85 10.15
CA CYS F 144 -22.52 45.76 11.28
C CYS F 144 -22.62 47.21 10.81
N ASP F 145 -23.65 47.92 11.28
CA ASP F 145 -23.87 49.32 10.93
C ASP F 145 -23.10 50.23 11.90
N PRO F 146 -22.06 50.94 11.41
CA PRO F 146 -21.26 51.79 12.28
C PRO F 146 -21.75 53.23 12.45
N THR F 147 -22.88 53.60 11.83
CA THR F 147 -23.42 54.96 11.97
C THR F 147 -23.72 55.27 13.44
N GLY F 148 -23.05 56.31 13.96
CA GLY F 148 -23.15 56.70 15.37
C GLY F 148 -21.96 56.31 16.24
N VAL F 149 -20.95 55.65 15.64
CA VAL F 149 -19.76 55.21 16.39
C VAL F 149 -18.94 56.38 16.93
N ASP F 150 -18.88 57.48 16.17
CA ASP F 150 -18.18 58.69 16.58
C ASP F 150 -18.87 59.49 17.70
N SER F 151 -20.09 59.12 18.07
CA SER F 151 -20.79 59.75 19.20
C SER F 151 -20.31 59.20 20.56
N GLU F 152 -20.77 59.84 21.62
CA GLU F 152 -20.51 59.41 22.99
C GLU F 152 -21.17 58.05 23.32
N GLU F 153 -22.33 57.81 22.70
CA GLU F 153 -23.14 56.62 22.96
C GLU F 153 -22.55 55.40 22.25
N GLY F 154 -22.11 55.61 21.00
CA GLY F 154 -21.51 54.57 20.20
C GLY F 154 -22.54 53.74 19.45
N VAL F 155 -22.15 52.51 19.10
CA VAL F 155 -23.05 51.56 18.41
C VAL F 155 -22.91 50.19 19.04
N THR F 156 -24.00 49.42 18.99
CA THR F 156 -24.02 48.05 19.42
C THR F 156 -24.02 47.18 18.16
N CYS F 157 -23.17 46.15 18.13
CA CYS F 157 -23.13 45.20 17.04
C CYS F 157 -23.02 43.76 17.52
N ALA F 158 -23.53 42.84 16.70
CA ALA F 158 -23.69 41.44 17.10
C ALA F 158 -23.34 40.46 15.98
N VAL F 159 -22.92 39.27 16.38
CA VAL F 159 -22.64 38.18 15.45
C VAL F 159 -22.74 36.84 16.19
N LYS F 160 -23.43 35.88 15.59
CA LYS F 160 -23.66 34.58 16.20
C LYS F 160 -22.58 33.59 15.76
N PHE F 161 -22.05 32.84 16.73
CA PHE F 161 -21.10 31.75 16.45
C PHE F 161 -21.77 30.44 16.87
N GLY F 162 -21.94 29.53 15.92
CA GLY F 162 -22.45 28.20 16.20
C GLY F 162 -22.09 27.23 15.09
N SER F 163 -22.40 25.96 15.32
CA SER F 163 -22.22 24.92 14.31
C SER F 163 -23.06 25.23 13.09
N TRP F 164 -22.49 25.03 11.91
CA TRP F 164 -23.21 25.22 10.66
C TRP F 164 -24.22 24.08 10.41
N VAL F 165 -23.79 22.84 10.62
CA VAL F 165 -24.57 21.65 10.21
C VAL F 165 -25.20 20.81 11.32
N TYR F 166 -24.68 20.89 12.54
CA TYR F 166 -25.23 20.12 13.68
C TYR F 166 -26.23 20.92 14.51
N SER F 167 -27.42 20.34 14.72
CA SER F 167 -28.45 20.96 15.57
C SER F 167 -28.13 20.83 17.06
N GLY F 168 -29.03 21.35 17.91
CA GLY F 168 -28.93 21.21 19.36
C GLY F 168 -28.96 19.79 19.90
N PHE F 169 -29.54 18.87 19.13
CA PHE F 169 -29.57 17.44 19.51
C PHE F 169 -28.24 16.72 19.30
N GLU F 170 -27.31 17.31 18.54
CA GLU F 170 -25.94 16.77 18.39
C GLU F 170 -24.86 17.66 19.02
N ILE F 171 -24.96 18.98 18.83
CA ILE F 171 -24.02 19.95 19.41
C ILE F 171 -24.76 21.03 20.23
N ASP F 172 -24.57 20.98 21.54
CA ASP F 172 -25.00 22.03 22.46
C ASP F 172 -23.80 22.94 22.72
N LEU F 173 -24.07 24.18 23.15
CA LEU F 173 -23.01 25.13 23.48
C LEU F 173 -23.21 25.72 24.88
N LYS F 174 -22.12 26.23 25.46
CA LYS F 174 -22.17 27.00 26.70
C LYS F 174 -20.99 27.96 26.82
N THR F 175 -21.04 28.82 27.85
CA THR F 175 -19.96 29.73 28.17
C THR F 175 -19.61 29.60 29.65
N ASP F 176 -18.34 29.76 29.98
CA ASP F 176 -17.89 29.82 31.37
C ASP F 176 -18.37 31.13 32.00
N THR F 177 -18.20 32.24 31.26
CA THR F 177 -18.61 33.57 31.69
C THR F 177 -19.34 34.29 30.56
N ASP F 178 -20.33 35.11 30.93
CA ASP F 178 -21.02 35.97 29.96
C ASP F 178 -20.17 37.16 29.49
N GLN F 179 -19.14 37.52 30.25
CA GLN F 179 -18.25 38.64 29.87
C GLN F 179 -17.15 38.19 28.91
N VAL F 180 -16.94 38.98 27.86
CA VAL F 180 -15.84 38.76 26.91
C VAL F 180 -14.56 39.25 27.57
N ASP F 181 -13.45 38.58 27.27
CA ASP F 181 -12.15 38.90 27.86
C ASP F 181 -11.50 40.06 27.12
N LEU F 182 -11.42 41.21 27.77
CA LEU F 182 -10.87 42.44 27.19
C LEU F 182 -9.51 42.84 27.77
N SER F 183 -8.86 41.91 28.49
CA SER F 183 -7.56 42.21 29.11
C SER F 183 -6.38 42.26 28.11
N SER F 184 -6.59 41.74 26.90
CA SER F 184 -5.61 41.83 25.80
C SER F 184 -6.04 42.79 24.68
N TYR F 185 -7.05 43.62 24.94
CA TYR F 185 -7.55 44.53 23.91
C TYR F 185 -6.53 45.65 23.68
N TYR F 186 -6.27 45.93 22.41
CA TYR F 186 -5.24 46.89 21.97
C TYR F 186 -5.53 48.31 22.52
N ALA F 187 -4.56 48.83 23.27
CA ALA F 187 -4.72 50.08 24.01
C ALA F 187 -4.82 51.31 23.11
N SER F 188 -4.08 51.32 22.00
CA SER F 188 -4.12 52.42 21.03
C SER F 188 -5.02 52.11 19.82
N SER F 189 -6.07 51.31 20.02
CA SER F 189 -7.07 51.06 18.99
C SER F 189 -7.89 52.32 18.74
N LYS F 190 -8.43 52.44 17.52
CA LYS F 190 -9.27 53.58 17.15
C LYS F 190 -10.60 53.56 17.89
N TYR F 191 -11.01 52.37 18.35
CA TYR F 191 -12.26 52.16 19.05
C TYR F 191 -12.03 51.59 20.44
N GLU F 192 -12.78 52.10 21.42
CA GLU F 192 -12.79 51.56 22.78
C GLU F 192 -14.09 50.79 23.05
N ILE F 193 -13.99 49.76 23.89
CA ILE F 193 -15.11 48.84 24.14
C ILE F 193 -15.90 49.32 25.36
N LEU F 194 -17.20 49.58 25.17
CA LEU F 194 -18.09 50.01 26.25
C LEU F 194 -18.67 48.80 26.99
N SER F 195 -19.04 47.77 26.25
CA SER F 195 -19.32 46.45 26.81
C SER F 195 -19.16 45.37 25.74
N ALA F 196 -18.85 44.15 26.18
CA ALA F 196 -18.66 43.01 25.29
C ALA F 196 -19.11 41.74 25.98
N THR F 197 -20.24 41.17 25.55
CA THR F 197 -20.83 39.97 26.15
C THR F 197 -20.92 38.80 25.19
N GLN F 198 -21.08 37.60 25.75
CA GLN F 198 -21.13 36.33 25.01
C GLN F 198 -22.18 35.41 25.64
N THR F 199 -23.32 35.26 24.96
CA THR F 199 -24.50 34.62 25.53
C THR F 199 -25.04 33.51 24.61
N ARG F 200 -25.46 32.40 25.23
CA ARG F 200 -26.07 31.27 24.51
C ARG F 200 -27.46 31.64 24.00
N GLN F 201 -27.80 31.14 22.81
CA GLN F 201 -29.08 31.40 22.15
C GLN F 201 -29.61 30.15 21.44
N VAL F 202 -30.94 30.07 21.34
CA VAL F 202 -31.63 29.09 20.50
C VAL F 202 -32.18 29.80 19.27
N GLN F 203 -32.03 29.19 18.10
CA GLN F 203 -32.53 29.74 16.82
C GLN F 203 -33.13 28.62 15.96
N HIS F 204 -34.03 29.01 15.06
CA HIS F 204 -34.60 28.10 14.05
C HIS F 204 -34.39 28.65 12.63
N TYR F 205 -34.18 27.74 11.68
CA TYR F 205 -33.89 28.07 10.27
C TYR F 205 -34.80 27.30 9.34
N SER F 206 -35.10 27.88 8.17
CA SER F 206 -36.14 27.36 7.26
C SER F 206 -35.91 25.93 6.75
N CYS F 207 -34.65 25.54 6.57
CA CYS F 207 -34.29 24.17 6.13
C CYS F 207 -34.82 23.05 7.01
N CYS F 208 -34.80 23.29 8.32
CA CYS F 208 -34.69 22.24 9.32
C CYS F 208 -35.65 22.50 10.49
N PRO F 209 -36.46 21.50 10.89
CA PRO F 209 -37.38 21.71 12.01
C PRO F 209 -36.72 21.77 13.39
N GLU F 210 -35.50 21.23 13.52
CA GLU F 210 -34.81 21.12 14.80
C GLU F 210 -34.08 22.43 15.17
N PRO F 211 -34.02 22.75 16.49
CA PRO F 211 -33.37 23.99 16.93
C PRO F 211 -31.84 23.93 16.85
N TYR F 212 -31.22 25.05 16.51
CA TYR F 212 -29.76 25.18 16.40
C TYR F 212 -29.25 26.16 17.46
N ILE F 213 -28.11 25.86 18.05
CA ILE F 213 -27.55 26.65 19.16
C ILE F 213 -26.39 27.53 18.69
N ASP F 214 -26.32 28.75 19.24
CA ASP F 214 -25.20 29.66 18.99
C ASP F 214 -24.84 30.49 20.22
N VAL F 215 -23.63 31.02 20.22
CA VAL F 215 -23.18 32.01 21.19
C VAL F 215 -23.20 33.35 20.48
N ASN F 216 -24.00 34.28 21.01
CA ASN F 216 -24.16 35.61 20.43
C ASN F 216 -23.15 36.57 21.04
N LEU F 217 -22.20 37.03 20.22
CA LEU F 217 -21.17 37.98 20.64
C LEU F 217 -21.72 39.38 20.43
N VAL F 218 -22.05 40.08 21.51
CA VAL F 218 -22.64 41.42 21.45
C VAL F 218 -21.60 42.43 21.93
N VAL F 219 -21.09 43.27 21.01
CA VAL F 219 -20.02 44.24 21.32
C VAL F 219 -20.52 45.67 21.11
N LYS F 220 -20.46 46.47 22.18
CA LYS F 220 -20.78 47.90 22.11
C LYS F 220 -19.48 48.70 22.16
N PHE F 221 -19.34 49.66 21.24
CA PHE F 221 -18.08 50.41 21.08
C PHE F 221 -18.28 51.80 20.49
N ARG F 222 -17.25 52.64 20.65
CA ARG F 222 -17.22 54.00 20.11
C ARG F 222 -15.79 54.38 19.73
N GLU F 223 -15.63 55.50 19.01
CA GLU F 223 -14.30 56.05 18.70
C GLU F 223 -13.68 56.62 19.98
N ARG F 224 -12.40 56.30 20.22
CA ARG F 224 -11.68 56.89 21.35
C ARG F 224 -11.19 58.28 20.95
N GLN G 20 25.91 13.11 -3.56
CA GLN G 20 24.49 12.71 -3.81
C GLN G 20 24.09 11.34 -3.22
N ALA G 21 24.90 10.31 -3.43
CA ALA G 21 24.59 8.97 -2.92
C ALA G 21 24.60 8.88 -1.40
N ASN G 22 25.57 9.54 -0.76
CA ASN G 22 25.67 9.56 0.71
C ASN G 22 24.59 10.41 1.36
N LEU G 23 24.23 11.54 0.74
CA LEU G 23 23.18 12.41 1.29
C LEU G 23 21.80 11.76 1.18
N MET G 24 21.53 11.11 0.05
CA MET G 24 20.30 10.32 -0.15
C MET G 24 20.10 9.27 0.96
N ARG G 25 21.18 8.59 1.34
CA ARG G 25 21.16 7.64 2.46
C ARG G 25 20.81 8.31 3.78
N LEU G 26 21.49 9.42 4.07
CA LEU G 26 21.32 10.15 5.31
C LEU G 26 19.89 10.64 5.48
N LYS G 27 19.32 11.24 4.43
CA LYS G 27 17.95 11.73 4.46
C LYS G 27 16.93 10.61 4.64
N SER G 28 17.16 9.49 3.95
CA SER G 28 16.36 8.28 4.10
C SER G 28 16.39 7.74 5.54
N ASP G 29 17.58 7.65 6.12
CA ASP G 29 17.74 7.17 7.50
C ASP G 29 17.11 8.08 8.54
N LEU G 30 17.32 9.39 8.38
CA LEU G 30 16.72 10.39 9.28
C LEU G 30 15.20 10.53 9.13
N PHE G 31 14.71 10.53 7.89
CA PHE G 31 13.29 10.87 7.61
C PHE G 31 12.38 9.69 7.26
N ASN G 32 12.79 8.89 6.29
CA ASN G 32 11.95 7.78 5.78
C ASN G 32 11.78 6.64 6.80
N ARG G 33 12.87 6.28 7.48
CA ARG G 33 12.90 5.10 8.34
C ARG G 33 12.47 5.38 9.79
N SER G 34 12.77 6.57 10.29
CA SER G 34 12.42 6.95 11.66
C SER G 34 10.93 7.32 11.78
N PRO G 35 10.32 7.09 12.98
CA PRO G 35 9.01 7.65 13.28
C PRO G 35 9.17 9.13 13.62
N MET G 36 8.21 9.96 13.21
CA MET G 36 8.38 11.42 13.26
C MET G 36 8.34 11.99 14.68
N TYR G 37 9.08 13.08 14.87
CA TYR G 37 9.18 13.78 16.14
C TYR G 37 7.80 14.35 16.54
N PRO G 38 7.35 14.11 17.80
CA PRO G 38 6.04 14.59 18.22
C PRO G 38 6.06 15.97 18.90
N GLY G 39 7.11 16.75 18.69
CA GLY G 39 7.28 18.06 19.32
C GLY G 39 7.87 18.00 20.71
N PRO G 40 8.26 19.16 21.27
CA PRO G 40 8.83 19.20 22.62
C PRO G 40 7.81 18.88 23.74
N THR G 41 8.35 18.50 24.89
CA THR G 41 7.57 18.13 26.06
C THR G 41 8.18 18.73 27.32
N LYS G 42 7.49 18.58 28.45
CA LYS G 42 8.03 18.98 29.74
C LYS G 42 9.24 18.14 30.14
N ASP G 43 9.24 16.86 29.77
CA ASP G 43 10.37 15.96 30.04
C ASP G 43 11.56 16.21 29.10
N ASP G 44 11.29 16.63 27.87
CA ASP G 44 12.33 16.85 26.84
C ASP G 44 12.14 18.23 26.19
N PRO G 45 12.35 19.32 26.95
CA PRO G 45 12.10 20.67 26.46
C PRO G 45 13.10 21.14 25.40
N LEU G 46 12.85 22.31 24.84
CA LEU G 46 13.58 22.80 23.68
C LEU G 46 13.72 24.32 23.75
N THR G 47 14.92 24.83 23.44
CA THR G 47 15.17 26.26 23.41
C THR G 47 15.43 26.72 21.97
N VAL G 48 14.63 27.68 21.50
CA VAL G 48 14.73 28.22 20.15
C VAL G 48 15.35 29.63 20.20
N THR G 49 16.46 29.82 19.49
CA THR G 49 17.12 31.11 19.40
C THR G 49 16.50 31.90 18.24
N LEU G 50 16.00 33.10 18.53
CA LEU G 50 15.39 33.99 17.54
C LEU G 50 16.25 35.23 17.29
N GLY G 51 16.27 35.66 16.03
CA GLY G 51 16.95 36.90 15.63
C GLY G 51 16.33 37.48 14.37
N PHE G 52 16.13 38.79 14.35
CA PHE G 52 15.49 39.49 13.22
C PHE G 52 16.49 40.36 12.48
N THR G 53 16.36 40.42 11.15
CA THR G 53 16.97 41.49 10.37
C THR G 53 15.83 42.21 9.65
N LEU G 54 15.59 43.46 10.03
CA LEU G 54 14.52 44.27 9.50
C LEU G 54 14.98 44.89 8.18
N GLN G 55 14.27 44.56 7.09
CA GLN G 55 14.59 45.05 5.75
C GLN G 55 13.88 46.36 5.42
N ASP G 56 12.62 46.49 5.82
CA ASP G 56 11.82 47.66 5.42
C ASP G 56 10.54 47.82 6.24
N ILE G 57 10.23 49.07 6.60
CA ILE G 57 8.88 49.46 7.01
C ILE G 57 8.23 49.96 5.71
N VAL G 58 7.30 49.17 5.16
CA VAL G 58 6.76 49.40 3.82
C VAL G 58 5.58 50.38 3.85
N LYS G 59 4.67 50.18 4.79
CA LYS G 59 3.40 50.89 4.81
C LYS G 59 2.90 51.17 6.23
N VAL G 60 2.14 52.24 6.33
CA VAL G 60 1.56 52.73 7.57
C VAL G 60 0.11 53.13 7.26
N ASP G 61 -0.84 52.70 8.09
CA ASP G 61 -2.24 53.09 7.95
C ASP G 61 -2.74 53.77 9.23
N SER G 62 -2.82 55.09 9.19
CA SER G 62 -3.25 55.89 10.35
C SER G 62 -4.73 55.78 10.70
N SER G 63 -5.55 55.35 9.74
CA SER G 63 -6.99 55.17 9.97
C SER G 63 -7.35 53.84 10.64
N THR G 64 -6.50 52.82 10.49
CA THR G 64 -6.69 51.50 11.14
C THR G 64 -5.64 51.10 12.18
N ASN G 65 -4.56 51.87 12.30
CA ASN G 65 -3.39 51.52 13.13
C ASN G 65 -2.76 50.16 12.79
N GLU G 66 -2.62 49.87 11.50
CA GLU G 66 -1.84 48.75 11.00
C GLU G 66 -0.54 49.27 10.39
N VAL G 67 0.56 48.54 10.61
CA VAL G 67 1.86 48.86 10.01
C VAL G 67 2.48 47.57 9.46
N ASP G 68 3.14 47.71 8.32
CA ASP G 68 3.68 46.57 7.58
C ASP G 68 5.21 46.55 7.61
N LEU G 69 5.77 45.48 8.20
CA LEU G 69 7.22 45.24 8.21
C LEU G 69 7.58 44.14 7.23
N VAL G 70 8.75 44.26 6.61
CA VAL G 70 9.37 43.17 5.86
C VAL G 70 10.70 42.85 6.55
N TYR G 71 10.89 41.57 6.85
CA TYR G 71 12.04 41.10 7.62
C TYR G 71 12.31 39.64 7.33
N TYR G 72 13.43 39.13 7.84
CA TYR G 72 13.60 37.69 7.97
C TYR G 72 14.04 37.31 9.38
N GLU G 73 13.56 36.14 9.79
CA GLU G 73 13.58 35.73 11.18
C GLU G 73 14.43 34.48 11.31
N GLN G 74 15.67 34.67 11.74
CA GLN G 74 16.59 33.56 11.97
C GLN G 74 16.12 32.76 13.19
N GLN G 75 15.82 31.48 12.98
CA GLN G 75 15.44 30.53 14.02
C GLN G 75 16.48 29.42 14.12
N ARG G 76 16.92 29.11 15.35
CA ARG G 76 17.80 27.97 15.61
C ARG G 76 17.29 27.13 16.78
N TRP G 77 17.24 25.81 16.57
CA TRP G 77 16.97 24.85 17.64
C TRP G 77 17.85 23.60 17.42
N LYS G 78 17.73 22.61 18.29
CA LYS G 78 18.60 21.43 18.28
C LYS G 78 17.85 20.16 18.75
N LEU G 79 17.87 19.12 17.91
CA LEU G 79 17.19 17.85 18.20
C LEU G 79 18.15 16.67 18.18
N ASN G 80 18.04 15.78 19.15
CA ASN G 80 18.85 14.56 19.20
C ASN G 80 18.54 13.60 18.05
N SER G 81 17.27 13.54 17.65
CA SER G 81 16.83 12.70 16.54
C SER G 81 17.32 13.15 15.15
N LEU G 82 17.86 14.37 15.04
CA LEU G 82 18.51 14.85 13.82
C LEU G 82 20.04 14.75 13.83
N MET G 83 20.61 14.08 14.83
CA MET G 83 22.08 13.85 14.90
C MET G 83 22.51 12.71 13.98
N TRP G 84 23.73 12.82 13.46
CA TRP G 84 24.41 11.72 12.77
C TRP G 84 25.92 11.87 12.89
N ASP G 85 26.63 10.78 12.61
CA ASP G 85 28.11 10.76 12.60
C ASP G 85 28.58 11.02 11.16
N PRO G 86 29.30 12.15 10.93
CA PRO G 86 29.83 12.48 9.59
C PRO G 86 30.65 11.37 8.93
N ASN G 87 31.40 10.63 9.74
CA ASN G 87 32.22 9.52 9.24
C ASN G 87 31.38 8.39 8.63
N GLU G 88 30.17 8.18 9.18
CA GLU G 88 29.23 7.16 8.67
C GLU G 88 28.52 7.55 7.35
N TYR G 89 28.64 8.82 6.91
CA TYR G 89 27.98 9.32 5.70
C TYR G 89 28.91 10.19 4.83
N GLY G 90 30.12 9.68 4.57
CA GLY G 90 31.07 10.31 3.65
C GLY G 90 31.45 11.75 3.97
N ASN G 91 31.74 12.02 5.24
CA ASN G 91 32.14 13.35 5.74
C ASN G 91 31.09 14.47 5.55
N ILE G 92 29.80 14.12 5.45
CA ILE G 92 28.73 15.12 5.34
C ILE G 92 28.49 15.74 6.72
N THR G 93 28.82 17.01 6.86
CA THR G 93 28.66 17.75 8.12
C THR G 93 27.31 18.49 8.21
N ASP G 94 26.71 18.81 7.07
CA ASP G 94 25.39 19.44 7.01
C ASP G 94 24.71 19.26 5.66
N PHE G 95 23.42 19.58 5.61
CA PHE G 95 22.64 19.55 4.36
C PHE G 95 21.41 20.46 4.40
N ARG G 96 20.92 20.80 3.21
CA ARG G 96 19.66 21.53 3.04
C ARG G 96 18.52 20.54 2.75
N THR G 97 17.39 20.75 3.40
CA THR G 97 16.17 19.99 3.11
C THR G 97 14.92 20.85 3.33
N SER G 98 13.81 20.39 2.75
CA SER G 98 12.53 21.08 2.86
C SER G 98 12.11 21.18 4.33
N ALA G 99 11.54 22.33 4.70
CA ALA G 99 11.10 22.59 6.07
C ALA G 99 9.89 21.73 6.49
N ALA G 100 9.17 21.20 5.50
CA ALA G 100 8.11 20.20 5.74
C ALA G 100 8.64 18.82 6.17
N ASP G 101 9.90 18.51 5.83
CA ASP G 101 10.53 17.22 6.18
C ASP G 101 10.96 17.10 7.65
N ILE G 102 10.97 18.22 8.38
CA ILE G 102 11.30 18.24 9.80
C ILE G 102 10.21 18.99 10.59
N TRP G 103 10.30 18.88 11.90
CA TRP G 103 9.49 19.71 12.80
C TRP G 103 10.05 21.14 12.77
N THR G 104 9.14 22.11 12.84
CA THR G 104 9.50 23.52 13.00
C THR G 104 8.66 24.12 14.11
N PRO G 105 9.25 25.03 14.91
CA PRO G 105 8.49 25.64 16.00
C PRO G 105 7.38 26.56 15.49
N ASP G 106 6.30 26.66 16.26
CA ASP G 106 5.10 27.42 15.87
C ASP G 106 5.19 28.90 16.30
N ILE G 107 6.25 29.59 15.87
CA ILE G 107 6.53 30.97 16.29
C ILE G 107 5.56 31.91 15.57
N THR G 108 4.81 32.67 16.37
CA THR G 108 3.67 33.44 15.90
C THR G 108 3.72 34.87 16.44
N ALA G 109 3.31 35.83 15.62
CA ALA G 109 3.14 37.22 16.06
C ALA G 109 1.85 37.34 16.85
N TYR G 110 1.93 37.96 18.04
CA TYR G 110 0.78 38.03 18.97
C TYR G 110 -0.19 39.20 18.74
N SER G 111 0.16 40.12 17.84
CA SER G 111 -0.68 41.27 17.53
C SER G 111 -0.82 41.50 16.02
N SER G 112 -0.80 40.42 15.24
CA SER G 112 -0.96 40.50 13.79
C SER G 112 -2.42 40.78 13.43
N THR G 113 -2.60 41.50 12.33
CA THR G 113 -3.94 41.81 11.81
C THR G 113 -4.28 41.09 10.49
N ARG G 114 -3.28 40.49 9.85
CA ARG G 114 -3.48 39.65 8.65
C ARG G 114 -2.62 38.41 8.77
N PRO G 115 -2.92 37.36 7.98
CA PRO G 115 -1.99 36.23 7.95
C PRO G 115 -0.63 36.66 7.39
N VAL G 116 0.44 36.10 7.96
CA VAL G 116 1.79 36.39 7.50
C VAL G 116 1.95 35.93 6.04
N GLN G 117 2.55 36.77 5.22
CA GLN G 117 2.83 36.44 3.82
C GLN G 117 4.26 35.92 3.71
N VAL G 118 4.40 34.72 3.16
CA VAL G 118 5.71 34.09 3.05
C VAL G 118 6.42 34.65 1.81
N LEU G 119 7.65 35.12 2.00
CA LEU G 119 8.44 35.74 0.93
C LEU G 119 9.64 34.93 0.44
N SER G 120 9.97 33.85 1.15
CA SER G 120 11.14 33.03 0.79
C SER G 120 10.78 31.54 0.76
N PRO G 121 11.65 30.70 0.17
CA PRO G 121 11.50 29.24 0.24
C PRO G 121 11.53 28.71 1.67
N GLN G 122 10.78 27.63 1.90
CA GLN G 122 10.71 26.99 3.21
C GLN G 122 11.70 25.83 3.23
N ILE G 123 12.98 26.18 3.30
CA ILE G 123 14.09 25.21 3.31
C ILE G 123 14.99 25.53 4.50
N ALA G 124 15.45 24.49 5.20
CA ALA G 124 16.26 24.62 6.41
C ALA G 124 17.61 23.92 6.25
N VAL G 125 18.61 24.40 6.98
CA VAL G 125 19.94 23.78 7.05
C VAL G 125 20.02 22.95 8.32
N VAL G 126 20.37 21.68 8.18
CA VAL G 126 20.51 20.75 9.30
C VAL G 126 21.99 20.36 9.40
N THR G 127 22.52 20.37 10.62
CA THR G 127 23.95 20.12 10.87
C THR G 127 24.14 18.85 11.71
N HIS G 128 25.28 18.19 11.54
CA HIS G 128 25.56 16.85 12.14
C HIS G 128 25.31 16.71 13.65
N ASP G 129 25.48 17.80 14.39
CA ASP G 129 25.17 17.84 15.83
C ASP G 129 23.67 17.85 16.16
N GLY G 130 22.80 17.91 15.16
CA GLY G 130 21.35 17.91 15.34
C GLY G 130 20.74 19.30 15.39
N SER G 131 21.51 20.33 15.03
CA SER G 131 21.05 21.71 15.05
C SER G 131 20.50 22.13 13.69
N VAL G 132 19.46 22.97 13.73
CA VAL G 132 18.73 23.37 12.54
C VAL G 132 18.72 24.90 12.48
N MET G 133 19.00 25.45 11.28
CA MET G 133 18.83 26.88 11.01
C MET G 133 17.72 27.05 9.97
N PHE G 134 16.70 27.84 10.31
CA PHE G 134 15.55 28.11 9.44
C PHE G 134 15.32 29.63 9.45
N ILE G 135 15.37 30.25 8.26
CA ILE G 135 15.30 31.72 8.14
C ILE G 135 14.22 32.13 7.13
N PRO G 136 12.94 32.06 7.54
CA PRO G 136 11.86 32.54 6.66
C PRO G 136 11.80 34.07 6.54
N ALA G 137 11.66 34.55 5.31
CA ALA G 137 11.37 35.96 5.05
C ALA G 137 9.86 36.14 5.07
N GLN G 138 9.41 37.23 5.72
CA GLN G 138 7.99 37.45 5.98
C GLN G 138 7.61 38.91 5.73
N ARG G 139 6.34 39.13 5.42
CA ARG G 139 5.70 40.44 5.56
C ARG G 139 4.59 40.31 6.59
N LEU G 140 4.56 41.26 7.53
CA LEU G 140 3.63 41.23 8.66
C LEU G 140 2.83 42.52 8.73
N SER G 141 1.51 42.40 8.78
CA SER G 141 0.65 43.52 9.20
C SER G 141 0.35 43.34 10.68
N PHE G 142 0.75 44.32 11.50
CA PHE G 142 0.53 44.26 12.95
C PHE G 142 0.04 45.60 13.54
N MET G 143 -0.48 45.53 14.77
CA MET G 143 -1.12 46.65 15.46
C MET G 143 -0.10 47.70 15.92
N CYS G 144 -0.24 48.92 15.41
CA CYS G 144 0.69 50.01 15.70
C CYS G 144 0.08 51.35 15.32
N ASP G 145 0.03 52.28 16.29
CA ASP G 145 -0.46 53.65 16.05
C ASP G 145 0.67 54.50 15.44
N PRO G 146 0.52 54.93 14.17
CA PRO G 146 1.54 55.75 13.52
C PRO G 146 1.32 57.28 13.66
N THR G 147 0.36 57.70 14.47
CA THR G 147 0.13 59.12 14.74
C THR G 147 1.39 59.74 15.35
N GLY G 148 1.99 60.69 14.62
CA GLY G 148 3.24 61.33 15.02
C GLY G 148 4.49 60.80 14.35
N VAL G 149 4.32 59.90 13.37
CA VAL G 149 5.46 59.37 12.58
C VAL G 149 6.15 60.47 11.76
N ASP G 150 5.38 61.48 11.34
CA ASP G 150 5.91 62.62 10.56
C ASP G 150 6.65 63.67 11.39
N SER G 151 6.65 63.54 12.71
CA SER G 151 7.43 64.42 13.59
C SER G 151 8.90 64.00 13.65
N GLU G 152 9.70 64.84 14.31
CA GLU G 152 11.11 64.58 14.51
C GLU G 152 11.36 63.52 15.60
N GLU G 153 10.37 63.31 16.47
CA GLU G 153 10.46 62.35 17.57
C GLU G 153 10.08 60.92 17.14
N GLY G 154 9.24 60.82 16.12
CA GLY G 154 8.81 59.52 15.59
C GLY G 154 7.78 58.83 16.47
N VAL G 155 7.66 57.53 16.27
CA VAL G 155 6.74 56.68 17.05
C VAL G 155 7.43 55.37 17.41
N THR G 156 7.04 54.79 18.54
CA THR G 156 7.58 53.53 19.02
C THR G 156 6.48 52.47 18.95
N CYS G 157 6.81 51.32 18.36
CA CYS G 157 5.85 50.22 18.21
C CYS G 157 6.47 48.86 18.54
N ALA G 158 5.60 47.91 18.90
CA ALA G 158 6.04 46.64 19.45
C ALA G 158 5.16 45.47 19.00
N VAL G 159 5.80 44.31 18.82
CA VAL G 159 5.11 43.07 18.50
C VAL G 159 5.88 41.90 19.12
N LYS G 160 5.15 40.97 19.73
CA LYS G 160 5.74 39.83 20.43
C LYS G 160 5.71 38.59 19.55
N PHE G 161 6.84 37.90 19.44
CA PHE G 161 6.97 36.66 18.65
C PHE G 161 7.26 35.51 19.59
N GLY G 162 6.37 34.51 19.60
CA GLY G 162 6.56 33.31 20.42
C GLY G 162 5.69 32.14 20.00
N SER G 163 5.86 31.01 20.68
CA SER G 163 5.05 29.83 20.43
C SER G 163 3.60 30.12 20.80
N TRP G 164 2.69 29.73 19.93
CA TRP G 164 1.26 29.90 20.17
C TRP G 164 0.73 28.95 21.24
N VAL G 165 1.14 27.67 21.17
CA VAL G 165 0.56 26.61 22.02
C VAL G 165 1.46 26.01 23.12
N TYR G 166 2.78 26.10 22.95
CA TYR G 166 3.72 25.56 23.95
C TYR G 166 4.11 26.61 24.99
N SER G 167 3.99 26.24 26.26
CA SER G 167 4.44 27.09 27.36
C SER G 167 5.97 27.09 27.48
N GLY G 168 6.47 27.89 28.41
CA GLY G 168 7.89 27.92 28.75
C GLY G 168 8.47 26.59 29.18
N PHE G 169 7.63 25.72 29.74
CA PHE G 169 8.07 24.38 30.16
C PHE G 169 8.39 23.43 28.99
N GLU G 170 7.90 23.74 27.77
CA GLU G 170 8.22 22.95 26.57
C GLU G 170 9.09 23.73 25.57
N ILE G 171 8.68 24.95 25.22
CA ILE G 171 9.49 25.84 24.37
C ILE G 171 9.92 27.08 25.14
N ASP G 172 11.22 27.19 25.41
CA ASP G 172 11.87 28.42 25.88
C ASP G 172 12.49 29.12 24.66
N LEU G 173 12.72 30.42 24.79
CA LEU G 173 13.34 31.21 23.71
C LEU G 173 14.56 31.96 24.23
N LYS G 174 15.37 32.46 23.30
CA LYS G 174 16.48 33.36 23.63
C LYS G 174 16.92 34.16 22.40
N THR G 175 17.82 35.12 22.62
CA THR G 175 18.48 35.87 21.55
C THR G 175 20.00 35.84 21.78
N ASP G 176 20.77 35.81 20.70
CA ASP G 176 22.22 35.99 20.79
C ASP G 176 22.56 37.44 21.16
N THR G 177 21.81 38.37 20.59
CA THR G 177 21.96 39.81 20.89
C THR G 177 20.59 40.47 21.01
N ASP G 178 20.55 41.58 21.75
CA ASP G 178 19.33 42.39 21.85
C ASP G 178 19.19 43.44 20.74
N GLN G 179 20.22 43.61 19.91
CA GLN G 179 20.17 44.58 18.80
C GLN G 179 19.67 43.89 17.56
N VAL G 180 18.62 44.45 16.95
CA VAL G 180 18.11 43.97 15.67
C VAL G 180 19.14 44.31 14.60
N ASP G 181 19.37 43.38 13.67
CA ASP G 181 20.31 43.58 12.57
C ASP G 181 19.68 44.53 11.54
N LEU G 182 20.23 45.75 11.44
CA LEU G 182 19.73 46.77 10.50
C LEU G 182 20.65 46.97 9.29
N SER G 183 21.61 46.07 9.08
CA SER G 183 22.60 46.22 8.01
C SER G 183 22.06 45.91 6.61
N SER G 184 20.85 45.34 6.51
CA SER G 184 20.15 45.15 5.23
C SER G 184 18.91 46.05 5.08
N TYR G 185 18.73 47.02 5.99
CA TYR G 185 17.57 47.93 5.91
C TYR G 185 17.66 48.82 4.67
N TYR G 186 16.52 48.99 4.01
CA TYR G 186 16.42 49.74 2.75
C TYR G 186 16.68 51.24 2.96
N ALA G 187 17.83 51.70 2.45
CA ALA G 187 18.28 53.09 2.62
C ALA G 187 17.27 54.15 2.17
N SER G 188 16.52 53.87 1.11
CA SER G 188 15.53 54.80 0.56
C SER G 188 14.09 54.44 0.97
N SER G 189 13.93 53.86 2.16
CA SER G 189 12.62 53.60 2.72
C SER G 189 11.95 54.92 3.08
N LYS G 190 10.63 54.95 3.12
CA LYS G 190 9.89 56.14 3.55
C LYS G 190 10.15 56.45 5.03
N TYR G 191 10.57 55.44 5.80
CA TYR G 191 10.81 55.58 7.23
C TYR G 191 12.24 55.18 7.57
N GLU G 192 12.83 55.87 8.54
CA GLU G 192 14.16 55.54 9.04
C GLU G 192 14.07 55.03 10.48
N ILE G 193 15.00 54.13 10.83
CA ILE G 193 14.98 53.44 12.11
C ILE G 193 15.86 54.19 13.10
N LEU G 194 15.28 54.57 14.24
CA LEU G 194 16.00 55.22 15.33
C LEU G 194 16.50 54.18 16.32
N SER G 195 15.67 53.18 16.62
CA SER G 195 16.10 52.00 17.36
C SER G 195 15.28 50.75 16.99
N ALA G 196 15.87 49.59 17.22
CA ALA G 196 15.23 48.30 16.94
C ALA G 196 15.86 47.23 17.85
N THR G 197 15.11 46.81 18.86
CA THR G 197 15.58 45.82 19.84
C THR G 197 14.70 44.57 19.86
N GLN G 198 15.30 43.45 20.28
CA GLN G 198 14.67 42.13 20.31
C GLN G 198 14.94 41.46 21.66
N THR G 199 13.94 41.46 22.55
CA THR G 199 14.15 41.16 23.97
C THR G 199 13.26 40.03 24.48
N ARG G 200 13.86 39.08 25.19
CA ARG G 200 13.12 37.97 25.80
C ARG G 200 12.12 38.49 26.85
N GLN G 201 10.92 37.91 26.86
CA GLN G 201 9.85 38.25 27.80
C GLN G 201 9.15 37.00 28.30
N VAL G 202 8.57 37.10 29.50
CA VAL G 202 7.74 36.04 30.09
C VAL G 202 6.33 36.61 30.31
N GLN G 203 5.32 35.92 29.78
CA GLN G 203 3.94 36.38 29.83
C GLN G 203 3.03 35.27 30.35
N HIS G 204 1.87 35.67 30.87
CA HIS G 204 0.83 34.76 31.33
C HIS G 204 -0.50 35.13 30.67
N TYR G 205 -1.35 34.12 30.46
CA TYR G 205 -2.60 34.26 29.72
C TYR G 205 -3.75 33.58 30.46
N SER G 206 -4.99 33.95 30.13
CA SER G 206 -6.19 33.51 30.85
C SER G 206 -6.47 32.00 30.74
N CYS G 207 -6.22 31.42 29.57
CA CYS G 207 -6.40 29.97 29.33
C CYS G 207 -5.68 29.07 30.34
N CYS G 208 -4.45 29.45 30.67
CA CYS G 208 -3.43 28.52 31.13
C CYS G 208 -2.65 29.10 32.32
N PRO G 209 -2.27 28.24 33.30
CA PRO G 209 -1.53 28.74 34.46
C PRO G 209 -0.04 29.02 34.20
N GLU G 210 0.58 28.24 33.31
CA GLU G 210 2.04 28.24 33.17
C GLU G 210 2.53 29.39 32.28
N PRO G 211 3.77 29.87 32.50
CA PRO G 211 4.26 31.04 31.75
C PRO G 211 4.61 30.72 30.28
N TYR G 212 4.36 31.69 29.40
CA TYR G 212 4.70 31.57 27.99
C TYR G 212 5.79 32.57 27.64
N ILE G 213 6.70 32.17 26.75
CA ILE G 213 7.87 32.96 26.39
C ILE G 213 7.68 33.62 25.02
N ASP G 214 8.21 34.83 24.88
CA ASP G 214 8.21 35.54 23.59
C ASP G 214 9.45 36.42 23.45
N VAL G 215 9.72 36.83 22.22
CA VAL G 215 10.72 37.86 21.94
C VAL G 215 9.98 39.10 21.46
N ASN G 216 10.14 40.21 22.18
CA ASN G 216 9.45 41.46 21.88
C ASN G 216 10.30 42.32 20.93
N LEU G 217 9.85 42.43 19.68
CA LEU G 217 10.46 43.33 18.70
C LEU G 217 9.93 44.74 18.91
N VAL G 218 10.77 45.62 19.46
CA VAL G 218 10.43 47.03 19.70
C VAL G 218 11.15 47.88 18.67
N VAL G 219 10.38 48.61 17.85
CA VAL G 219 10.94 49.41 16.75
C VAL G 219 10.49 50.86 16.91
N LYS G 220 11.46 51.77 16.83
CA LYS G 220 11.20 53.21 16.84
C LYS G 220 11.62 53.78 15.50
N PHE G 221 10.75 54.60 14.89
CA PHE G 221 10.99 55.11 13.55
C PHE G 221 10.26 56.42 13.26
N ARG G 222 10.65 57.06 12.17
CA ARG G 222 10.02 58.31 11.71
C ARG G 222 10.18 58.46 10.21
N GLU G 223 9.42 59.38 9.63
CA GLU G 223 9.53 59.69 8.20
C GLU G 223 10.87 60.40 7.93
N ARG G 224 11.63 59.92 6.94
CA ARG G 224 12.90 60.58 6.57
C ARG G 224 12.62 61.69 5.56
N GLN H 20 4.57 8.28 -27.86
CA GLN H 20 3.96 8.15 -26.49
C GLN H 20 4.46 6.96 -25.65
N ALA H 21 4.61 5.78 -26.26
CA ALA H 21 5.06 4.58 -25.55
C ALA H 21 6.47 4.70 -24.98
N ASN H 22 7.40 5.20 -25.79
CA ASN H 22 8.80 5.37 -25.38
C ASN H 22 9.02 6.49 -24.34
N LEU H 23 8.25 7.57 -24.44
CA LEU H 23 8.35 8.66 -23.47
C LEU H 23 7.79 8.25 -22.11
N MET H 24 6.67 7.51 -22.12
CA MET H 24 6.13 6.89 -20.91
C MET H 24 7.19 6.07 -20.17
N ARG H 25 7.96 5.28 -20.92
CA ARG H 25 9.06 4.49 -20.34
C ARG H 25 10.17 5.35 -19.74
N LEU H 26 10.62 6.33 -20.51
CA LEU H 26 11.69 7.25 -20.08
C LEU H 26 11.30 7.96 -18.78
N LYS H 27 10.10 8.52 -18.75
CA LYS H 27 9.60 9.25 -17.57
C LYS H 27 9.41 8.35 -16.35
N SER H 28 9.01 7.10 -16.57
CA SER H 28 8.89 6.12 -15.48
C SER H 28 10.26 5.66 -14.97
N ASP H 29 11.19 5.41 -15.87
CA ASP H 29 12.57 5.02 -15.50
C ASP H 29 13.34 6.16 -14.80
N LEU H 30 13.05 7.41 -15.13
CA LEU H 30 13.69 8.56 -14.48
C LEU H 30 13.11 8.91 -13.12
N PHE H 31 11.77 8.90 -13.01
CA PHE H 31 11.09 9.47 -11.84
C PHE H 31 10.50 8.46 -10.86
N ASN H 32 9.86 7.39 -11.37
CA ASN H 32 9.29 6.35 -10.51
C ASN H 32 10.38 5.45 -9.92
N ARG H 33 11.33 5.05 -10.77
CA ARG H 33 12.37 4.09 -10.39
C ARG H 33 13.44 4.70 -9.46
N SER H 34 13.91 5.90 -9.80
CA SER H 34 15.01 6.55 -9.07
C SER H 34 14.52 7.20 -7.76
N PRO H 35 15.44 7.40 -6.78
CA PRO H 35 15.15 8.22 -5.61
C PRO H 35 15.40 9.69 -5.92
N MET H 36 14.72 10.58 -5.20
CA MET H 36 14.74 12.03 -5.49
C MET H 36 16.14 12.62 -5.30
N TYR H 37 16.50 13.55 -6.19
CA TYR H 37 17.75 14.29 -6.12
C TYR H 37 17.69 15.23 -4.89
N PRO H 38 18.62 15.06 -3.93
CA PRO H 38 18.55 15.83 -2.68
C PRO H 38 19.12 17.25 -2.75
N GLY H 39 19.62 17.66 -3.92
CA GLY H 39 20.08 19.02 -4.15
C GLY H 39 21.59 19.10 -4.29
N PRO H 40 22.11 20.30 -4.58
CA PRO H 40 23.56 20.48 -4.70
C PRO H 40 24.27 20.41 -3.34
N THR H 41 25.54 20.00 -3.38
CA THR H 41 26.38 19.88 -2.18
C THR H 41 27.76 20.51 -2.44
N LYS H 42 28.57 20.60 -1.39
CA LYS H 42 29.96 21.07 -1.53
C LYS H 42 30.82 20.11 -2.35
N ASP H 43 30.54 18.80 -2.25
CA ASP H 43 31.25 17.79 -3.04
C ASP H 43 30.83 17.79 -4.51
N ASP H 44 29.52 17.92 -4.75
CA ASP H 44 28.95 17.93 -6.10
C ASP H 44 28.20 19.26 -6.34
N PRO H 45 28.95 20.38 -6.53
CA PRO H 45 28.34 21.70 -6.70
C PRO H 45 27.64 21.90 -8.04
N LEU H 46 26.93 23.02 -8.17
CA LEU H 46 26.06 23.28 -9.32
C LEU H 46 26.12 24.75 -9.73
N THR H 47 26.13 25.00 -11.04
CA THR H 47 26.08 26.36 -11.59
C THR H 47 24.77 26.54 -12.36
N VAL H 48 23.98 27.53 -11.95
CA VAL H 48 22.73 27.90 -12.62
C VAL H 48 22.96 29.14 -13.47
N THR H 49 22.54 29.09 -14.73
CA THR H 49 22.59 30.28 -15.60
C THR H 49 21.25 31.02 -15.50
N LEU H 50 21.29 32.30 -15.12
CA LEU H 50 20.09 33.15 -15.02
C LEU H 50 20.07 34.22 -16.11
N GLY H 51 18.88 34.49 -16.64
CA GLY H 51 18.65 35.60 -17.59
C GLY H 51 17.21 36.06 -17.56
N PHE H 52 17.01 37.38 -17.56
CA PHE H 52 15.68 37.98 -17.45
C PHE H 52 15.27 38.63 -18.76
N THR H 53 14.01 38.48 -19.16
CA THR H 53 13.41 39.34 -20.18
C THR H 53 12.27 40.14 -19.52
N LEU H 54 12.41 41.46 -19.54
CA LEU H 54 11.46 42.36 -18.89
C LEU H 54 10.32 42.69 -19.84
N GLN H 55 9.09 42.38 -19.42
CA GLN H 55 7.89 42.64 -20.22
C GLN H 55 7.25 43.99 -19.90
N ASP H 56 7.18 44.35 -18.61
CA ASP H 56 6.55 45.59 -18.20
C ASP H 56 6.89 46.00 -16.77
N ILE H 57 7.09 47.30 -16.57
CA ILE H 57 7.01 47.93 -15.27
C ILE H 57 5.54 48.37 -15.16
N VAL H 58 4.76 47.63 -14.39
CA VAL H 58 3.31 47.77 -14.38
C VAL H 58 2.88 48.95 -13.52
N LYS H 59 3.38 48.98 -12.28
CA LYS H 59 2.90 49.95 -11.28
C LYS H 59 4.06 50.54 -10.48
N VAL H 60 3.81 51.74 -9.97
CA VAL H 60 4.75 52.48 -9.15
C VAL H 60 3.94 53.08 -8.00
N ASP H 61 4.36 52.79 -6.76
CA ASP H 61 3.73 53.38 -5.57
C ASP H 61 4.72 54.30 -4.85
N SER H 62 4.50 55.60 -4.99
CA SER H 62 5.36 56.61 -4.36
C SER H 62 5.11 56.79 -2.86
N SER H 63 3.93 56.38 -2.38
CA SER H 63 3.62 56.46 -0.94
C SER H 63 4.25 55.34 -0.11
N THR H 64 4.63 54.23 -0.75
CA THR H 64 5.26 53.09 -0.07
C THR H 64 6.65 52.70 -0.60
N ASN H 65 7.10 53.34 -1.68
CA ASN H 65 8.32 52.95 -2.39
C ASN H 65 8.37 51.45 -2.73
N GLU H 66 7.31 51.00 -3.42
CA GLU H 66 7.25 49.69 -4.04
C GLU H 66 7.10 49.89 -5.55
N VAL H 67 7.65 48.97 -6.34
CA VAL H 67 7.48 48.95 -7.79
C VAL H 67 7.20 47.52 -8.27
N ASP H 68 6.27 47.38 -9.20
CA ASP H 68 5.83 46.08 -9.71
C ASP H 68 6.42 45.82 -11.11
N LEU H 69 7.06 44.66 -11.27
CA LEU H 69 7.63 44.23 -12.55
C LEU H 69 6.98 42.95 -13.02
N VAL H 70 6.77 42.84 -14.32
CA VAL H 70 6.36 41.61 -14.96
C VAL H 70 7.47 41.20 -15.92
N TYR H 71 7.90 39.95 -15.80
CA TYR H 71 9.05 39.42 -16.54
C TYR H 71 9.00 37.91 -16.53
N TYR H 72 9.86 37.29 -17.35
CA TYR H 72 10.15 35.88 -17.19
C TYR H 72 11.64 35.62 -17.10
N GLU H 73 11.97 34.56 -16.38
CA GLU H 73 13.30 34.30 -15.87
C GLU H 73 13.79 32.97 -16.41
N GLN H 74 14.75 33.00 -17.34
CA GLN H 74 15.33 31.79 -17.90
C GLN H 74 16.35 31.19 -16.92
N GLN H 75 16.11 29.94 -16.50
CA GLN H 75 17.01 29.21 -15.60
C GLN H 75 17.55 27.97 -16.33
N ARG H 76 18.87 27.77 -16.28
CA ARG H 76 19.53 26.60 -16.89
C ARG H 76 20.47 25.95 -15.90
N TRP H 77 20.36 24.63 -15.76
CA TRP H 77 21.31 23.84 -14.99
C TRP H 77 21.38 22.43 -15.59
N LYS H 78 22.32 21.63 -15.08
CA LYS H 78 22.56 20.28 -15.61
C LYS H 78 22.83 19.29 -14.47
N LEU H 79 22.09 18.16 -14.49
CA LEU H 79 22.29 17.07 -13.52
C LEU H 79 22.61 15.77 -14.24
N ASN H 80 23.58 15.03 -13.71
CA ASN H 80 23.94 13.71 -14.25
C ASN H 80 22.79 12.71 -14.12
N SER H 81 22.07 12.78 -13.00
CA SER H 81 20.93 11.88 -12.74
C SER H 81 19.79 11.97 -13.78
N LEU H 82 19.66 13.11 -14.46
CA LEU H 82 18.66 13.28 -15.52
C LEU H 82 19.12 12.86 -16.93
N MET H 83 20.30 12.23 -17.03
CA MET H 83 20.83 11.77 -18.33
C MET H 83 20.16 10.48 -18.79
N TRP H 84 20.10 10.31 -20.11
CA TRP H 84 19.69 9.04 -20.73
C TRP H 84 20.30 8.90 -22.12
N ASP H 85 20.34 7.66 -22.61
CA ASP H 85 20.81 7.35 -23.96
C ASP H 85 19.59 7.37 -24.90
N PRO H 86 19.56 8.31 -25.88
CA PRO H 86 18.47 8.36 -26.86
C PRO H 86 18.13 7.05 -27.59
N ASN H 87 19.16 6.25 -27.88
CA ASN H 87 18.97 4.95 -28.56
C ASN H 87 18.10 3.98 -27.74
N GLU H 88 18.21 4.04 -26.41
CA GLU H 88 17.46 3.16 -25.52
C GLU H 88 15.97 3.54 -25.40
N TYR H 89 15.58 4.76 -25.81
CA TYR H 89 14.18 5.20 -25.74
C TYR H 89 13.68 5.85 -27.04
N GLY H 90 13.91 5.15 -28.16
CA GLY H 90 13.36 5.54 -29.47
C GLY H 90 13.78 6.90 -29.99
N ASN H 91 15.07 7.23 -29.86
CA ASN H 91 15.64 8.50 -30.31
C ASN H 91 15.06 9.78 -29.67
N ILE H 92 14.48 9.67 -28.47
CA ILE H 92 13.95 10.84 -27.76
C ILE H 92 15.14 11.61 -27.18
N THR H 93 15.37 12.82 -27.68
CA THR H 93 16.48 13.68 -27.25
C THR H 93 16.09 14.68 -26.15
N ASP H 94 14.79 14.98 -26.03
CA ASP H 94 14.30 15.90 -24.99
C ASP H 94 12.81 15.73 -24.74
N PHE H 95 12.34 16.29 -23.63
CA PHE H 95 10.90 16.26 -23.29
C PHE H 95 10.48 17.35 -22.31
N ARG H 96 9.24 17.80 -22.44
CA ARG H 96 8.61 18.69 -21.46
C ARG H 96 8.08 17.86 -20.30
N THR H 97 8.24 18.37 -19.08
CA THR H 97 7.65 17.74 -17.90
C THR H 97 7.40 18.75 -16.78
N SER H 98 6.43 18.42 -15.93
CA SER H 98 6.07 19.27 -14.78
C SER H 98 7.29 19.53 -13.91
N ALA H 99 7.41 20.78 -13.44
CA ALA H 99 8.53 21.18 -12.58
C ALA H 99 8.51 20.49 -11.21
N ALA H 100 7.35 19.98 -10.80
CA ALA H 100 7.21 19.17 -9.60
C ALA H 100 7.96 17.84 -9.66
N ASP H 101 8.10 17.26 -10.86
CA ASP H 101 8.81 15.99 -11.07
C ASP H 101 10.32 16.08 -10.78
N ILE H 102 10.90 17.26 -10.99
CA ILE H 102 12.35 17.45 -10.89
C ILE H 102 12.70 18.47 -9.82
N TRP H 103 13.97 18.45 -9.43
CA TRP H 103 14.51 19.49 -8.57
C TRP H 103 14.57 20.80 -9.36
N THR H 104 14.32 21.91 -8.67
CA THR H 104 14.50 23.25 -9.24
C THR H 104 15.24 24.14 -8.24
N PRO H 105 16.10 25.04 -8.74
CA PRO H 105 16.82 25.94 -7.85
C PRO H 105 15.89 26.96 -7.18
N ASP H 106 16.14 27.23 -5.91
CA ASP H 106 15.27 28.09 -5.10
C ASP H 106 15.61 29.58 -5.27
N ILE H 107 15.55 30.06 -6.52
CA ILE H 107 15.98 31.42 -6.85
C ILE H 107 14.93 32.41 -6.32
N THR H 108 15.39 33.40 -5.56
CA THR H 108 14.52 34.30 -4.82
C THR H 108 14.98 35.75 -4.97
N ALA H 109 14.01 36.65 -5.07
CA ALA H 109 14.26 38.09 -5.05
C ALA H 109 14.52 38.52 -3.61
N TYR H 110 15.64 39.19 -3.37
CA TYR H 110 16.09 39.52 -2.00
C TYR H 110 15.42 40.76 -1.39
N SER H 111 14.74 41.57 -2.20
CA SER H 111 14.08 42.78 -1.71
C SER H 111 12.60 42.85 -2.09
N SER H 112 11.93 41.70 -2.09
CA SER H 112 10.50 41.64 -2.38
C SER H 112 9.68 42.19 -1.22
N THR H 113 8.50 42.72 -1.52
CA THR H 113 7.55 43.21 -0.50
C THR H 113 6.22 42.43 -0.48
N ARG H 114 5.99 41.57 -1.47
CA ARG H 114 4.83 40.68 -1.50
C ARG H 114 5.30 39.33 -2.00
N PRO H 115 4.50 38.27 -1.78
CA PRO H 115 4.83 37.00 -2.44
C PRO H 115 4.80 37.14 -3.96
N VAL H 116 5.75 36.50 -4.63
CA VAL H 116 5.81 36.51 -6.10
C VAL H 116 4.56 35.81 -6.65
N GLN H 117 3.87 36.48 -7.56
CA GLN H 117 2.72 35.89 -8.24
C GLN H 117 3.18 35.17 -9.50
N VAL H 118 2.77 33.92 -9.66
CA VAL H 118 3.16 33.10 -10.81
C VAL H 118 2.18 33.37 -11.94
N LEU H 119 2.72 33.66 -13.13
CA LEU H 119 1.93 33.97 -14.32
C LEU H 119 1.91 32.89 -15.40
N SER H 120 2.87 31.96 -15.39
CA SER H 120 2.96 30.91 -16.40
C SER H 120 2.69 29.53 -15.79
N PRO H 121 2.61 28.49 -16.65
CA PRO H 121 2.71 27.11 -16.18
C PRO H 121 4.11 26.76 -15.68
N GLN H 122 4.18 25.80 -14.76
CA GLN H 122 5.43 25.39 -14.14
C GLN H 122 5.90 24.09 -14.79
N ILE H 123 6.34 24.20 -16.03
CA ILE H 123 6.75 23.06 -16.85
C ILE H 123 8.13 23.34 -17.45
N ALA H 124 9.08 22.44 -17.20
CA ALA H 124 10.46 22.58 -17.68
C ALA H 124 10.74 21.65 -18.85
N VAL H 125 11.88 21.87 -19.51
CA VAL H 125 12.34 21.08 -20.66
C VAL H 125 13.65 20.39 -20.28
N VAL H 126 13.67 19.06 -20.38
CA VAL H 126 14.83 18.25 -20.01
C VAL H 126 15.42 17.62 -21.28
N THR H 127 16.74 17.71 -21.43
CA THR H 127 17.46 17.20 -22.60
C THR H 127 18.28 15.98 -22.20
N HIS H 128 18.56 15.10 -23.16
CA HIS H 128 19.27 13.83 -22.91
C HIS H 128 20.63 13.97 -22.21
N ASP H 129 21.32 15.09 -22.42
CA ASP H 129 22.61 15.37 -21.75
C ASP H 129 22.51 15.73 -20.26
N GLY H 130 21.29 15.80 -19.72
CA GLY H 130 21.06 16.13 -18.31
C GLY H 130 20.70 17.58 -18.07
N SER H 131 20.69 18.40 -19.14
CA SER H 131 20.44 19.83 -19.02
C SER H 131 18.94 20.15 -18.92
N VAL H 132 18.62 21.20 -18.17
CA VAL H 132 17.24 21.61 -17.93
C VAL H 132 17.07 23.08 -18.28
N MET H 133 15.93 23.43 -18.90
CA MET H 133 15.53 24.81 -19.11
C MET H 133 14.18 25.03 -18.46
N PHE H 134 14.05 26.10 -17.68
CA PHE H 134 12.82 26.41 -16.94
C PHE H 134 12.63 27.92 -16.90
N ILE H 135 11.51 28.40 -17.46
CA ILE H 135 11.27 29.84 -17.69
C ILE H 135 9.96 30.30 -17.05
N PRO H 136 9.93 30.46 -15.71
CA PRO H 136 8.73 30.94 -15.04
C PRO H 136 8.47 32.44 -15.24
N ALA H 137 7.24 32.79 -15.56
CA ALA H 137 6.80 34.17 -15.66
C ALA H 137 6.30 34.60 -14.28
N GLN H 138 6.72 35.80 -13.85
CA GLN H 138 6.48 36.27 -12.49
C GLN H 138 6.08 37.75 -12.49
N ARG H 139 5.22 38.12 -11.53
CA ARG H 139 5.04 39.50 -11.14
C ARG H 139 5.60 39.70 -9.73
N LEU H 140 6.38 40.76 -9.56
CA LEU H 140 7.16 41.00 -8.34
C LEU H 140 6.95 42.44 -7.88
N SER H 141 6.51 42.60 -6.63
CA SER H 141 6.61 43.89 -5.94
C SER H 141 7.93 43.89 -5.19
N PHE H 142 8.70 44.97 -5.35
CA PHE H 142 10.01 45.10 -4.68
C PHE H 142 10.32 46.55 -4.28
N MET H 143 11.31 46.70 -3.40
CA MET H 143 11.65 47.98 -2.78
C MET H 143 12.35 48.90 -3.79
N CYS H 144 11.75 50.07 -4.03
CA CYS H 144 12.22 50.99 -5.04
C CYS H 144 11.58 52.36 -4.83
N ASP H 145 12.41 53.41 -4.81
CA ASP H 145 11.95 54.79 -4.67
C ASP H 145 11.77 55.37 -6.08
N PRO H 146 10.53 55.70 -6.48
CA PRO H 146 10.25 56.26 -7.80
C PRO H 146 10.31 57.80 -7.88
N THR H 147 10.71 58.46 -6.80
CA THR H 147 10.87 59.92 -6.78
C THR H 147 11.80 60.38 -7.92
N GLY H 148 11.25 61.17 -8.85
CA GLY H 148 12.00 61.67 -10.01
C GLY H 148 11.90 60.81 -11.27
N VAL H 149 11.00 59.82 -11.27
CA VAL H 149 10.68 59.05 -12.48
C VAL H 149 10.09 59.93 -13.59
N ASP H 150 9.42 61.01 -13.20
CA ASP H 150 8.81 61.97 -14.14
C ASP H 150 9.78 62.99 -14.78
N SER H 151 11.08 62.86 -14.54
CA SER H 151 12.10 63.73 -15.14
C SER H 151 12.82 63.06 -16.31
N GLU H 152 13.68 63.83 -17.00
CA GLU H 152 14.52 63.32 -18.08
C GLU H 152 15.58 62.31 -17.60
N GLU H 153 16.11 62.54 -16.40
CA GLU H 153 17.14 61.66 -15.82
C GLU H 153 16.54 60.30 -15.46
N GLY H 154 15.30 60.31 -14.95
CA GLY H 154 14.61 59.10 -14.53
C GLY H 154 15.07 58.65 -13.16
N VAL H 155 14.95 57.36 -12.90
CA VAL H 155 15.44 56.73 -11.66
C VAL H 155 16.03 55.35 -11.93
N THR H 156 17.00 54.97 -11.10
CA THR H 156 17.57 53.64 -11.09
C THR H 156 17.03 52.89 -9.87
N CYS H 157 16.74 51.61 -10.07
CA CYS H 157 16.37 50.71 -8.97
C CYS H 157 16.98 49.33 -9.20
N ALA H 158 17.19 48.60 -8.11
CA ALA H 158 17.91 47.31 -8.15
C ALA H 158 17.28 46.26 -7.25
N VAL H 159 17.42 45.00 -7.68
CA VAL H 159 16.96 43.84 -6.92
C VAL H 159 17.89 42.66 -7.20
N LYS H 160 18.31 41.98 -6.14
CA LYS H 160 19.21 40.82 -6.23
C LYS H 160 18.40 39.52 -6.35
N PHE H 161 18.79 38.67 -7.30
CA PHE H 161 18.18 37.34 -7.46
C PHE H 161 19.24 36.27 -7.22
N GLY H 162 19.02 35.45 -6.21
CA GLY H 162 19.91 34.32 -5.92
C GLY H 162 19.22 33.27 -5.06
N SER H 163 19.92 32.16 -4.84
CA SER H 163 19.40 31.10 -3.97
C SER H 163 19.24 31.64 -2.55
N TRP H 164 18.13 31.30 -1.90
CA TRP H 164 17.88 31.73 -0.52
C TRP H 164 18.73 30.97 0.50
N VAL H 165 18.95 29.67 0.29
CA VAL H 165 19.63 28.82 1.30
C VAL H 165 21.02 28.29 0.93
N TYR H 166 21.32 28.16 -0.37
CA TYR H 166 22.61 27.61 -0.82
C TYR H 166 23.66 28.70 -1.03
N SER H 167 24.86 28.46 -0.50
CA SER H 167 25.98 29.39 -0.65
C SER H 167 26.67 29.19 -1.99
N GLY H 168 27.72 29.99 -2.24
CA GLY H 168 28.56 29.85 -3.43
C GLY H 168 29.32 28.54 -3.57
N PHE H 169 29.49 27.81 -2.47
CA PHE H 169 30.10 26.47 -2.51
C PHE H 169 29.15 25.36 -2.99
N GLU H 170 27.83 25.60 -2.96
CA GLU H 170 26.84 24.65 -3.48
C GLU H 170 26.22 25.12 -4.81
N ILE H 171 25.61 26.30 -4.81
CA ILE H 171 25.05 26.93 -6.01
C ILE H 171 25.86 28.18 -6.39
N ASP H 172 26.49 28.14 -7.56
CA ASP H 172 27.06 29.31 -8.19
C ASP H 172 26.08 29.82 -9.25
N LEU H 173 26.21 31.09 -9.63
CA LEU H 173 25.38 31.67 -10.69
C LEU H 173 26.26 32.24 -11.79
N LYS H 174 25.69 32.37 -12.98
CA LYS H 174 26.30 33.15 -14.06
C LYS H 174 25.24 33.67 -15.03
N THR H 175 25.67 34.51 -15.97
CA THR H 175 24.80 35.07 -17.01
C THR H 175 25.47 34.90 -18.37
N ASP H 176 24.68 34.59 -19.39
CA ASP H 176 25.17 34.53 -20.78
C ASP H 176 25.46 35.93 -21.31
N THR H 177 24.64 36.89 -20.90
CA THR H 177 24.82 38.30 -21.25
C THR H 177 24.51 39.17 -20.03
N ASP H 178 25.19 40.31 -19.93
CA ASP H 178 24.87 41.31 -18.91
C ASP H 178 23.72 42.23 -19.32
N GLN H 179 23.32 42.19 -20.60
CA GLN H 179 22.16 42.96 -21.06
C GLN H 179 20.86 42.19 -20.83
N VAL H 180 19.91 42.85 -20.17
CA VAL H 180 18.55 42.32 -19.99
C VAL H 180 17.86 42.36 -21.34
N ASP H 181 17.09 41.31 -21.66
CA ASP H 181 16.35 41.22 -22.91
C ASP H 181 15.10 42.11 -22.82
N LEU H 182 15.10 43.20 -23.58
CA LEU H 182 13.96 44.12 -23.68
C LEU H 182 13.20 43.99 -25.00
N SER H 183 13.34 42.85 -25.69
CA SER H 183 12.71 42.64 -27.00
C SER H 183 11.23 42.27 -26.94
N SER H 184 10.72 41.98 -25.73
CA SER H 184 9.29 41.79 -25.48
C SER H 184 8.71 42.85 -24.53
N TYR H 185 9.39 43.99 -24.40
CA TYR H 185 8.90 45.04 -23.49
C TYR H 185 7.68 45.71 -24.11
N TYR H 186 6.67 45.94 -23.27
CA TYR H 186 5.38 46.53 -23.69
C TYR H 186 5.60 47.97 -24.21
N ALA H 187 5.30 48.18 -25.49
CA ALA H 187 5.54 49.47 -26.16
C ALA H 187 4.68 50.62 -25.61
N SER H 188 3.48 50.32 -25.12
CA SER H 188 2.59 51.33 -24.54
C SER H 188 2.58 51.31 -23.00
N SER H 189 3.69 50.89 -22.41
CA SER H 189 3.87 50.97 -20.97
C SER H 189 3.97 52.43 -20.56
N LYS H 190 3.58 52.73 -19.32
CA LYS H 190 3.70 54.09 -18.79
C LYS H 190 5.16 54.53 -18.60
N TYR H 191 6.09 53.57 -18.59
CA TYR H 191 7.50 53.86 -18.38
C TYR H 191 8.37 53.27 -19.48
N GLU H 192 9.39 54.03 -19.90
CA GLU H 192 10.38 53.56 -20.88
C GLU H 192 11.69 53.18 -20.18
N ILE H 193 12.34 52.15 -20.70
CA ILE H 193 13.57 51.62 -20.11
C ILE H 193 14.76 52.33 -20.74
N LEU H 194 15.61 52.91 -19.90
CA LEU H 194 16.82 53.60 -20.35
C LEU H 194 18.04 52.68 -20.31
N SER H 195 18.12 51.84 -19.28
CA SER H 195 19.09 50.75 -19.23
C SER H 195 18.61 49.65 -18.29
N ALA H 196 18.92 48.41 -18.64
CA ALA H 196 18.53 47.25 -17.85
C ALA H 196 19.65 46.21 -17.93
N THR H 197 20.29 45.93 -16.80
CA THR H 197 21.46 45.05 -16.76
C THR H 197 21.32 43.95 -15.71
N GLN H 198 22.04 42.85 -15.93
CA GLN H 198 22.04 41.69 -15.04
C GLN H 198 23.47 41.25 -14.79
N THR H 199 23.95 41.43 -13.55
CA THR H 199 25.35 41.24 -13.20
C THR H 199 25.50 40.32 -11.99
N ARG H 200 26.44 39.38 -12.10
CA ARG H 200 26.77 38.46 -11.00
C ARG H 200 27.45 39.21 -9.85
N GLN H 201 27.07 38.87 -8.61
CA GLN H 201 27.62 39.50 -7.40
C GLN H 201 27.89 38.51 -6.28
N VAL H 202 28.88 38.84 -5.44
CA VAL H 202 29.21 38.09 -4.24
C VAL H 202 28.79 38.92 -3.04
N GLN H 203 28.02 38.32 -2.13
CA GLN H 203 27.56 38.99 -0.91
C GLN H 203 27.79 38.11 0.32
N HIS H 204 27.89 38.76 1.48
CA HIS H 204 28.01 38.10 2.77
C HIS H 204 26.87 38.57 3.67
N TYR H 205 26.40 37.67 4.54
CA TYR H 205 25.28 37.97 5.45
C TYR H 205 25.63 37.60 6.89
N SER H 206 24.86 38.13 7.83
CA SER H 206 25.10 37.93 9.26
C SER H 206 25.01 36.48 9.70
N CYS H 207 24.08 35.71 9.13
CA CYS H 207 23.86 34.31 9.51
C CYS H 207 25.10 33.43 9.40
N CYS H 208 25.88 33.67 8.35
CA CYS H 208 26.74 32.64 7.77
C CYS H 208 28.09 33.22 7.34
N PRO H 209 29.19 32.44 7.50
CA PRO H 209 30.51 32.91 7.07
C PRO H 209 30.74 32.89 5.55
N GLU H 210 30.22 31.86 4.87
CA GLU H 210 30.53 31.61 3.45
C GLU H 210 29.82 32.59 2.50
N PRO H 211 30.40 32.82 1.30
CA PRO H 211 29.84 33.79 0.36
C PRO H 211 28.61 33.25 -0.40
N TYR H 212 27.62 34.12 -0.61
CA TYR H 212 26.41 33.78 -1.38
C TYR H 212 26.43 34.54 -2.70
N ILE H 213 26.02 33.89 -3.77
CA ILE H 213 26.02 34.48 -5.11
C ILE H 213 24.62 34.95 -5.48
N ASP H 214 24.55 36.10 -6.15
CA ASP H 214 23.30 36.61 -6.73
C ASP H 214 23.58 37.25 -8.09
N VAL H 215 22.50 37.48 -8.84
CA VAL H 215 22.51 38.29 -10.05
C VAL H 215 21.73 39.58 -9.74
N ASN H 216 22.42 40.72 -9.76
CA ASN H 216 21.80 42.02 -9.48
C ASN H 216 21.16 42.60 -10.75
N LEU H 217 19.83 42.73 -10.72
CA LEU H 217 19.07 43.31 -11.83
C LEU H 217 18.93 44.82 -11.59
N VAL H 218 19.66 45.63 -12.36
CA VAL H 218 19.65 47.10 -12.25
C VAL H 218 18.88 47.69 -13.43
N VAL H 219 17.76 48.36 -13.16
CA VAL H 219 16.89 48.91 -14.19
C VAL H 219 16.73 50.43 -14.02
N LYS H 220 17.18 51.18 -15.02
CA LYS H 220 16.94 52.63 -15.09
C LYS H 220 15.73 52.90 -15.98
N PHE H 221 14.82 53.76 -15.52
CA PHE H 221 13.58 54.04 -16.25
C PHE H 221 12.98 55.41 -15.91
N ARG H 222 12.15 55.91 -16.81
CA ARG H 222 11.41 57.16 -16.64
C ARG H 222 10.04 57.05 -17.30
N GLU H 223 9.19 58.04 -17.07
CA GLU H 223 7.87 58.09 -17.70
C GLU H 223 8.00 58.45 -19.18
N ARG H 224 7.21 57.79 -20.02
CA ARG H 224 6.98 58.27 -21.40
C ARG H 224 6.14 59.55 -21.30
N ARG H 225 6.81 60.70 -21.43
CA ARG H 225 6.13 62.00 -21.34
C ARG H 225 5.49 62.33 -22.70
N GLN I 20 -24.50 3.73 -13.68
CA GLN I 20 -23.22 4.07 -12.98
C GLN I 20 -22.14 2.98 -13.10
N ALA I 21 -22.54 1.71 -12.98
CA ALA I 21 -21.61 0.57 -13.05
C ALA I 21 -20.81 0.56 -14.35
N ASN I 22 -21.49 0.77 -15.48
CA ASN I 22 -20.82 0.79 -16.78
C ASN I 22 -19.78 1.90 -16.88
N LEU I 23 -20.10 3.08 -16.36
CA LEU I 23 -19.15 4.22 -16.38
C LEU I 23 -17.97 3.99 -15.44
N MET I 24 -18.23 3.51 -14.22
CA MET I 24 -17.17 3.18 -13.25
C MET I 24 -16.08 2.29 -13.86
N ARG I 25 -16.51 1.28 -14.62
CA ARG I 25 -15.61 0.40 -15.35
C ARG I 25 -14.79 1.14 -16.40
N LEU I 26 -15.47 1.95 -17.20
CA LEU I 26 -14.82 2.73 -18.27
C LEU I 26 -13.76 3.67 -17.71
N LYS I 27 -14.08 4.34 -16.61
CA LYS I 27 -13.13 5.26 -15.96
C LYS I 27 -11.95 4.50 -15.37
N SER I 28 -12.25 3.40 -14.68
CA SER I 28 -11.22 2.53 -14.12
C SER I 28 -10.28 1.94 -15.19
N ASP I 29 -10.85 1.60 -16.35
CA ASP I 29 -10.09 1.01 -17.47
C ASP I 29 -9.19 2.03 -18.20
N LEU I 30 -9.70 3.23 -18.45
CA LEU I 30 -8.92 4.28 -19.11
C LEU I 30 -7.78 4.83 -18.24
N PHE I 31 -8.12 5.17 -16.99
CA PHE I 31 -7.21 5.90 -16.12
C PHE I 31 -6.33 5.00 -15.26
N ASN I 32 -6.94 4.14 -14.44
CA ASN I 32 -6.21 3.40 -13.40
C ASN I 32 -5.28 2.31 -13.94
N ARG I 33 -5.66 1.65 -15.03
CA ARG I 33 -4.88 0.51 -15.55
C ARG I 33 -3.59 0.95 -16.25
N SER I 34 -3.69 1.91 -17.18
CA SER I 34 -2.56 2.37 -18.00
C SER I 34 -1.80 3.55 -17.35
N PRO I 35 -0.58 3.86 -17.84
CA PRO I 35 0.15 5.02 -17.31
C PRO I 35 -0.39 6.35 -17.85
N MET I 36 0.13 7.46 -17.32
CA MET I 36 -0.33 8.80 -17.68
C MET I 36 0.17 9.20 -19.07
N TYR I 37 -0.67 9.90 -19.82
CA TYR I 37 -0.31 10.44 -21.13
C TYR I 37 0.75 11.53 -20.92
N PRO I 38 1.94 11.39 -21.53
CA PRO I 38 3.07 12.28 -21.22
C PRO I 38 3.04 13.65 -21.94
N GLY I 39 2.06 13.85 -22.82
CA GLY I 39 1.93 15.09 -23.59
C GLY I 39 2.35 14.87 -25.03
N PRO I 40 2.14 15.88 -25.89
CA PRO I 40 2.52 15.76 -27.29
C PRO I 40 4.03 15.84 -27.50
N THR I 41 4.48 15.31 -28.64
CA THR I 41 5.90 15.35 -29.04
C THR I 41 6.00 15.70 -30.52
N LYS I 42 7.22 15.82 -31.01
CA LYS I 42 7.46 16.06 -32.44
C LYS I 42 6.98 14.89 -33.29
N ASP I 43 7.11 13.67 -32.77
CA ASP I 43 6.64 12.46 -33.45
C ASP I 43 5.11 12.27 -33.37
N ASP I 44 4.50 12.68 -32.26
CA ASP I 44 3.05 12.60 -32.07
C ASP I 44 2.45 13.99 -31.75
N PRO I 45 2.46 14.90 -32.75
CA PRO I 45 1.98 16.27 -32.50
C PRO I 45 0.46 16.34 -32.31
N LEU I 46 -0.02 17.53 -31.96
CA LEU I 46 -1.41 17.74 -31.56
C LEU I 46 -1.91 19.12 -31.97
N THR I 47 -3.15 19.19 -32.43
CA THR I 47 -3.80 20.47 -32.77
C THR I 47 -4.92 20.75 -31.79
N VAL I 48 -4.84 21.90 -31.11
CA VAL I 48 -5.87 22.34 -30.17
C VAL I 48 -6.68 23.45 -30.84
N THR I 49 -8.00 23.31 -30.83
CA THR I 49 -8.90 24.31 -31.39
C THR I 49 -9.32 25.23 -30.27
N LEU I 50 -9.19 26.55 -30.50
CA LEU I 50 -9.54 27.56 -29.50
C LEU I 50 -10.66 28.46 -30.01
N GLY I 51 -11.44 28.98 -29.07
CA GLY I 51 -12.58 29.84 -29.38
C GLY I 51 -13.06 30.55 -28.12
N PHE I 52 -13.20 31.88 -28.21
CA PHE I 52 -13.53 32.70 -27.05
C PHE I 52 -14.97 33.20 -27.16
N THR I 53 -15.64 33.31 -26.01
CA THR I 53 -16.88 34.09 -25.92
C THR I 53 -16.65 35.13 -24.84
N LEU I 54 -16.63 36.40 -25.25
CA LEU I 54 -16.36 37.50 -24.35
C LEU I 54 -17.66 37.85 -23.62
N GLN I 55 -17.62 37.77 -22.29
CA GLN I 55 -18.78 38.06 -21.44
C GLN I 55 -18.80 39.50 -20.94
N ASP I 56 -17.65 40.01 -20.52
CA ASP I 56 -17.57 41.36 -19.93
C ASP I 56 -16.16 41.92 -19.89
N ILE I 57 -16.04 43.22 -20.19
CA ILE I 57 -14.89 44.02 -19.85
C ILE I 57 -15.28 44.72 -18.55
N VAL I 58 -14.70 44.29 -17.44
CA VAL I 58 -15.14 44.72 -16.11
C VAL I 58 -14.59 46.09 -15.80
N LYS I 59 -13.26 46.23 -15.88
CA LYS I 59 -12.61 47.50 -15.57
C LYS I 59 -11.38 47.81 -16.40
N VAL I 60 -10.99 49.08 -16.30
CA VAL I 60 -9.86 49.68 -16.98
C VAL I 60 -9.08 50.46 -15.92
N ASP I 61 -7.77 50.26 -15.87
CA ASP I 61 -6.89 51.03 -14.99
C ASP I 61 -5.94 51.87 -15.86
N SER I 62 -6.28 53.15 -16.01
CA SER I 62 -5.48 54.08 -16.83
C SER I 62 -4.12 54.46 -16.20
N SER I 63 -3.98 54.30 -14.89
CA SER I 63 -2.70 54.58 -14.22
C SER I 63 -1.68 53.45 -14.44
N THR I 64 -2.14 52.21 -14.59
CA THR I 64 -1.26 51.04 -14.78
C THR I 64 -1.33 50.42 -16.18
N ASN I 65 -2.23 50.92 -17.04
CA ASN I 65 -2.51 50.31 -18.35
C ASN I 65 -2.84 48.83 -18.24
N GLU I 66 -3.85 48.54 -17.41
CA GLU I 66 -4.41 47.21 -17.22
C GLU I 66 -5.90 47.21 -17.57
N VAL I 67 -6.37 46.10 -18.16
CA VAL I 67 -7.79 45.89 -18.44
C VAL I 67 -8.16 44.47 -18.00
N ASP I 68 -9.37 44.33 -17.47
CA ASP I 68 -9.87 43.07 -16.92
C ASP I 68 -11.00 42.49 -17.79
N LEU I 69 -10.79 41.27 -18.32
CA LEU I 69 -11.80 40.56 -19.13
C LEU I 69 -12.36 39.36 -18.39
N VAL I 70 -13.68 39.22 -18.38
CA VAL I 70 -14.34 37.97 -18.01
C VAL I 70 -14.82 37.30 -19.30
N TYR I 71 -14.42 36.04 -19.49
CA TYR I 71 -14.74 35.26 -20.70
C TYR I 71 -14.68 33.76 -20.40
N TYR I 72 -15.12 32.95 -21.35
CA TYR I 72 -14.78 31.52 -21.35
C TYR I 72 -14.23 31.07 -22.69
N GLU I 73 -13.40 30.03 -22.63
CA GLU I 73 -12.51 29.64 -23.69
C GLU I 73 -12.74 28.17 -24.03
N GLN I 74 -13.35 27.90 -25.19
CA GLN I 74 -13.57 26.53 -25.63
C GLN I 74 -12.27 25.94 -26.18
N GLN I 75 -11.79 24.87 -25.55
CA GLN I 75 -10.59 24.14 -25.98
C GLN I 75 -10.99 22.74 -26.45
N ARG I 76 -10.46 22.31 -27.60
CA ARG I 76 -10.76 21.00 -28.15
C ARG I 76 -9.53 20.32 -28.73
N TRP I 77 -9.33 19.06 -28.35
CA TRP I 77 -8.25 18.23 -28.89
C TRP I 77 -8.69 16.76 -28.92
N LYS I 78 -7.85 15.91 -29.51
CA LYS I 78 -8.18 14.50 -29.71
C LYS I 78 -6.95 13.61 -29.45
N LEU I 79 -7.10 12.63 -28.57
CA LEU I 79 -6.03 11.67 -28.25
C LEU I 79 -6.48 10.25 -28.52
N ASN I 80 -5.64 9.45 -29.19
CA ASN I 80 -5.91 8.02 -29.38
C ASN I 80 -6.05 7.26 -28.04
N SER I 81 -5.26 7.67 -27.05
CA SER I 81 -5.24 6.99 -25.75
C SER I 81 -6.51 7.12 -24.91
N LEU I 82 -7.41 8.06 -25.26
CA LEU I 82 -8.73 8.17 -24.61
C LEU I 82 -9.87 7.52 -25.40
N MET I 83 -9.55 6.75 -26.44
CA MET I 83 -10.56 6.04 -27.24
C MET I 83 -11.12 4.83 -26.49
N TRP I 84 -12.37 4.47 -26.82
CA TRP I 84 -12.97 3.20 -26.37
C TRP I 84 -14.11 2.77 -27.31
N ASP I 85 -14.49 1.50 -27.19
CA ASP I 85 -15.60 0.89 -27.93
C ASP I 85 -16.88 0.96 -27.07
N PRO I 86 -17.90 1.75 -27.48
CA PRO I 86 -19.14 1.86 -26.69
C PRO I 86 -19.91 0.55 -26.41
N ASN I 87 -19.81 -0.42 -27.32
CA ASN I 87 -20.41 -1.75 -27.15
C ASN I 87 -19.89 -2.46 -25.89
N GLU I 88 -18.64 -2.21 -25.53
CA GLU I 88 -18.00 -2.84 -24.37
C GLU I 88 -18.39 -2.20 -23.02
N TYR I 89 -19.03 -1.02 -23.06
CA TYR I 89 -19.35 -0.26 -21.84
C TYR I 89 -20.79 0.27 -21.86
N GLY I 90 -21.73 -0.62 -22.15
CA GLY I 90 -23.17 -0.30 -22.08
C GLY I 90 -23.63 0.84 -22.97
N ASN I 91 -23.06 0.92 -24.17
CA ASN I 91 -23.40 1.94 -25.18
C ASN I 91 -23.14 3.39 -24.69
N ILE I 92 -22.08 3.59 -23.91
CA ILE I 92 -21.66 4.94 -23.49
C ILE I 92 -20.79 5.55 -24.59
N THR I 93 -21.24 6.70 -25.10
CA THR I 93 -20.54 7.44 -26.16
C THR I 93 -19.65 8.56 -25.62
N ASP I 94 -20.01 9.14 -24.48
CA ASP I 94 -19.21 10.19 -23.82
C ASP I 94 -19.42 10.24 -22.31
N PHE I 95 -18.53 10.95 -21.63
CA PHE I 95 -18.67 11.18 -20.18
C PHE I 95 -17.99 12.47 -19.71
N ARG I 96 -18.50 12.99 -18.60
CA ARG I 96 -17.90 14.12 -17.90
C ARG I 96 -16.89 13.60 -16.88
N THR I 97 -15.76 14.27 -16.76
CA THR I 97 -14.80 13.94 -15.71
C THR I 97 -13.93 15.15 -15.37
N SER I 98 -13.33 15.11 -14.19
CA SER I 98 -12.45 16.17 -13.71
C SER I 98 -11.25 16.36 -14.65
N ALA I 99 -10.86 17.61 -14.88
CA ALA I 99 -9.73 17.94 -15.74
C ALA I 99 -8.39 17.45 -15.19
N ALA I 100 -8.30 17.27 -13.87
CA ALA I 100 -7.11 16.70 -13.22
C ALA I 100 -6.86 15.22 -13.57
N ASP I 101 -7.91 14.50 -13.97
CA ASP I 101 -7.79 13.10 -14.42
C ASP I 101 -7.10 12.93 -15.78
N ILE I 102 -7.03 14.01 -16.57
CA ILE I 102 -6.55 13.94 -17.95
C ILE I 102 -5.51 15.02 -18.23
N TRP I 103 -4.83 14.86 -19.36
CA TRP I 103 -3.91 15.90 -19.84
C TRP I 103 -4.74 17.05 -20.42
N THR I 104 -4.35 18.27 -20.08
CA THR I 104 -4.93 19.48 -20.66
C THR I 104 -3.79 20.35 -21.18
N PRO I 105 -4.03 21.07 -22.30
CA PRO I 105 -2.96 21.93 -22.80
C PRO I 105 -2.68 23.11 -21.88
N ASP I 106 -1.44 23.59 -21.93
CA ASP I 106 -0.96 24.67 -21.06
C ASP I 106 -1.16 26.05 -21.71
N ILE I 107 -2.39 26.35 -22.09
CA ILE I 107 -2.71 27.57 -22.84
C ILE I 107 -2.63 28.77 -21.89
N THR I 108 -1.77 29.73 -22.22
CA THR I 108 -1.41 30.84 -21.33
C THR I 108 -1.48 32.17 -22.04
N ALA I 109 -1.91 33.21 -21.31
CA ALA I 109 -1.88 34.59 -21.82
C ALA I 109 -0.44 35.12 -21.76
N TYR I 110 0.02 35.71 -22.86
CA TYR I 110 1.43 36.17 -22.97
C TYR I 110 1.70 37.58 -22.45
N SER I 111 0.64 38.32 -22.10
CA SER I 111 0.79 39.66 -21.54
C SER I 111 -0.16 39.89 -20.37
N SER I 112 -0.32 38.86 -19.53
CA SER I 112 -1.10 38.99 -18.31
C SER I 112 -0.28 39.75 -17.27
N THR I 113 -0.96 40.48 -16.39
CA THR I 113 -0.31 41.19 -15.29
C THR I 113 -0.70 40.64 -13.91
N ARG I 114 -1.58 39.64 -13.88
CA ARG I 114 -1.97 38.95 -12.64
C ARG I 114 -2.20 37.48 -12.97
N PRO I 115 -2.17 36.59 -11.94
CA PRO I 115 -2.64 35.22 -12.16
C PRO I 115 -4.09 35.18 -12.63
N VAL I 116 -4.39 34.29 -13.55
CA VAL I 116 -5.74 34.15 -14.09
C VAL I 116 -6.64 33.57 -13.00
N GLN I 117 -7.77 34.21 -12.73
CA GLN I 117 -8.76 33.68 -11.80
C GLN I 117 -9.69 32.71 -12.52
N VAL I 118 -9.83 31.50 -12.00
CA VAL I 118 -10.76 30.50 -12.56
C VAL I 118 -12.17 30.77 -11.98
N LEU I 119 -13.16 30.83 -12.87
CA LEU I 119 -14.55 31.13 -12.48
C LEU I 119 -15.51 29.94 -12.60
N SER I 120 -15.06 28.83 -13.19
CA SER I 120 -15.90 27.66 -13.42
C SER I 120 -15.24 26.37 -12.94
N PRO I 121 -16.02 25.29 -12.75
CA PRO I 121 -15.46 23.98 -12.41
C PRO I 121 -14.58 23.42 -13.53
N GLN I 122 -13.42 22.89 -13.16
CA GLN I 122 -12.48 22.32 -14.11
C GLN I 122 -12.93 20.89 -14.44
N ILE I 123 -13.93 20.77 -15.32
CA ILE I 123 -14.50 19.49 -15.72
C ILE I 123 -14.60 19.47 -17.24
N ALA I 124 -14.01 18.46 -17.86
CA ALA I 124 -14.02 18.29 -19.32
C ALA I 124 -15.01 17.22 -19.74
N VAL I 125 -15.32 17.20 -21.02
CA VAL I 125 -16.20 16.19 -21.63
C VAL I 125 -15.38 15.37 -22.63
N VAL I 126 -15.29 14.06 -22.39
CA VAL I 126 -14.53 13.13 -23.24
C VAL I 126 -15.50 12.22 -24.01
N THR I 127 -15.17 11.96 -25.28
CA THR I 127 -16.05 11.22 -26.20
C THR I 127 -15.28 10.00 -26.73
N HIS I 128 -16.03 8.97 -27.10
CA HIS I 128 -15.48 7.64 -27.45
C HIS I 128 -14.42 7.59 -28.57
N ASP I 129 -14.39 8.60 -29.43
CA ASP I 129 -13.32 8.73 -30.44
C ASP I 129 -12.06 9.45 -29.94
N GLY I 130 -11.94 9.63 -28.62
CA GLY I 130 -10.77 10.29 -28.04
C GLY I 130 -10.84 11.81 -28.00
N SER I 131 -11.92 12.41 -28.51
CA SER I 131 -12.03 13.86 -28.55
C SER I 131 -12.43 14.38 -27.16
N VAL I 132 -11.80 15.49 -26.77
CA VAL I 132 -12.05 16.15 -25.50
C VAL I 132 -12.59 17.53 -25.78
N MET I 133 -13.46 18.03 -24.90
CA MET I 133 -13.85 19.43 -24.90
C MET I 133 -13.73 19.97 -23.47
N PHE I 134 -13.17 21.17 -23.35
CA PHE I 134 -12.90 21.79 -22.06
C PHE I 134 -13.08 23.32 -22.16
N ILE I 135 -13.93 23.86 -21.30
CA ILE I 135 -14.39 25.25 -21.40
C ILE I 135 -14.29 25.97 -20.05
N PRO I 136 -13.06 26.36 -19.64
CA PRO I 136 -12.89 27.13 -18.40
C PRO I 136 -13.32 28.59 -18.56
N ALA I 137 -14.04 29.10 -17.57
CA ALA I 137 -14.37 30.52 -17.48
C ALA I 137 -13.31 31.20 -16.64
N GLN I 138 -12.86 32.39 -17.08
CA GLN I 138 -11.68 33.05 -16.53
C GLN I 138 -11.84 34.57 -16.44
N ARG I 139 -11.14 35.19 -15.49
CA ARG I 139 -10.95 36.63 -15.47
C ARG I 139 -9.47 36.97 -15.65
N LEU I 140 -9.15 37.70 -16.72
CA LEU I 140 -7.77 38.03 -17.08
C LEU I 140 -7.51 39.53 -16.93
N SER I 141 -6.50 39.91 -16.16
CA SER I 141 -5.92 41.25 -16.19
C SER I 141 -4.74 41.22 -17.16
N PHE I 142 -4.73 42.12 -18.15
CA PHE I 142 -3.68 42.15 -19.17
C PHE I 142 -3.32 43.57 -19.65
N MET I 143 -2.19 43.65 -20.35
CA MET I 143 -1.58 44.92 -20.72
C MET I 143 -2.35 45.58 -21.86
N CYS I 144 -2.94 46.74 -21.57
CA CYS I 144 -3.80 47.45 -22.52
C CYS I 144 -3.85 48.93 -22.15
N ASP I 145 -3.52 49.79 -23.10
CA ASP I 145 -3.57 51.25 -22.90
C ASP I 145 -4.99 51.76 -23.21
N PRO I 146 -5.75 52.19 -22.17
CA PRO I 146 -7.12 52.66 -22.36
C PRO I 146 -7.27 54.16 -22.68
N THR I 147 -6.19 54.84 -23.06
CA THR I 147 -6.27 56.26 -23.44
C THR I 147 -7.19 56.39 -24.66
N GLY I 148 -8.21 57.24 -24.52
CA GLY I 148 -9.20 57.47 -25.56
C GLY I 148 -10.32 56.44 -25.59
N VAL I 149 -10.49 55.68 -24.51
CA VAL I 149 -11.59 54.72 -24.41
C VAL I 149 -12.94 55.43 -24.29
N ASP I 150 -12.93 56.64 -23.74
CA ASP I 150 -14.13 57.48 -23.64
C ASP I 150 -14.49 58.27 -24.91
N SER I 151 -13.81 57.97 -26.04
CA SER I 151 -14.10 58.62 -27.31
C SER I 151 -15.10 57.81 -28.12
N GLU I 152 -15.47 58.35 -29.28
CA GLU I 152 -16.34 57.67 -30.24
C GLU I 152 -15.65 56.42 -30.81
N GLU I 153 -14.41 56.59 -31.28
CA GLU I 153 -13.64 55.49 -31.89
C GLU I 153 -13.25 54.42 -30.89
N GLY I 154 -13.04 54.82 -29.63
CA GLY I 154 -12.57 53.91 -28.59
C GLY I 154 -11.11 53.49 -28.79
N VAL I 155 -10.76 52.37 -28.17
CA VAL I 155 -9.40 51.83 -28.20
C VAL I 155 -9.41 50.41 -28.75
N THR I 156 -8.25 49.99 -29.24
CA THR I 156 -8.02 48.62 -29.65
C THR I 156 -6.96 48.05 -28.74
N CYS I 157 -7.14 46.80 -28.33
CA CYS I 157 -6.18 46.09 -27.48
C CYS I 157 -6.06 44.63 -27.91
N ALA I 158 -4.98 43.97 -27.50
CA ALA I 158 -4.64 42.63 -27.97
C ALA I 158 -3.87 41.80 -26.95
N VAL I 159 -4.09 40.49 -26.99
CA VAL I 159 -3.40 39.54 -26.11
C VAL I 159 -3.31 38.18 -26.80
N LYS I 160 -2.12 37.59 -26.77
CA LYS I 160 -1.86 36.30 -27.42
C LYS I 160 -2.12 35.16 -26.43
N PHE I 161 -2.82 34.12 -26.89
CA PHE I 161 -3.07 32.90 -26.12
C PHE I 161 -2.38 31.73 -26.82
N GLY I 162 -1.45 31.08 -26.12
CA GLY I 162 -0.73 29.94 -26.66
C GLY I 162 -0.06 29.10 -25.60
N SER I 163 0.47 27.95 -26.01
CA SER I 163 1.22 27.09 -25.11
C SER I 163 2.47 27.83 -24.66
N TRP I 164 2.74 27.77 -23.36
CA TRP I 164 3.95 28.37 -22.81
C TRP I 164 5.22 27.58 -23.17
N VAL I 165 5.13 26.24 -23.15
CA VAL I 165 6.33 25.38 -23.29
C VAL I 165 6.48 24.62 -24.61
N TYR I 166 5.37 24.29 -25.26
CA TYR I 166 5.39 23.50 -26.50
C TYR I 166 5.44 24.37 -27.76
N SER I 167 6.39 24.07 -28.64
CA SER I 167 6.53 24.78 -29.91
C SER I 167 5.47 24.30 -30.91
N GLY I 168 5.53 24.85 -32.12
CA GLY I 168 4.65 24.45 -33.22
C GLY I 168 4.79 23.00 -33.67
N PHE I 169 5.97 22.42 -33.45
CA PHE I 169 6.23 21.01 -33.80
C PHE I 169 5.54 20.02 -32.86
N GLU I 170 5.16 20.47 -31.65
CA GLU I 170 4.41 19.63 -30.70
C GLU I 170 2.94 20.04 -30.59
N ILE I 171 2.69 21.34 -30.44
CA ILE I 171 1.32 21.89 -30.37
C ILE I 171 1.10 22.95 -31.45
N ASP I 172 0.17 22.66 -32.37
CA ASP I 172 -0.35 23.63 -33.32
C ASP I 172 -1.71 24.09 -32.80
N LEU I 173 -2.16 25.26 -33.25
CA LEU I 173 -3.45 25.82 -32.86
C LEU I 173 -4.29 26.19 -34.09
N LYS I 174 -5.60 26.25 -33.90
CA LYS I 174 -6.50 26.83 -34.92
C LYS I 174 -7.80 27.34 -34.30
N THR I 175 -8.57 28.05 -35.13
CA THR I 175 -9.93 28.48 -34.79
C THR I 175 -10.87 28.00 -35.88
N ASP I 176 -12.12 27.74 -35.51
CA ASP I 176 -13.17 27.47 -36.49
C ASP I 176 -13.51 28.75 -37.24
N THR I 177 -13.63 29.85 -36.50
CA THR I 177 -13.89 31.17 -37.08
C THR I 177 -12.96 32.21 -36.44
N ASP I 178 -12.59 33.23 -37.22
CA ASP I 178 -11.84 34.37 -36.69
C ASP I 178 -12.73 35.37 -35.93
N GLN I 179 -14.05 35.21 -36.04
CA GLN I 179 -15.01 36.07 -35.32
C GLN I 179 -15.27 35.52 -33.91
N VAL I 180 -15.03 36.36 -32.91
CA VAL I 180 -15.27 36.02 -31.51
C VAL I 180 -16.77 36.08 -31.23
N ASP I 181 -17.24 35.17 -30.38
CA ASP I 181 -18.63 35.13 -29.96
C ASP I 181 -18.91 36.30 -28.99
N LEU I 182 -19.75 37.23 -29.44
CA LEU I 182 -20.17 38.39 -28.64
C LEU I 182 -21.67 38.35 -28.29
N SER I 183 -22.34 37.24 -28.59
CA SER I 183 -23.78 37.11 -28.38
C SER I 183 -24.19 37.01 -26.91
N SER I 184 -23.22 36.68 -26.04
CA SER I 184 -23.46 36.61 -24.60
C SER I 184 -22.78 37.73 -23.81
N TYR I 185 -22.40 38.81 -24.50
CA TYR I 185 -21.77 39.95 -23.85
C TYR I 185 -22.78 40.70 -22.99
N TYR I 186 -22.34 41.14 -21.81
CA TYR I 186 -23.21 41.82 -20.86
C TYR I 186 -23.68 43.17 -21.43
N ALA I 187 -24.99 43.27 -21.67
CA ALA I 187 -25.60 44.45 -22.29
C ALA I 187 -25.41 45.74 -21.51
N SER I 188 -25.45 45.66 -20.17
CA SER I 188 -25.26 46.83 -19.29
C SER I 188 -23.82 46.93 -18.70
N SER I 189 -22.85 46.34 -19.39
CA SER I 189 -21.43 46.54 -19.08
C SER I 189 -21.07 48.02 -19.20
N LYS I 190 -20.03 48.42 -18.47
CA LYS I 190 -19.49 49.77 -18.58
C LYS I 190 -18.81 50.04 -19.94
N TYR I 191 -18.45 48.97 -20.67
CA TYR I 191 -17.76 49.09 -21.95
C TYR I 191 -18.44 48.26 -23.04
N GLU I 192 -18.83 48.92 -24.13
CA GLU I 192 -19.38 48.24 -25.30
C GLU I 192 -18.24 47.75 -26.20
N ILE I 193 -18.40 46.55 -26.76
CA ILE I 193 -17.45 46.02 -27.74
C ILE I 193 -17.93 46.43 -29.12
N LEU I 194 -17.03 47.00 -29.92
CA LEU I 194 -17.31 47.23 -31.34
C LEU I 194 -17.13 45.94 -32.10
N SER I 195 -15.94 45.36 -31.99
CA SER I 195 -15.60 44.12 -32.67
C SER I 195 -14.54 43.34 -31.89
N ALA I 196 -14.42 42.06 -32.20
CA ALA I 196 -13.45 41.18 -31.56
C ALA I 196 -13.06 40.05 -32.50
N THR I 197 -11.75 39.86 -32.69
CA THR I 197 -11.22 38.81 -33.56
C THR I 197 -10.28 37.88 -32.82
N GLN I 198 -10.14 36.66 -33.35
CA GLN I 198 -9.28 35.61 -32.79
C GLN I 198 -8.52 34.94 -33.93
N THR I 199 -7.26 35.32 -34.11
CA THR I 199 -6.49 34.94 -35.29
C THR I 199 -5.20 34.19 -34.91
N ARG I 200 -4.95 33.07 -35.59
CA ARG I 200 -3.73 32.27 -35.42
C ARG I 200 -2.50 33.05 -35.88
N GLN I 201 -1.40 32.93 -35.12
CA GLN I 201 -0.14 33.60 -35.44
C GLN I 201 1.07 32.69 -35.18
N VAL I 202 2.18 33.01 -35.85
CA VAL I 202 3.47 32.35 -35.64
C VAL I 202 4.43 33.38 -35.06
N GLN I 203 5.13 33.02 -33.98
CA GLN I 203 6.06 33.93 -33.29
C GLN I 203 7.34 33.20 -32.92
N HIS I 204 8.44 33.96 -32.86
CA HIS I 204 9.74 33.43 -32.42
C HIS I 204 10.22 34.16 -31.16
N TYR I 205 10.94 33.44 -30.31
CA TYR I 205 11.41 33.96 -29.01
C TYR I 205 12.90 33.68 -28.83
N SER I 206 13.54 34.46 -27.96
CA SER I 206 15.01 34.44 -27.79
C SER I 206 15.57 33.10 -27.33
N CYS I 207 14.85 32.43 -26.43
CA CYS I 207 15.25 31.12 -25.90
C CYS I 207 15.54 30.06 -26.97
N CYS I 208 14.68 30.03 -27.97
CA CYS I 208 14.40 28.81 -28.73
C CYS I 208 14.39 29.10 -30.23
N PRO I 209 15.00 28.21 -31.04
CA PRO I 209 14.97 28.41 -32.49
C PRO I 209 13.62 28.09 -33.16
N GLU I 210 12.77 27.29 -32.51
CA GLU I 210 11.53 26.79 -33.12
C GLU I 210 10.42 27.84 -33.12
N PRO I 211 9.49 27.77 -34.10
CA PRO I 211 8.33 28.65 -34.09
C PRO I 211 7.28 28.21 -33.05
N TYR I 212 6.71 29.18 -32.35
CA TYR I 212 5.66 28.94 -31.35
C TYR I 212 4.35 29.51 -31.89
N ILE I 213 3.24 28.85 -31.56
CA ILE I 213 1.93 29.22 -32.11
C ILE I 213 1.07 29.88 -31.04
N ASP I 214 0.29 30.88 -31.44
CA ASP I 214 -0.71 31.48 -30.58
C ASP I 214 -1.97 31.86 -31.36
N VAL I 215 -3.05 32.09 -30.63
CA VAL I 215 -4.25 32.73 -31.15
C VAL I 215 -4.29 34.12 -30.51
N ASN I 216 -4.34 35.16 -31.34
CA ASN I 216 -4.28 36.55 -30.89
C ASN I 216 -5.70 37.11 -30.78
N LEU I 217 -6.12 37.36 -29.55
CA LEU I 217 -7.40 37.99 -29.27
C LEU I 217 -7.23 39.51 -29.37
N VAL I 218 -7.88 40.12 -30.37
CA VAL I 218 -7.90 41.59 -30.55
C VAL I 218 -9.30 42.12 -30.29
N VAL I 219 -9.45 43.03 -29.31
CA VAL I 219 -10.74 43.58 -28.93
C VAL I 219 -10.76 45.10 -29.11
N LYS I 220 -11.81 45.60 -29.76
CA LYS I 220 -12.03 47.04 -29.96
C LYS I 220 -13.25 47.47 -29.16
N PHE I 221 -13.06 48.40 -28.21
CA PHE I 221 -14.13 48.78 -27.27
C PHE I 221 -14.08 50.25 -26.84
N ARG I 222 -15.14 50.68 -26.17
CA ARG I 222 -15.28 52.06 -25.66
C ARG I 222 -16.22 52.12 -24.46
N GLU I 223 -16.24 53.27 -23.79
CA GLU I 223 -17.22 53.51 -22.70
C GLU I 223 -18.63 53.61 -23.26
N ARG I 224 -19.60 53.09 -22.51
CA ARG I 224 -21.01 53.11 -22.90
C ARG I 224 -21.62 54.48 -22.61
N ARG I 225 -22.71 54.80 -23.32
CA ARG I 225 -23.50 56.04 -23.16
C ARG I 225 -22.69 57.30 -23.44
N GLY I 227 -27.40 55.62 -24.78
CA GLY I 227 -27.80 56.13 -26.10
C GLY I 227 -26.75 57.04 -26.71
N ASN I 228 -25.85 56.46 -27.50
CA ASN I 228 -24.79 57.21 -28.20
C ASN I 228 -24.33 56.45 -29.45
N GLY I 229 -24.37 57.11 -30.60
CA GLY I 229 -24.10 56.47 -31.90
C GLY I 229 -22.68 55.98 -32.08
N PHE I 230 -22.50 55.15 -33.11
CA PHE I 230 -21.20 54.55 -33.45
C PHE I 230 -20.45 55.27 -34.59
N PHE I 231 -20.76 56.56 -34.80
CA PHE I 231 -20.06 57.40 -35.78
C PHE I 231 -20.17 58.88 -35.42
N GLN J 20 -21.58 5.81 18.41
CA GLN J 20 -20.27 6.05 17.71
CA GLN J 20 -20.27 6.04 17.72
C GLN J 20 -19.80 4.84 16.90
N ALA J 21 -19.99 3.64 17.45
CA ALA J 21 -19.59 2.39 16.78
C ALA J 21 -20.42 2.09 15.53
N ASN J 22 -21.73 2.35 15.61
CA ASN J 22 -22.64 2.08 14.49
C ASN J 22 -22.42 3.04 13.31
N LEU J 23 -22.17 4.31 13.59
CA LEU J 23 -21.92 5.29 12.52
C LEU J 23 -20.60 5.02 11.79
N MET J 24 -19.58 4.60 12.54
CA MET J 24 -18.28 4.22 11.96
C MET J 24 -18.43 3.09 10.94
N ARG J 25 -19.18 2.05 11.31
CA ARG J 25 -19.51 0.94 10.39
C ARG J 25 -20.19 1.45 9.12
N LEU J 26 -21.23 2.26 9.32
CA LEU J 26 -22.03 2.80 8.22
C LEU J 26 -21.22 3.60 7.20
N LYS J 27 -20.33 4.46 7.69
CA LYS J 27 -19.45 5.25 6.81
C LYS J 27 -18.41 4.36 6.11
N SER J 28 -17.90 3.37 6.82
CA SER J 28 -16.95 2.40 6.24
C SER J 28 -17.59 1.60 5.11
N ASP J 29 -18.79 1.09 5.36
CA ASP J 29 -19.55 0.33 4.34
C ASP J 29 -19.95 1.19 3.14
N LEU J 30 -20.32 2.45 3.36
CA LEU J 30 -20.64 3.37 2.27
C LEU J 30 -19.41 3.82 1.45
N PHE J 31 -18.35 4.24 2.13
CA PHE J 31 -17.23 4.97 1.49
C PHE J 31 -15.97 4.14 1.21
N ASN J 32 -15.48 3.40 2.22
CA ASN J 32 -14.22 2.65 2.08
C ASN J 32 -14.35 1.49 1.10
N ARG J 33 -15.47 0.78 1.17
CA ARG J 33 -15.72 -0.42 0.37
C ARG J 33 -15.94 -0.09 -1.11
N SER J 34 -16.87 0.82 -1.38
CA SER J 34 -17.29 1.15 -2.75
C SER J 34 -16.29 2.07 -3.45
N PRO J 35 -16.17 1.95 -4.80
CA PRO J 35 -15.49 2.98 -5.59
C PRO J 35 -16.43 4.16 -5.83
N MET J 36 -15.88 5.35 -6.08
CA MET J 36 -16.66 6.59 -6.05
C MET J 36 -17.67 6.76 -7.19
N TYR J 37 -18.72 7.54 -6.92
CA TYR J 37 -19.79 7.82 -7.87
C TYR J 37 -19.25 8.68 -9.02
N PRO J 38 -19.34 8.19 -10.27
CA PRO J 38 -18.75 8.92 -11.40
C PRO J 38 -19.55 10.15 -11.88
N GLY J 39 -20.77 10.34 -11.37
CA GLY J 39 -21.61 11.47 -11.74
C GLY J 39 -22.76 10.99 -12.58
N PRO J 40 -23.76 11.85 -12.83
CA PRO J 40 -24.94 11.44 -13.61
C PRO J 40 -24.65 11.22 -15.10
N THR J 41 -25.53 10.45 -15.74
CA THR J 41 -25.44 10.17 -17.17
C THR J 41 -26.85 10.21 -17.76
N LYS J 42 -26.93 10.06 -19.08
CA LYS J 42 -28.22 9.97 -19.78
C LYS J 42 -29.02 8.73 -19.35
N ASP J 43 -28.31 7.65 -19.00
CA ASP J 43 -28.93 6.41 -18.50
C ASP J 43 -29.39 6.52 -17.02
N ASP J 44 -28.60 7.22 -16.20
CA ASP J 44 -28.89 7.40 -14.77
C ASP J 44 -28.85 8.89 -14.41
N PRO J 45 -29.88 9.65 -14.82
CA PRO J 45 -29.89 11.10 -14.60
C PRO J 45 -30.23 11.47 -13.16
N LEU J 46 -30.08 12.75 -12.85
CA LEU J 46 -30.20 13.25 -11.48
C LEU J 46 -30.94 14.58 -11.46
N THR J 47 -31.82 14.76 -10.46
CA THR J 47 -32.58 16.00 -10.27
C THR J 47 -32.07 16.68 -9.00
N VAL J 48 -31.57 17.91 -9.15
CA VAL J 48 -31.05 18.71 -8.05
C VAL J 48 -32.05 19.82 -7.75
N THR J 49 -32.49 19.91 -6.49
CA THR J 49 -33.34 21.03 -6.06
C THR J 49 -32.42 22.13 -5.51
N LEU J 50 -32.71 23.39 -5.89
CA LEU J 50 -31.95 24.56 -5.44
C LEU J 50 -32.86 25.59 -4.78
N GLY J 51 -32.33 26.28 -3.76
CA GLY J 51 -33.05 27.37 -3.11
C GLY J 51 -32.07 28.31 -2.44
N PHE J 52 -32.33 29.62 -2.52
CA PHE J 52 -31.44 30.64 -1.97
C PHE J 52 -32.07 31.33 -0.77
N THR J 53 -31.23 31.73 0.18
CA THR J 53 -31.62 32.68 1.23
C THR J 53 -30.61 33.82 1.21
N LEU J 54 -31.06 34.98 0.75
CA LEU J 54 -30.20 36.16 0.63
C LEU J 54 -30.01 36.77 2.02
N GLN J 55 -28.76 36.86 2.45
CA GLN J 55 -28.41 37.48 3.73
C GLN J 55 -28.18 38.98 3.57
N ASP J 56 -27.40 39.37 2.56
CA ASP J 56 -27.02 40.77 2.38
C ASP J 56 -26.57 41.10 0.96
N ILE J 57 -26.88 42.32 0.54
CA ILE J 57 -26.22 42.98 -0.58
C ILE J 57 -25.21 43.91 0.10
N VAL J 58 -23.94 43.56 0.01
CA VAL J 58 -22.89 44.18 0.83
C VAL J 58 -22.33 45.41 0.14
N LYS J 59 -21.95 45.25 -1.13
CA LYS J 59 -21.24 46.28 -1.89
C LYS J 59 -21.84 46.46 -3.28
N VAL J 60 -21.70 47.68 -3.78
CA VAL J 60 -22.20 48.08 -5.09
C VAL J 60 -21.11 48.94 -5.73
N ASP J 61 -20.61 48.52 -6.91
CA ASP J 61 -19.56 49.26 -7.62
C ASP J 61 -20.09 49.78 -8.97
N SER J 62 -20.29 51.08 -9.05
CA SER J 62 -20.82 51.74 -10.26
C SER J 62 -19.74 52.03 -11.30
N SER J 63 -18.47 52.01 -10.89
CA SER J 63 -17.35 52.20 -11.82
C SER J 63 -17.03 50.94 -12.65
N THR J 64 -17.43 49.76 -12.15
CA THR J 64 -17.24 48.48 -12.84
C THR J 64 -18.54 47.72 -13.17
N ASN J 65 -19.68 48.20 -12.67
CA ASN J 65 -20.93 47.45 -12.69
C ASN J 65 -20.76 46.03 -12.16
N GLU J 66 -20.33 45.97 -10.91
CA GLU J 66 -20.24 44.75 -10.12
C GLU J 66 -21.01 44.97 -8.81
N VAL J 67 -21.74 43.95 -8.38
CA VAL J 67 -22.48 43.97 -7.12
C VAL J 67 -22.16 42.68 -6.36
N ASP J 68 -22.09 42.78 -5.03
CA ASP J 68 -21.69 41.69 -4.16
C ASP J 68 -22.87 41.18 -3.32
N LEU J 69 -23.15 39.88 -3.40
CA LEU J 69 -24.20 39.23 -2.61
C LEU J 69 -23.59 38.25 -1.63
N VAL J 70 -24.14 38.20 -0.42
CA VAL J 70 -23.86 37.14 0.54
C VAL J 70 -25.17 36.37 0.76
N TYR J 71 -25.11 35.06 0.51
CA TYR J 71 -26.27 34.17 0.59
C TYR J 71 -25.80 32.77 0.94
N TYR J 72 -26.74 31.89 1.30
CA TYR J 72 -26.47 30.44 1.28
C TYR J 72 -27.47 29.72 0.39
N GLU J 73 -27.01 28.59 -0.15
CA GLU J 73 -27.65 27.90 -1.25
C GLU J 73 -28.00 26.47 -0.87
N GLN J 74 -29.28 26.19 -0.62
CA GLN J 74 -29.74 24.85 -0.28
C GLN J 74 -29.77 23.96 -1.51
N GLN J 75 -28.96 22.89 -1.49
CA GLN J 75 -28.90 21.92 -2.58
C GLN J 75 -29.42 20.56 -2.10
N ARG J 76 -30.24 19.90 -2.92
CA ARG J 76 -30.95 18.67 -2.55
C ARG J 76 -30.87 17.67 -3.71
N TRP J 77 -30.33 16.48 -3.46
CA TRP J 77 -30.34 15.41 -4.46
C TRP J 77 -30.31 14.03 -3.80
N LYS J 78 -30.46 12.99 -4.61
CA LYS J 78 -30.69 11.63 -4.13
C LYS J 78 -29.95 10.61 -5.02
N LEU J 79 -29.12 9.78 -4.38
CA LEU J 79 -28.42 8.69 -5.05
C LEU J 79 -28.77 7.34 -4.43
N ASN J 80 -28.94 6.32 -5.27
CA ASN J 80 -29.17 4.95 -4.78
C ASN J 80 -27.97 4.41 -3.99
N SER J 81 -26.76 4.84 -4.36
CA SER J 81 -25.52 4.41 -3.70
C SER J 81 -25.38 4.88 -2.25
N LEU J 82 -26.13 5.90 -1.83
CA LEU J 82 -26.12 6.39 -0.44
C LEU J 82 -27.29 5.86 0.41
N MET J 83 -27.98 4.81 -0.05
CA MET J 83 -29.08 4.20 0.71
C MET J 83 -28.54 3.20 1.75
N TRP J 84 -29.24 3.12 2.89
CA TRP J 84 -29.02 2.05 3.86
C TRP J 84 -30.30 1.77 4.65
N ASP J 85 -30.37 0.57 5.25
CA ASP J 85 -31.46 0.17 6.14
C ASP J 85 -31.07 0.57 7.57
N PRO J 86 -31.84 1.47 8.21
CA PRO J 86 -31.61 1.86 9.62
C PRO J 86 -31.51 0.70 10.62
N ASN J 87 -32.32 -0.36 10.43
CA ASN J 87 -32.25 -1.56 11.27
C ASN J 87 -30.86 -2.20 11.29
N GLU J 88 -30.17 -2.15 10.15
CA GLU J 88 -28.84 -2.75 9.99
C GLU J 88 -27.70 -1.91 10.58
N TYR J 89 -27.99 -0.68 11.02
CA TYR J 89 -27.00 0.20 11.66
C TYR J 89 -27.57 0.93 12.89
N GLY J 90 -28.30 0.19 13.72
CA GLY J 90 -28.77 0.69 15.02
C GLY J 90 -29.71 1.88 14.96
N ASN J 91 -30.67 1.82 14.04
CA ASN J 91 -31.68 2.87 13.83
C ASN J 91 -31.14 4.25 13.38
N ILE J 92 -29.93 4.30 12.80
CA ILE J 92 -29.38 5.56 12.29
C ILE J 92 -30.12 5.95 11.00
N THR J 93 -30.83 7.07 11.04
CA THR J 93 -31.59 7.58 9.89
C THR J 93 -30.79 8.59 9.04
N ASP J 94 -29.80 9.24 9.63
CA ASP J 94 -29.02 10.27 8.93
C ASP J 94 -27.70 10.58 9.64
N PHE J 95 -26.75 11.12 8.88
CA PHE J 95 -25.44 11.51 9.43
C PHE J 95 -24.81 12.71 8.71
N ARG J 96 -23.96 13.42 9.44
CA ARG J 96 -23.16 14.52 8.89
C ARG J 96 -21.82 13.99 8.41
N THR J 97 -21.41 14.36 7.20
CA THR J 97 -20.09 14.01 6.66
C THR J 97 -19.53 15.11 5.77
N SER J 98 -18.21 15.17 5.67
CA SER J 98 -17.52 16.13 4.82
C SER J 98 -17.96 15.96 3.36
N ALA J 99 -18.11 17.09 2.66
CA ALA J 99 -18.56 17.09 1.27
C ALA J 99 -17.53 16.51 0.30
N ALA J 100 -16.27 16.42 0.73
CA ALA J 100 -15.22 15.78 -0.07
C ALA J 100 -15.33 14.25 -0.11
N ASP J 101 -16.08 13.65 0.81
CA ASP J 101 -16.38 12.21 0.78
C ASP J 101 -17.35 11.85 -0.34
N ILE J 102 -18.36 12.70 -0.57
CA ILE J 102 -19.43 12.43 -1.54
C ILE J 102 -19.28 13.24 -2.83
N TRP J 103 -19.98 12.83 -3.88
CA TRP J 103 -20.10 13.65 -5.09
C TRP J 103 -21.03 14.82 -4.78
N THR J 104 -20.68 15.99 -5.31
CA THR J 104 -21.48 17.21 -5.18
C THR J 104 -21.73 17.79 -6.58
N PRO J 105 -22.90 18.42 -6.80
CA PRO J 105 -23.17 19.02 -8.11
C PRO J 105 -22.33 20.28 -8.34
N ASP J 106 -22.01 20.54 -9.61
CA ASP J 106 -21.12 21.63 -10.00
C ASP J 106 -21.89 22.93 -10.29
N ILE J 107 -22.70 23.36 -9.31
CA ILE J 107 -23.64 24.47 -9.52
C ILE J 107 -22.87 25.79 -9.51
N THR J 108 -22.88 26.46 -10.66
CA THR J 108 -22.02 27.61 -10.93
C THR J 108 -22.84 28.83 -11.33
N ALA J 109 -22.47 30.01 -10.82
CA ALA J 109 -23.04 31.27 -11.30
C ALA J 109 -22.49 31.59 -12.70
N TYR J 110 -23.39 31.92 -13.63
CA TYR J 110 -23.01 32.11 -15.04
C TYR J 110 -22.47 33.51 -15.38
N SER J 111 -22.72 34.50 -14.52
CA SER J 111 -22.24 35.86 -14.75
C SER J 111 -21.41 36.40 -13.58
N SER J 112 -20.57 35.54 -13.00
CA SER J 112 -19.68 35.95 -11.92
C SER J 112 -18.49 36.73 -12.47
N THR J 113 -17.98 37.68 -11.66
CA THR J 113 -16.80 38.47 -12.01
C THR J 113 -15.55 38.16 -11.15
N ARG J 114 -15.74 37.45 -10.03
CA ARG J 114 -14.64 36.94 -9.21
C ARG J 114 -14.90 35.48 -8.86
N PRO J 115 -13.86 34.74 -8.45
CA PRO J 115 -14.12 33.44 -7.86
C PRO J 115 -14.99 33.56 -6.62
N VAL J 116 -15.82 32.56 -6.42
CA VAL J 116 -16.74 32.52 -5.29
C VAL J 116 -15.92 32.32 -4.01
N GLN J 117 -16.29 33.05 -2.96
CA GLN J 117 -15.65 32.94 -1.67
C GLN J 117 -16.53 32.13 -0.74
N VAL J 118 -15.98 31.04 -0.23
CA VAL J 118 -16.70 30.14 0.66
C VAL J 118 -16.70 30.72 2.07
N LEU J 119 -17.88 30.79 2.69
CA LEU J 119 -18.04 31.33 4.05
C LEU J 119 -18.39 30.29 5.12
N SER J 120 -18.89 29.12 4.71
CA SER J 120 -19.25 28.04 5.64
C SER J 120 -18.32 26.84 5.50
N PRO J 121 -18.40 25.88 6.44
CA PRO J 121 -17.77 24.58 6.24
C PRO J 121 -18.44 23.79 5.11
N GLN J 122 -17.69 22.87 4.52
CA GLN J 122 -18.17 22.06 3.40
C GLN J 122 -18.61 20.70 3.93
N ILE J 123 -19.77 20.69 4.60
CA ILE J 123 -20.31 19.48 5.24
C ILE J 123 -21.77 19.31 4.85
N ALA J 124 -22.15 18.08 4.51
CA ALA J 124 -23.51 17.75 4.07
C ALA J 124 -24.22 16.84 5.08
N VAL J 125 -25.54 16.72 4.91
CA VAL J 125 -26.36 15.77 5.66
C VAL J 125 -26.90 14.72 4.70
N VAL J 126 -26.49 13.47 4.89
CA VAL J 126 -27.01 12.32 4.15
C VAL J 126 -28.09 11.64 5.00
N THR J 127 -29.15 11.15 4.34
CA THR J 127 -30.29 10.48 4.99
C THR J 127 -30.43 9.06 4.41
N HIS J 128 -31.04 8.15 5.17
CA HIS J 128 -31.11 6.70 4.83
C HIS J 128 -31.75 6.36 3.47
N ASP J 129 -32.65 7.20 3.00
CA ASP J 129 -33.24 7.06 1.66
C ASP J 129 -32.29 7.42 0.49
N GLY J 130 -31.09 7.92 0.80
CA GLY J 130 -30.13 8.32 -0.23
C GLY J 130 -30.10 9.80 -0.49
N SER J 131 -31.02 10.56 0.13
CA SER J 131 -31.11 12.00 -0.10
C SER J 131 -30.02 12.76 0.66
N VAL J 132 -29.43 13.75 0.00
CA VAL J 132 -28.37 14.58 0.55
C VAL J 132 -28.90 16.01 0.67
N MET J 133 -28.54 16.70 1.76
CA MET J 133 -28.77 18.14 1.91
C MET J 133 -27.41 18.81 2.15
N PHE J 134 -27.08 19.79 1.31
CA PHE J 134 -25.79 20.48 1.35
C PHE J 134 -26.01 21.97 1.13
N ILE J 135 -25.52 22.79 2.06
CA ILE J 135 -25.87 24.21 2.11
C ILE J 135 -24.63 25.11 2.27
N PRO J 136 -23.87 25.31 1.18
CA PRO J 136 -22.73 26.23 1.23
C PRO J 136 -23.13 27.70 1.27
N ALA J 137 -22.48 28.47 2.14
CA ALA J 137 -22.58 29.93 2.17
C ALA J 137 -21.51 30.50 1.25
N GLN J 138 -21.89 31.48 0.44
CA GLN J 138 -21.02 32.04 -0.60
C GLN J 138 -21.08 33.56 -0.59
N ARG J 139 -19.98 34.20 -1.00
CA ARG J 139 -20.00 35.60 -1.42
C ARG J 139 -19.70 35.65 -2.92
N LEU J 140 -20.61 36.25 -3.67
CA LEU J 140 -20.53 36.32 -5.13
C LEU J 140 -20.46 37.77 -5.62
N SER J 141 -19.45 38.08 -6.44
CA SER J 141 -19.42 39.29 -7.24
C SER J 141 -19.91 38.93 -8.63
N PHE J 142 -20.89 39.66 -9.13
CA PHE J 142 -21.51 39.34 -10.43
C PHE J 142 -21.88 40.62 -11.19
N MET J 143 -22.20 40.44 -12.47
CA MET J 143 -22.45 41.55 -13.39
C MET J 143 -23.81 42.19 -13.11
N CYS J 144 -23.79 43.48 -12.81
CA CYS J 144 -25.00 44.21 -12.39
C CYS J 144 -24.78 45.72 -12.47
N ASP J 145 -25.63 46.42 -13.22
CA ASP J 145 -25.58 47.88 -13.31
C ASP J 145 -26.39 48.48 -12.16
N PRO J 146 -25.71 49.06 -11.15
CA PRO J 146 -26.44 49.57 -9.98
C PRO J 146 -27.02 50.97 -10.15
N THR J 147 -26.75 51.63 -11.27
CA THR J 147 -27.23 53.00 -11.52
C THR J 147 -28.74 53.08 -11.39
N GLY J 148 -29.20 53.97 -10.52
CA GLY J 148 -30.62 54.11 -10.18
C GLY J 148 -31.02 53.50 -8.85
N VAL J 149 -30.10 52.78 -8.20
CA VAL J 149 -30.37 52.17 -6.89
C VAL J 149 -30.84 53.19 -5.84
N ASP J 150 -30.33 54.42 -5.91
CA ASP J 150 -30.75 55.50 -4.99
C ASP J 150 -32.16 56.10 -5.22
N SER J 151 -32.94 55.55 -6.14
CA SER J 151 -34.31 55.99 -6.40
C SER J 151 -35.34 55.19 -5.60
N GLU J 152 -36.61 55.56 -5.74
CA GLU J 152 -37.72 54.82 -5.14
C GLU J 152 -38.01 53.51 -5.90
N GLU J 153 -37.88 53.53 -7.23
CA GLU J 153 -38.07 52.33 -8.05
C GLU J 153 -36.94 51.30 -7.91
N GLY J 154 -35.72 51.79 -7.64
CA GLY J 154 -34.57 50.92 -7.46
C GLY J 154 -34.11 50.30 -8.77
N VAL J 155 -33.26 49.29 -8.66
CA VAL J 155 -32.73 48.56 -9.82
C VAL J 155 -32.99 47.07 -9.68
N THR J 156 -33.09 46.39 -10.81
CA THR J 156 -33.22 44.95 -10.87
C THR J 156 -31.94 44.39 -11.45
N CYS J 157 -31.43 43.32 -10.83
CA CYS J 157 -30.29 42.58 -11.36
C CYS J 157 -30.51 41.08 -11.22
N ALA J 158 -29.88 40.33 -12.13
CA ALA J 158 -30.15 38.90 -12.28
C ALA J 158 -28.88 38.09 -12.52
N VAL J 159 -28.88 36.85 -12.06
CA VAL J 159 -27.79 35.90 -12.33
C VAL J 159 -28.30 34.45 -12.38
N LYS J 160 -27.85 33.72 -13.41
CA LYS J 160 -28.23 32.33 -13.62
C LYS J 160 -27.31 31.41 -12.82
N PHE J 161 -27.89 30.40 -12.18
CA PHE J 161 -27.14 29.36 -11.49
C PHE J 161 -27.47 28.02 -12.13
N GLY J 162 -26.46 27.32 -12.63
CA GLY J 162 -26.66 25.99 -13.20
C GLY J 162 -25.38 25.17 -13.24
N SER J 163 -25.53 23.90 -13.59
CA SER J 163 -24.38 23.04 -13.83
C SER J 163 -23.58 23.61 -14.99
N TRP J 164 -22.26 23.66 -14.83
CA TRP J 164 -21.40 24.20 -15.88
C TRP J 164 -21.27 23.20 -17.05
N VAL J 165 -21.23 21.90 -16.76
CA VAL J 165 -20.91 20.87 -17.76
C VAL J 165 -21.99 19.85 -18.07
N TYR J 166 -22.96 19.66 -17.18
CA TYR J 166 -24.03 18.68 -17.39
C TYR J 166 -25.26 19.34 -18.00
N SER J 167 -25.75 18.77 -19.09
CA SER J 167 -26.98 19.21 -19.74
C SER J 167 -28.21 18.71 -18.97
N GLY J 168 -29.39 19.12 -19.46
CA GLY J 168 -30.66 18.65 -18.93
C GLY J 168 -30.93 17.15 -19.03
N PHE J 169 -30.22 16.46 -19.92
CA PHE J 169 -30.27 15.00 -20.01
C PHE J 169 -29.52 14.27 -18.89
N GLU J 170 -28.63 14.97 -18.17
CA GLU J 170 -27.90 14.40 -17.03
C GLU J 170 -28.32 15.02 -15.69
N ILE J 171 -28.25 16.36 -15.62
CA ILE J 171 -28.70 17.10 -14.43
C ILE J 171 -29.87 18.01 -14.82
N ASP J 172 -31.02 17.75 -14.22
CA ASP J 172 -32.15 18.69 -14.23
C ASP J 172 -32.16 19.44 -12.89
N LEU J 173 -32.73 20.65 -12.90
CA LEU J 173 -32.89 21.45 -11.69
C LEU J 173 -34.36 21.73 -11.43
N LYS J 174 -34.69 22.02 -10.16
CA LYS J 174 -36.01 22.54 -9.81
C LYS J 174 -35.94 23.33 -8.50
N THR J 175 -37.05 23.94 -8.14
CA THR J 175 -37.16 24.72 -6.89
C THR J 175 -38.40 24.28 -6.13
N ASP J 176 -38.29 24.21 -4.80
CA ASP J 176 -39.46 23.98 -3.92
C ASP J 176 -40.39 25.19 -3.92
N THR J 177 -39.82 26.38 -4.13
CA THR J 177 -40.56 27.64 -4.16
C THR J 177 -39.94 28.60 -5.15
N ASP J 178 -40.77 29.46 -5.74
CA ASP J 178 -40.29 30.53 -6.63
C ASP J 178 -39.86 31.80 -5.87
N GLN J 179 -40.12 31.85 -4.56
CA GLN J 179 -39.71 32.97 -3.71
C GLN J 179 -38.38 32.67 -3.02
N VAL J 180 -37.48 33.64 -3.07
CA VAL J 180 -36.20 33.60 -2.35
C VAL J 180 -36.49 33.86 -0.87
N ASP J 181 -35.80 33.13 0.01
CA ASP J 181 -36.00 33.25 1.45
C ASP J 181 -35.31 34.51 1.97
N LEU J 182 -36.12 35.47 2.43
CA LEU J 182 -35.65 36.74 2.99
C LEU J 182 -35.73 36.82 4.53
N SER J 183 -35.94 35.69 5.20
CA SER J 183 -36.14 35.68 6.66
C SER J 183 -34.85 35.95 7.45
N SER J 184 -33.68 35.72 6.83
CA SER J 184 -32.38 36.03 7.43
C SER J 184 -31.69 37.26 6.82
N TYR J 185 -32.42 38.09 6.06
CA TYR J 185 -31.82 39.25 5.41
C TYR J 185 -31.45 40.31 6.45
N TYR J 186 -30.24 40.85 6.32
CA TYR J 186 -29.68 41.81 7.29
C TYR J 186 -30.51 43.10 7.32
N ALA J 187 -31.23 43.29 8.42
CA ALA J 187 -32.20 44.39 8.57
C ALA J 187 -31.59 45.78 8.50
N SER J 188 -30.32 45.92 8.88
CA SER J 188 -29.60 47.20 8.82
C SER J 188 -28.63 47.27 7.62
N SER J 189 -28.96 46.55 6.54
CA SER J 189 -28.23 46.66 5.28
C SER J 189 -28.43 48.04 4.67
N LYS J 190 -27.51 48.43 3.80
CA LYS J 190 -27.62 49.69 3.07
C LYS J 190 -28.72 49.61 2.01
N TYR J 191 -29.02 48.38 1.56
CA TYR J 191 -30.04 48.13 0.55
C TYR J 191 -31.17 47.26 1.08
N GLU J 192 -32.40 47.58 0.67
CA GLU J 192 -33.58 46.76 1.00
C GLU J 192 -34.11 46.09 -0.25
N ILE J 193 -34.69 44.91 -0.06
CA ILE J 193 -35.14 44.06 -1.15
C ILE J 193 -36.62 44.34 -1.41
N LEU J 194 -36.94 44.73 -2.64
CA LEU J 194 -38.32 44.93 -3.07
C LEU J 194 -38.93 43.63 -3.57
N SER J 195 -38.14 42.82 -4.25
CA SER J 195 -38.52 41.45 -4.61
C SER J 195 -37.29 40.59 -4.87
N ALA J 196 -37.49 39.28 -4.83
CA ALA J 196 -36.40 38.32 -4.99
C ALA J 196 -36.99 36.97 -5.38
N THR J 197 -36.74 36.56 -6.62
CA THR J 197 -37.31 35.34 -7.19
C THR J 197 -36.25 34.39 -7.71
N GLN J 198 -36.61 33.12 -7.75
CA GLN J 198 -35.75 32.03 -8.20
C GLN J 198 -36.57 31.15 -9.14
N THR J 199 -36.17 31.12 -10.42
CA THR J 199 -37.00 30.58 -11.48
C THR J 199 -36.20 29.67 -12.42
N ARG J 200 -36.73 28.49 -12.70
CA ARG J 200 -36.10 27.52 -13.60
C ARG J 200 -36.17 28.02 -15.05
N GLN J 201 -35.09 27.83 -15.79
CA GLN J 201 -35.01 28.21 -17.22
C GLN J 201 -34.30 27.13 -18.03
N VAL J 202 -34.62 27.06 -19.33
CA VAL J 202 -33.96 26.17 -20.28
C VAL J 202 -33.29 27.03 -21.35
N GLN J 203 -32.08 26.65 -21.72
CA GLN J 203 -31.27 27.43 -22.65
C GLN J 203 -30.40 26.51 -23.50
N HIS J 204 -29.97 27.01 -24.66
CA HIS J 204 -29.00 26.34 -25.52
C HIS J 204 -27.76 27.21 -25.63
N TYR J 205 -26.62 26.56 -25.82
CA TYR J 205 -25.33 27.22 -26.00
C TYR J 205 -24.66 26.71 -27.27
N SER J 206 -23.79 27.53 -27.85
CA SER J 206 -23.14 27.21 -29.13
C SER J 206 -22.21 25.99 -29.08
N CYS J 207 -21.68 25.69 -27.89
CA CYS J 207 -20.80 24.52 -27.71
C CYS J 207 -21.45 23.18 -28.02
N CYS J 208 -22.76 23.09 -27.74
CA CYS J 208 -23.39 21.84 -27.34
C CYS J 208 -24.80 21.70 -27.92
N PRO J 209 -25.15 20.52 -28.46
CA PRO J 209 -26.46 20.34 -29.10
C PRO J 209 -27.66 20.24 -28.15
N GLU J 210 -27.41 19.92 -26.88
CA GLU J 210 -28.48 19.55 -25.95
C GLU J 210 -28.82 20.72 -25.02
N PRO J 211 -30.06 20.76 -24.48
CA PRO J 211 -30.48 21.89 -23.65
C PRO J 211 -29.94 21.81 -22.23
N TYR J 212 -29.50 22.97 -21.71
CA TYR J 212 -28.97 23.08 -20.36
C TYR J 212 -29.98 23.80 -19.47
N ILE J 213 -29.96 23.47 -18.18
CA ILE J 213 -30.92 24.00 -17.21
C ILE J 213 -30.22 24.94 -16.25
N ASP J 214 -30.91 25.99 -15.85
CA ASP J 214 -30.41 26.92 -14.85
C ASP J 214 -31.57 27.47 -14.02
N VAL J 215 -31.22 27.97 -12.83
CA VAL J 215 -32.16 28.72 -11.99
C VAL J 215 -31.73 30.18 -12.03
N ASN J 216 -32.68 31.05 -12.36
CA ASN J 216 -32.43 32.49 -12.50
C ASN J 216 -32.80 33.18 -11.21
N LEU J 217 -31.81 33.78 -10.56
CA LEU J 217 -32.00 34.61 -9.38
C LEU J 217 -32.17 36.04 -9.88
N VAL J 218 -33.33 36.64 -9.58
CA VAL J 218 -33.65 38.02 -9.98
C VAL J 218 -33.99 38.80 -8.71
N VAL J 219 -33.19 39.83 -8.43
CA VAL J 219 -33.36 40.62 -7.20
C VAL J 219 -33.58 42.09 -7.57
N LYS J 220 -34.59 42.69 -6.96
CA LYS J 220 -34.90 44.09 -7.14
C LYS J 220 -34.68 44.80 -5.81
N PHE J 221 -33.86 45.85 -5.81
CA PHE J 221 -33.43 46.51 -4.57
C PHE J 221 -33.19 48.01 -4.70
N ARG J 222 -33.14 48.68 -3.57
CA ARG J 222 -32.86 50.12 -3.49
C ARG J 222 -32.15 50.47 -2.19
N GLU J 223 -31.49 51.62 -2.15
CA GLU J 223 -30.90 52.16 -0.91
C GLU J 223 -32.00 52.32 0.14
N ARG J 224 -31.67 51.98 1.39
CA ARG J 224 -32.69 51.83 2.43
C ARG J 224 -33.42 53.15 2.68
N ARG J 225 -34.75 53.09 2.59
CA ARG J 225 -35.64 54.22 2.82
C ARG J 225 -36.44 53.92 4.08
#